data_2JYS
#
_entry.id   2JYS
#
_entity_poly.entity_id   1
_entity_poly.type   'polypeptide(L)'
_entity_poly.pdbx_seq_one_letter_code
;MDPLQLLQPLEAEIKGTKLKAHWDSGATITCVPEAFLEDERPIQTMLIKTIHGEKQQDVYYLTFKVQGRKVEAEVLASPY
DYILLNPSDVPWLMKKPLQLTHHHHHH
;
_entity_poly.pdbx_strand_id   A
#
# COMPACT_ATOMS: atom_id res chain seq x y z
N GLN A 8 -3.65 0.38 17.17
CA GLN A 8 -3.22 -1.04 17.01
C GLN A 8 -2.85 -1.28 15.53
N PRO A 9 -1.54 -1.23 15.22
CA PRO A 9 -1.05 -1.44 13.86
C PRO A 9 -1.21 -2.91 13.42
N LEU A 10 -1.44 -3.14 12.15
CA LEU A 10 -1.60 -4.54 11.67
C LEU A 10 -0.23 -5.11 11.29
N GLU A 11 -0.15 -6.38 11.08
CA GLU A 11 1.15 -7.00 10.70
C GLU A 11 1.15 -7.33 9.21
N ALA A 12 2.24 -7.10 8.54
CA ALA A 12 2.31 -7.40 7.08
C ALA A 12 3.74 -7.73 6.69
N GLU A 13 3.92 -8.53 5.66
CA GLU A 13 5.30 -8.89 5.23
C GLU A 13 5.49 -8.50 3.76
N ILE A 14 6.45 -7.65 3.49
CA ILE A 14 6.68 -7.23 2.07
C ILE A 14 8.02 -7.79 1.60
N LYS A 15 8.03 -8.45 0.47
CA LYS A 15 9.31 -9.02 -0.05
C LYS A 15 9.99 -9.83 1.05
N GLY A 16 9.23 -10.40 1.95
CA GLY A 16 9.85 -11.20 3.05
C GLY A 16 10.15 -10.28 4.23
N THR A 17 10.08 -8.99 4.03
CA THR A 17 10.36 -8.05 5.15
C THR A 17 9.12 -7.94 6.04
N LYS A 18 9.29 -8.08 7.33
CA LYS A 18 8.13 -7.98 8.26
C LYS A 18 8.05 -6.57 8.84
N LEU A 19 6.92 -5.92 8.68
CA LEU A 19 6.79 -4.54 9.24
C LEU A 19 5.34 -4.33 9.69
N LYS A 20 5.08 -3.24 10.38
CA LYS A 20 3.69 -2.98 10.84
C LYS A 20 2.92 -2.24 9.75
N ALA A 21 1.62 -2.36 9.73
CA ALA A 21 0.81 -1.66 8.70
C ALA A 21 -0.42 -1.04 9.35
N HIS A 22 -1.13 -0.20 8.63
CA HIS A 22 -2.35 0.43 9.22
C HIS A 22 -3.52 0.30 8.25
N TRP A 23 -4.65 -0.15 8.73
CA TRP A 23 -5.82 -0.29 7.83
C TRP A 23 -6.57 1.04 7.75
N ASP A 24 -6.81 1.52 6.57
CA ASP A 24 -7.54 2.82 6.42
C ASP A 24 -8.56 2.72 5.29
N SER A 25 -9.82 2.59 5.63
CA SER A 25 -10.86 2.48 4.58
C SER A 25 -10.84 3.73 3.70
N GLY A 26 -10.45 4.84 4.26
CA GLY A 26 -10.40 6.10 3.45
C GLY A 26 -9.44 5.92 2.27
N ALA A 27 -8.47 5.06 2.41
CA ALA A 27 -7.50 4.84 1.30
C ALA A 27 -8.08 3.83 0.32
N THR A 28 -8.05 4.14 -0.95
CA THR A 28 -8.59 3.18 -1.97
C THR A 28 -7.45 2.36 -2.55
N ILE A 29 -6.23 2.74 -2.29
CA ILE A 29 -5.08 1.97 -2.83
C ILE A 29 -4.04 1.75 -1.73
N THR A 30 -3.38 0.62 -1.74
CA THR A 30 -2.35 0.35 -0.69
C THR A 30 -1.23 1.38 -0.80
N CYS A 31 -0.72 1.84 0.31
CA CYS A 31 0.39 2.84 0.26
C CYS A 31 1.61 2.29 1.00
N VAL A 32 2.75 2.31 0.37
CA VAL A 32 3.98 1.78 1.04
C VAL A 32 5.08 2.84 0.96
N PRO A 33 6.12 2.68 1.80
CA PRO A 33 7.25 3.61 1.82
C PRO A 33 8.23 3.37 0.67
N GLU A 34 8.72 4.42 0.08
CA GLU A 34 9.69 4.25 -1.05
C GLU A 34 10.76 3.24 -0.66
N ALA A 35 10.99 3.06 0.62
CA ALA A 35 12.02 2.09 1.06
C ALA A 35 11.78 0.74 0.37
N PHE A 36 10.56 0.48 -0.03
CA PHE A 36 10.27 -0.81 -0.71
C PHE A 36 10.28 -0.62 -2.23
N LEU A 37 10.36 0.61 -2.68
CA LEU A 37 10.36 0.85 -4.15
C LEU A 37 11.69 1.50 -4.55
N GLU A 38 12.59 1.68 -3.62
CA GLU A 38 13.90 2.30 -3.96
C GLU A 38 14.54 1.53 -5.13
N ASP A 39 14.48 0.23 -5.07
CA ASP A 39 15.08 -0.58 -6.17
C ASP A 39 13.97 -1.27 -6.97
N GLU A 40 12.79 -0.69 -6.96
CA GLU A 40 11.66 -1.32 -7.71
C GLU A 40 11.34 -0.46 -8.93
N ARG A 41 10.23 -0.75 -9.57
CA ARG A 41 9.84 0.05 -10.77
C ARG A 41 8.32 0.09 -10.88
N PRO A 42 7.75 1.29 -11.03
CA PRO A 42 6.29 1.47 -11.14
C PRO A 42 5.75 0.94 -12.48
N ILE A 43 4.80 0.05 -12.43
CA ILE A 43 4.23 -0.49 -13.69
C ILE A 43 3.36 0.58 -14.35
N GLN A 44 2.67 1.36 -13.56
CA GLN A 44 1.80 2.43 -14.15
C GLN A 44 1.93 3.69 -13.31
N THR A 45 1.49 4.81 -13.82
CA THR A 45 1.59 6.09 -13.05
C THR A 45 0.22 6.78 -13.03
N MET A 46 0.03 7.70 -12.13
CA MET A 46 -1.28 8.40 -12.05
C MET A 46 -1.05 9.91 -12.05
N LEU A 47 -1.93 10.66 -12.66
CA LEU A 47 -1.75 12.14 -12.69
C LEU A 47 -2.65 12.78 -11.64
N ILE A 48 -2.10 13.63 -10.81
CA ILE A 48 -2.93 14.30 -9.77
C ILE A 48 -2.78 15.82 -9.88
N LYS A 49 -3.86 16.53 -9.85
CA LYS A 49 -3.78 18.01 -9.95
C LYS A 49 -3.90 18.64 -8.55
N THR A 50 -3.01 19.53 -8.21
CA THR A 50 -3.08 20.17 -6.87
C THR A 50 -3.12 21.69 -7.03
N ILE A 51 -3.51 22.40 -6.00
CA ILE A 51 -3.57 23.88 -6.10
C ILE A 51 -2.17 24.43 -6.37
N HIS A 52 -1.16 23.86 -5.76
CA HIS A 52 0.21 24.36 -5.99
C HIS A 52 0.65 24.01 -7.42
N GLY A 53 0.21 22.89 -7.93
CA GLY A 53 0.61 22.50 -9.31
C GLY A 53 0.11 21.08 -9.59
N GLU A 54 0.50 20.52 -10.71
CA GLU A 54 0.05 19.14 -11.04
C GLU A 54 1.13 18.14 -10.63
N LYS A 55 0.76 17.11 -9.89
CA LYS A 55 1.77 16.11 -9.46
C LYS A 55 1.36 14.72 -9.96
N GLN A 56 2.31 13.89 -10.28
CA GLN A 56 1.98 12.53 -10.77
C GLN A 56 2.43 11.49 -9.74
N GLN A 57 1.60 10.52 -9.47
CA GLN A 57 1.98 9.48 -8.47
C GLN A 57 2.30 8.17 -9.21
N ASP A 58 3.44 7.59 -8.93
CA ASP A 58 3.80 6.31 -9.62
C ASP A 58 3.10 5.14 -8.92
N VAL A 59 2.83 4.08 -9.64
CA VAL A 59 2.16 2.91 -9.03
C VAL A 59 3.11 1.72 -9.05
N TYR A 60 3.24 1.03 -7.95
CA TYR A 60 4.16 -0.15 -7.91
C TYR A 60 3.39 -1.40 -7.51
N TYR A 61 3.57 -2.47 -8.25
CA TYR A 61 2.86 -3.74 -7.91
C TYR A 61 3.80 -4.61 -7.08
N LEU A 62 3.53 -4.76 -5.80
CA LEU A 62 4.43 -5.59 -4.95
C LEU A 62 3.66 -6.75 -4.34
N THR A 63 4.37 -7.68 -3.75
CA THR A 63 3.71 -8.86 -3.13
C THR A 63 4.03 -8.87 -1.62
N PHE A 64 3.03 -8.91 -0.79
CA PHE A 64 3.29 -8.92 0.68
C PHE A 64 2.24 -9.80 1.38
N LYS A 65 2.58 -10.32 2.54
CA LYS A 65 1.60 -11.18 3.27
C LYS A 65 0.74 -10.30 4.17
N VAL A 66 -0.55 -10.45 4.10
CA VAL A 66 -1.46 -9.62 4.95
C VAL A 66 -1.98 -10.48 6.12
N GLN A 67 -1.37 -10.36 7.26
CA GLN A 67 -1.83 -11.17 8.42
C GLN A 67 -1.61 -12.65 8.14
N GLY A 68 -0.50 -12.99 7.55
CA GLY A 68 -0.23 -14.42 7.23
C GLY A 68 -1.01 -14.82 5.98
N ARG A 69 -1.20 -13.91 5.07
CA ARG A 69 -1.96 -14.24 3.83
C ARG A 69 -1.25 -13.62 2.62
N LYS A 70 -0.63 -14.42 1.80
CA LYS A 70 0.07 -13.87 0.61
C LYS A 70 -0.91 -13.08 -0.25
N VAL A 71 -0.64 -11.83 -0.51
CA VAL A 71 -1.55 -11.02 -1.34
C VAL A 71 -0.74 -9.98 -2.13
N GLU A 72 -1.01 -9.84 -3.40
CA GLU A 72 -0.25 -8.85 -4.21
C GLU A 72 -1.16 -7.69 -4.60
N ALA A 73 -0.65 -6.50 -4.57
CA ALA A 73 -1.49 -5.32 -4.94
C ALA A 73 -0.59 -4.14 -5.31
N GLU A 74 -1.13 -3.16 -5.97
CA GLU A 74 -0.30 -1.97 -6.36
C GLU A 74 -0.19 -1.04 -5.16
N VAL A 75 0.99 -0.52 -4.91
CA VAL A 75 1.16 0.40 -3.76
C VAL A 75 1.87 1.68 -4.21
N LEU A 76 1.62 2.78 -3.57
CA LEU A 76 2.28 4.05 -3.96
C LEU A 76 3.44 4.33 -3.00
N ALA A 77 4.46 4.99 -3.47
CA ALA A 77 5.63 5.28 -2.58
C ALA A 77 5.30 6.50 -1.71
N SER A 78 5.61 6.42 -0.44
CA SER A 78 5.33 7.57 0.48
C SER A 78 6.46 7.70 1.49
N PRO A 79 6.71 8.94 1.95
CA PRO A 79 7.77 9.22 2.93
C PRO A 79 7.43 8.67 4.32
N TYR A 80 6.31 8.02 4.46
CA TYR A 80 5.91 7.47 5.79
C TYR A 80 6.90 6.37 6.20
N ASP A 81 6.81 5.90 7.41
CA ASP A 81 7.74 4.84 7.88
C ASP A 81 6.98 3.53 8.07
N TYR A 82 5.83 3.40 7.46
CA TYR A 82 5.04 2.14 7.63
C TYR A 82 4.30 1.84 6.32
N ILE A 83 3.28 1.03 6.38
CA ILE A 83 2.53 0.69 5.14
C ILE A 83 1.05 1.01 5.34
N LEU A 84 0.34 1.27 4.26
CA LEU A 84 -1.10 1.58 4.38
C LEU A 84 -1.91 0.55 3.59
N LEU A 85 -2.86 -0.08 4.21
CA LEU A 85 -3.67 -1.10 3.49
C LEU A 85 -5.05 -0.53 3.17
N ASN A 86 -5.58 -0.84 2.02
CA ASN A 86 -6.93 -0.33 1.66
C ASN A 86 -7.97 -1.43 1.86
N PRO A 87 -9.26 -1.04 1.93
CA PRO A 87 -10.36 -1.99 2.13
C PRO A 87 -10.62 -2.82 0.86
N SER A 88 -10.19 -2.33 -0.27
CA SER A 88 -10.41 -3.09 -1.54
C SER A 88 -9.38 -4.22 -1.63
N ASP A 89 -8.20 -4.01 -1.15
CA ASP A 89 -7.16 -5.07 -1.20
C ASP A 89 -7.40 -6.08 -0.08
N VAL A 90 -7.74 -5.61 1.08
CA VAL A 90 -8.00 -6.56 2.20
C VAL A 90 -9.49 -6.60 2.53
N PRO A 91 -10.28 -7.19 1.62
CA PRO A 91 -11.74 -7.31 1.80
C PRO A 91 -12.10 -8.30 2.91
N TRP A 92 -11.22 -9.21 3.22
CA TRP A 92 -11.51 -10.21 4.28
C TRP A 92 -11.35 -9.55 5.66
N LEU A 93 -10.47 -8.60 5.78
CA LEU A 93 -10.26 -7.92 7.08
C LEU A 93 -11.60 -7.38 7.58
N MET A 94 -12.39 -6.83 6.71
CA MET A 94 -13.71 -6.28 7.14
C MET A 94 -14.55 -7.39 7.75
N LYS A 95 -14.46 -8.58 7.20
CA LYS A 95 -15.26 -9.71 7.74
C LYS A 95 -14.49 -10.38 8.88
N LYS A 96 -15.19 -10.85 9.88
CA LYS A 96 -14.50 -11.51 11.02
C LYS A 96 -13.90 -12.84 10.56
N PRO A 97 -12.73 -13.20 11.12
CA PRO A 97 -12.04 -14.44 10.76
C PRO A 97 -12.78 -15.68 11.30
N LEU A 98 -12.76 -16.76 10.57
CA LEU A 98 -13.46 -17.99 11.03
C LEU A 98 -12.43 -19.07 11.38
N GLN A 8 -2.96 0.82 17.19
CA GLN A 8 -2.97 -0.65 16.93
C GLN A 8 -2.73 -0.91 15.44
N PRO A 9 -1.48 -0.75 14.99
CA PRO A 9 -1.11 -0.97 13.59
C PRO A 9 -1.16 -2.46 13.22
N LEU A 10 -1.56 -2.75 12.00
CA LEU A 10 -1.64 -4.19 11.59
C LEU A 10 -0.23 -4.67 11.20
N GLU A 11 -0.07 -5.95 11.04
CA GLU A 11 1.27 -6.49 10.66
C GLU A 11 1.29 -6.82 9.16
N ALA A 12 2.41 -6.63 8.52
CA ALA A 12 2.50 -6.93 7.07
C ALA A 12 3.92 -7.36 6.72
N GLU A 13 4.08 -8.14 5.69
CA GLU A 13 5.45 -8.60 5.31
C GLU A 13 5.70 -8.28 3.83
N ILE A 14 6.69 -7.49 3.54
CA ILE A 14 6.98 -7.14 2.12
C ILE A 14 8.36 -7.69 1.74
N LYS A 15 8.44 -8.40 0.65
CA LYS A 15 9.75 -8.95 0.22
C LYS A 15 10.30 -9.86 1.31
N GLY A 16 9.45 -10.39 2.14
CA GLY A 16 9.93 -11.28 3.24
C GLY A 16 10.30 -10.44 4.46
N THR A 17 10.17 -9.15 4.37
CA THR A 17 10.51 -8.28 5.54
C THR A 17 9.23 -7.91 6.29
N LYS A 18 9.21 -8.12 7.58
CA LYS A 18 8.00 -7.78 8.38
C LYS A 18 8.02 -6.30 8.74
N LEU A 19 6.90 -5.64 8.66
CA LEU A 19 6.86 -4.19 9.01
C LEU A 19 5.48 -3.83 9.55
N LYS A 20 5.34 -2.67 10.14
CA LYS A 20 4.03 -2.27 10.69
C LYS A 20 3.16 -1.67 9.58
N ALA A 21 1.86 -1.73 9.72
CA ALA A 21 0.97 -1.15 8.67
C ALA A 21 -0.29 -0.60 9.32
N HIS A 22 -1.07 0.15 8.60
CA HIS A 22 -2.32 0.72 9.19
C HIS A 22 -3.49 0.49 8.22
N TRP A 23 -4.59 0.00 8.72
CA TRP A 23 -5.77 -0.24 7.84
C TRP A 23 -6.57 1.06 7.70
N ASP A 24 -6.85 1.46 6.50
CA ASP A 24 -7.64 2.72 6.30
C ASP A 24 -8.66 2.50 5.19
N SER A 25 -9.91 2.36 5.54
CA SER A 25 -10.96 2.16 4.50
C SER A 25 -11.00 3.36 3.57
N GLY A 26 -10.60 4.51 4.05
CA GLY A 26 -10.61 5.73 3.18
C GLY A 26 -9.61 5.55 2.03
N ALA A 27 -8.58 4.77 2.25
CA ALA A 27 -7.57 4.55 1.18
C ALA A 27 -8.05 3.41 0.28
N THR A 28 -8.19 3.68 -0.99
CA THR A 28 -8.65 2.61 -1.93
C THR A 28 -7.43 1.89 -2.51
N ILE A 29 -6.27 2.44 -2.35
CA ILE A 29 -5.05 1.79 -2.90
C ILE A 29 -4.01 1.63 -1.80
N THR A 30 -3.29 0.54 -1.79
CA THR A 30 -2.25 0.33 -0.74
C THR A 30 -1.18 1.41 -0.87
N CYS A 31 -0.71 1.91 0.24
CA CYS A 31 0.35 2.96 0.20
C CYS A 31 1.59 2.46 0.96
N VAL A 32 2.71 2.43 0.31
CA VAL A 32 3.95 1.94 1.00
C VAL A 32 5.02 3.03 0.96
N PRO A 33 6.03 2.92 1.82
CA PRO A 33 7.14 3.88 1.89
C PRO A 33 8.16 3.66 0.78
N GLU A 34 8.55 4.70 0.10
CA GLU A 34 9.55 4.55 -0.99
C GLU A 34 10.70 3.67 -0.52
N ALA A 35 10.93 3.61 0.76
CA ALA A 35 12.04 2.77 1.29
C ALA A 35 11.89 1.34 0.77
N PHE A 36 10.68 0.89 0.58
CA PHE A 36 10.47 -0.51 0.07
C PHE A 36 10.34 -0.48 -1.45
N LEU A 37 10.34 0.68 -2.04
CA LEU A 37 10.21 0.75 -3.52
C LEU A 37 11.51 1.27 -4.14
N GLU A 38 12.52 1.46 -3.34
CA GLU A 38 13.81 1.96 -3.88
C GLU A 38 14.26 1.08 -5.05
N ASP A 39 13.81 -0.15 -5.07
CA ASP A 39 14.21 -1.05 -6.19
C ASP A 39 12.94 -1.61 -6.84
N GLU A 40 11.87 -0.86 -6.78
CA GLU A 40 10.60 -1.34 -7.40
C GLU A 40 10.38 -0.63 -8.74
N ARG A 41 9.67 -1.26 -9.64
CA ARG A 41 9.42 -0.62 -10.97
C ARG A 41 7.92 -0.40 -11.14
N PRO A 42 7.52 0.84 -11.47
CA PRO A 42 6.11 1.18 -11.66
C PRO A 42 5.54 0.58 -12.96
N ILE A 43 4.58 -0.29 -12.84
CA ILE A 43 3.99 -0.90 -14.06
C ILE A 43 3.23 0.16 -14.85
N GLN A 44 2.59 1.07 -14.16
CA GLN A 44 1.82 2.14 -14.86
C GLN A 44 2.08 3.48 -14.17
N THR A 45 1.82 4.57 -14.84
CA THR A 45 2.06 5.90 -14.21
C THR A 45 0.77 6.73 -14.28
N MET A 46 0.58 7.63 -13.35
CA MET A 46 -0.64 8.47 -13.37
C MET A 46 -0.28 9.89 -12.90
N LEU A 47 -0.94 10.88 -13.43
CA LEU A 47 -0.64 12.28 -13.02
C LEU A 47 -1.70 12.77 -12.04
N ILE A 48 -1.30 13.22 -10.87
CA ILE A 48 -2.28 13.71 -9.89
C ILE A 48 -2.03 15.19 -9.60
N LYS A 49 -3.06 15.99 -9.57
CA LYS A 49 -2.87 17.44 -9.30
C LYS A 49 -3.36 17.77 -7.89
N THR A 50 -2.64 18.61 -7.19
CA THR A 50 -3.07 18.97 -5.80
C THR A 50 -3.10 20.48 -5.65
N ILE A 51 -3.77 20.98 -4.65
CA ILE A 51 -3.84 22.46 -4.45
C ILE A 51 -2.43 23.04 -4.45
N HIS A 52 -1.49 22.36 -3.84
CA HIS A 52 -0.10 22.87 -3.80
C HIS A 52 0.46 22.96 -5.22
N GLY A 53 0.14 22.00 -6.05
CA GLY A 53 0.66 22.04 -7.44
C GLY A 53 0.36 20.70 -8.12
N GLU A 54 0.82 20.52 -9.33
CA GLU A 54 0.57 19.23 -10.04
C GLU A 54 1.71 18.26 -9.76
N LYS A 55 1.40 17.03 -9.47
CA LYS A 55 2.47 16.03 -9.18
C LYS A 55 2.16 14.73 -9.94
N GLN A 56 3.16 14.11 -10.49
CA GLN A 56 2.93 12.84 -11.24
C GLN A 56 3.23 11.65 -10.34
N GLN A 57 2.26 10.81 -10.11
CA GLN A 57 2.50 9.61 -9.24
C GLN A 57 2.54 8.36 -10.11
N ASP A 58 3.33 7.40 -9.73
CA ASP A 58 3.42 6.14 -10.52
C ASP A 58 2.81 4.99 -9.74
N VAL A 59 2.29 4.00 -10.42
CA VAL A 59 1.68 2.85 -9.70
C VAL A 59 2.71 1.72 -9.59
N TYR A 60 2.69 0.99 -8.52
CA TYR A 60 3.67 -0.12 -8.36
C TYR A 60 2.96 -1.40 -7.92
N TYR A 61 3.16 -2.47 -8.62
CA TYR A 61 2.50 -3.76 -8.23
C TYR A 61 3.47 -4.56 -7.36
N LEU A 62 3.17 -4.72 -6.10
CA LEU A 62 4.09 -5.49 -5.21
C LEU A 62 3.36 -6.68 -4.60
N THR A 63 4.09 -7.59 -4.01
CA THR A 63 3.46 -8.78 -3.38
C THR A 63 3.88 -8.86 -1.91
N PHE A 64 2.95 -8.69 -1.00
CA PHE A 64 3.32 -8.75 0.44
C PHE A 64 2.31 -9.61 1.20
N LYS A 65 2.69 -10.10 2.35
CA LYS A 65 1.75 -10.95 3.14
C LYS A 65 0.95 -10.07 4.10
N VAL A 66 -0.36 -10.13 4.01
CA VAL A 66 -1.18 -9.28 4.91
C VAL A 66 -1.72 -10.12 6.07
N GLN A 67 -1.18 -9.94 7.25
CA GLN A 67 -1.65 -10.73 8.42
C GLN A 67 -1.38 -12.21 8.17
N GLY A 68 -0.29 -12.53 7.53
CA GLY A 68 0.03 -13.95 7.26
C GLY A 68 -0.75 -14.42 6.03
N ARG A 69 -1.09 -13.53 5.16
CA ARG A 69 -1.86 -13.93 3.94
C ARG A 69 -1.18 -13.31 2.71
N LYS A 70 -0.67 -14.12 1.83
CA LYS A 70 0.00 -13.57 0.61
C LYS A 70 -1.01 -12.78 -0.20
N VAL A 71 -0.75 -11.52 -0.42
CA VAL A 71 -1.70 -10.68 -1.22
C VAL A 71 -0.91 -9.73 -2.12
N GLU A 72 -1.28 -9.64 -3.36
CA GLU A 72 -0.54 -8.72 -4.29
C GLU A 72 -1.47 -7.58 -4.72
N ALA A 73 -0.97 -6.38 -4.74
CA ALA A 73 -1.82 -5.23 -5.15
C ALA A 73 -0.92 -4.06 -5.55
N GLU A 74 -1.48 -3.07 -6.20
CA GLU A 74 -0.67 -1.89 -6.62
C GLU A 74 -0.51 -0.94 -5.42
N VAL A 75 0.68 -0.48 -5.19
CA VAL A 75 0.91 0.45 -4.03
C VAL A 75 1.62 1.71 -4.52
N LEU A 76 1.57 2.76 -3.75
CA LEU A 76 2.24 4.02 -4.17
C LEU A 76 3.36 4.35 -3.19
N ALA A 77 4.39 5.02 -3.63
CA ALA A 77 5.51 5.38 -2.72
C ALA A 77 5.11 6.59 -1.88
N SER A 78 5.37 6.55 -0.60
CA SER A 78 5.01 7.70 0.27
C SER A 78 6.12 7.92 1.30
N PRO A 79 6.30 9.18 1.74
CA PRO A 79 7.33 9.53 2.72
C PRO A 79 7.00 8.99 4.11
N TYR A 80 5.89 8.31 4.25
CA TYR A 80 5.51 7.76 5.58
C TYR A 80 6.53 6.70 6.00
N ASP A 81 6.49 6.28 7.23
CA ASP A 81 7.45 5.24 7.70
C ASP A 81 6.71 3.93 7.96
N TYR A 82 5.57 3.75 7.36
CA TYR A 82 4.80 2.49 7.58
C TYR A 82 4.11 2.10 6.27
N ILE A 83 3.10 1.26 6.36
CA ILE A 83 2.38 0.84 5.12
C ILE A 83 0.89 1.08 5.28
N LEU A 84 0.23 1.48 4.22
CA LEU A 84 -1.23 1.73 4.30
C LEU A 84 -1.97 0.62 3.57
N LEU A 85 -2.86 -0.06 4.24
CA LEU A 85 -3.61 -1.16 3.57
C LEU A 85 -5.01 -0.68 3.21
N ASN A 86 -5.48 -1.01 2.04
CA ASN A 86 -6.84 -0.57 1.62
C ASN A 86 -7.84 -1.72 1.82
N PRO A 87 -9.14 -1.39 1.90
CA PRO A 87 -10.20 -2.37 2.08
C PRO A 87 -10.41 -3.24 0.83
N SER A 88 -10.11 -2.70 -0.31
CA SER A 88 -10.29 -3.49 -1.57
C SER A 88 -9.25 -4.61 -1.60
N ASP A 89 -8.04 -4.35 -1.16
CA ASP A 89 -7.00 -5.40 -1.16
C ASP A 89 -7.29 -6.39 -0.03
N VAL A 90 -7.70 -5.89 1.10
CA VAL A 90 -8.01 -6.81 2.25
C VAL A 90 -9.52 -6.80 2.51
N PRO A 91 -10.28 -7.55 1.72
CA PRO A 91 -11.74 -7.63 1.85
C PRO A 91 -12.16 -8.37 3.13
N TRP A 92 -11.38 -9.32 3.57
CA TRP A 92 -11.73 -10.07 4.81
C TRP A 92 -11.74 -9.10 6.00
N LEU A 93 -11.05 -7.99 5.88
CA LEU A 93 -11.02 -7.02 7.01
C LEU A 93 -10.49 -7.70 8.27
N MET A 94 -9.25 -8.13 8.23
CA MET A 94 -8.67 -8.80 9.43
C MET A 94 -9.38 -10.14 9.67
N LYS A 95 -8.85 -10.95 10.55
CA LYS A 95 -9.49 -12.27 10.82
C LYS A 95 -10.74 -12.06 11.68
N LYS A 96 -11.81 -12.74 11.35
CA LYS A 96 -13.06 -12.58 12.13
C LYS A 96 -14.22 -13.27 11.41
N PRO A 97 -14.47 -12.89 10.14
CA PRO A 97 -15.54 -13.48 9.33
C PRO A 97 -15.24 -14.94 8.97
N LEU A 98 -16.25 -15.77 8.94
CA LEU A 98 -16.02 -17.21 8.59
C LEU A 98 -15.52 -17.30 7.15
N GLN A 8 -4.22 1.46 16.09
CA GLN A 8 -4.31 -0.02 15.94
C GLN A 8 -3.88 -0.42 14.53
N PRO A 9 -2.57 -0.31 14.24
CA PRO A 9 -2.02 -0.67 12.92
C PRO A 9 -2.07 -2.17 12.67
N LEU A 10 -1.97 -2.58 11.43
CA LEU A 10 -2.00 -4.04 11.12
C LEU A 10 -0.58 -4.55 10.92
N GLU A 11 -0.42 -5.83 10.65
CA GLU A 11 0.94 -6.38 10.44
C GLU A 11 1.12 -6.73 8.97
N ALA A 12 2.27 -6.46 8.40
CA ALA A 12 2.49 -6.79 6.97
C ALA A 12 3.97 -7.12 6.74
N GLU A 13 4.24 -7.98 5.79
CA GLU A 13 5.66 -8.35 5.51
C GLU A 13 5.98 -8.05 4.04
N ILE A 14 6.89 -7.15 3.79
CA ILE A 14 7.23 -6.81 2.38
C ILE A 14 8.63 -7.35 2.05
N LYS A 15 8.77 -8.06 0.97
CA LYS A 15 10.11 -8.61 0.61
C LYS A 15 10.67 -9.42 1.78
N GLY A 16 9.82 -9.93 2.62
CA GLY A 16 10.31 -10.73 3.77
C GLY A 16 10.58 -9.82 4.97
N THR A 17 10.40 -8.53 4.80
CA THR A 17 10.65 -7.58 5.92
C THR A 17 9.36 -7.40 6.72
N LYS A 18 9.35 -7.78 7.97
CA LYS A 18 8.13 -7.61 8.80
C LYS A 18 8.04 -6.18 9.32
N LEU A 19 6.95 -5.51 9.07
CA LEU A 19 6.80 -4.10 9.55
C LEU A 19 5.35 -3.85 9.93
N LYS A 20 5.10 -2.81 10.69
CA LYS A 20 3.70 -2.51 11.09
C LYS A 20 2.99 -1.77 9.94
N ALA A 21 1.70 -1.96 9.82
CA ALA A 21 0.97 -1.27 8.72
C ALA A 21 -0.27 -0.58 9.30
N HIS A 22 -0.96 0.19 8.50
CA HIS A 22 -2.18 0.89 9.01
C HIS A 22 -3.36 0.59 8.09
N TRP A 23 -4.46 0.16 8.65
CA TRP A 23 -5.65 -0.15 7.82
C TRP A 23 -6.55 1.08 7.72
N ASP A 24 -6.91 1.48 6.53
CA ASP A 24 -7.79 2.67 6.37
C ASP A 24 -8.85 2.39 5.31
N SER A 25 -10.06 2.14 5.72
CA SER A 25 -11.14 1.85 4.73
C SER A 25 -11.25 3.02 3.75
N GLY A 26 -10.89 4.20 4.17
CA GLY A 26 -10.98 5.37 3.25
C GLY A 26 -9.96 5.22 2.12
N ALA A 27 -8.87 4.56 2.39
CA ALA A 27 -7.84 4.38 1.33
C ALA A 27 -8.42 3.55 0.19
N THR A 28 -8.07 3.87 -1.03
CA THR A 28 -8.61 3.10 -2.19
C THR A 28 -7.49 2.26 -2.80
N ILE A 29 -6.29 2.41 -2.32
CA ILE A 29 -5.15 1.60 -2.87
C ILE A 29 -4.09 1.41 -1.80
N THR A 30 -3.45 0.28 -1.78
CA THR A 30 -2.40 0.02 -0.76
C THR A 30 -1.37 1.15 -0.77
N CYS A 31 -0.76 1.43 0.35
CA CYS A 31 0.26 2.52 0.39
C CYS A 31 1.58 1.93 0.89
N VAL A 32 2.65 2.19 0.19
CA VAL A 32 3.97 1.64 0.63
C VAL A 32 5.02 2.74 0.53
N PRO A 33 6.01 2.73 1.45
CA PRO A 33 7.07 3.72 1.47
C PRO A 33 8.14 3.43 0.40
N GLU A 34 8.54 4.42 -0.33
CA GLU A 34 9.56 4.20 -1.39
C GLU A 34 10.67 3.29 -0.86
N ALA A 35 10.89 3.30 0.43
CA ALA A 35 11.96 2.43 1.00
C ALA A 35 11.83 1.01 0.44
N PHE A 36 10.63 0.53 0.27
CA PHE A 36 10.44 -0.85 -0.27
C PHE A 36 10.30 -0.79 -1.79
N LEU A 37 10.23 0.38 -2.34
CA LEU A 37 10.08 0.50 -3.82
C LEU A 37 11.39 0.98 -4.44
N GLU A 38 12.41 1.17 -3.64
CA GLU A 38 13.71 1.63 -4.21
C GLU A 38 14.10 0.75 -5.38
N ASP A 39 13.61 -0.46 -5.42
CA ASP A 39 13.95 -1.38 -6.54
C ASP A 39 12.65 -1.89 -7.17
N GLU A 40 11.62 -1.10 -7.12
CA GLU A 40 10.32 -1.55 -7.71
C GLU A 40 10.08 -0.82 -9.03
N ARG A 41 9.31 -1.41 -9.91
CA ARG A 41 9.01 -0.75 -11.21
C ARG A 41 7.51 -0.48 -11.31
N PRO A 42 7.13 0.77 -11.65
CA PRO A 42 5.73 1.17 -11.76
C PRO A 42 5.07 0.56 -13.00
N ILE A 43 4.04 -0.23 -12.82
CA ILE A 43 3.35 -0.84 -13.99
C ILE A 43 2.49 0.23 -14.68
N GLN A 44 2.06 1.22 -13.94
CA GLN A 44 1.23 2.29 -14.55
C GLN A 44 1.56 3.63 -13.88
N THR A 45 1.39 4.71 -14.59
CA THR A 45 1.70 6.05 -14.00
C THR A 45 0.45 6.92 -14.03
N MET A 46 0.36 7.90 -13.17
CA MET A 46 -0.83 8.78 -13.16
C MET A 46 -0.41 10.19 -12.73
N LEU A 47 -0.99 11.20 -13.34
CA LEU A 47 -0.62 12.60 -12.97
C LEU A 47 -1.67 13.16 -12.01
N ILE A 48 -1.24 13.71 -10.90
CA ILE A 48 -2.21 14.28 -9.93
C ILE A 48 -1.90 15.76 -9.69
N LYS A 49 -2.87 16.62 -9.85
CA LYS A 49 -2.62 18.07 -9.62
C LYS A 49 -3.17 18.47 -8.26
N THR A 50 -2.37 19.08 -7.44
CA THR A 50 -2.85 19.50 -6.09
C THR A 50 -2.92 21.03 -6.02
N ILE A 51 -3.12 21.57 -4.86
CA ILE A 51 -3.19 23.05 -4.73
C ILE A 51 -1.77 23.63 -4.74
N HIS A 52 -0.88 23.06 -3.97
CA HIS A 52 0.52 23.58 -3.94
C HIS A 52 1.10 23.55 -5.35
N GLY A 53 0.84 22.50 -6.09
CA GLY A 53 1.39 22.42 -7.47
C GLY A 53 1.00 21.07 -8.08
N GLU A 54 1.58 20.74 -9.21
CA GLU A 54 1.24 19.44 -9.86
C GLU A 54 2.09 18.32 -9.24
N LYS A 55 1.52 17.17 -9.04
CA LYS A 55 2.30 16.05 -8.44
C LYS A 55 2.19 14.82 -9.33
N GLN A 56 3.25 14.09 -9.48
CA GLN A 56 3.21 12.87 -10.35
C GLN A 56 3.07 11.63 -9.47
N GLN A 57 1.99 10.90 -9.61
CA GLN A 57 1.79 9.68 -8.78
C GLN A 57 1.85 8.44 -9.68
N ASP A 58 2.70 7.51 -9.38
CA ASP A 58 2.80 6.28 -10.22
C ASP A 58 2.24 5.08 -9.44
N VAL A 59 1.80 4.07 -10.13
CA VAL A 59 1.24 2.88 -9.43
C VAL A 59 2.29 1.76 -9.43
N TYR A 60 2.36 1.00 -8.37
CA TYR A 60 3.37 -0.09 -8.32
C TYR A 60 2.70 -1.39 -7.85
N TYR A 61 2.90 -2.46 -8.58
CA TYR A 61 2.29 -3.76 -8.17
C TYR A 61 3.32 -4.55 -7.35
N LEU A 62 3.11 -4.65 -6.07
CA LEU A 62 4.09 -5.40 -5.22
C LEU A 62 3.42 -6.61 -4.56
N THR A 63 4.20 -7.44 -3.94
CA THR A 63 3.63 -8.65 -3.27
C THR A 63 4.08 -8.67 -1.81
N PHE A 64 3.16 -8.63 -0.89
CA PHE A 64 3.54 -8.64 0.55
C PHE A 64 2.56 -9.51 1.34
N LYS A 65 2.98 -9.99 2.48
CA LYS A 65 2.08 -10.85 3.30
C LYS A 65 1.22 -9.95 4.22
N VAL A 66 -0.06 -10.17 4.25
CA VAL A 66 -0.93 -9.33 5.12
C VAL A 66 -1.48 -10.19 6.26
N GLN A 67 -1.00 -9.98 7.46
CA GLN A 67 -1.50 -10.77 8.62
C GLN A 67 -1.17 -12.26 8.40
N GLY A 68 -0.04 -12.54 7.80
CA GLY A 68 0.34 -13.95 7.56
C GLY A 68 -0.40 -14.48 6.33
N ARG A 69 -0.63 -13.63 5.37
CA ARG A 69 -1.35 -14.08 4.14
C ARG A 69 -0.73 -13.41 2.92
N LYS A 70 -0.14 -14.18 2.04
CA LYS A 70 0.49 -13.59 0.82
C LYS A 70 -0.58 -12.90 -0.02
N VAL A 71 -0.39 -11.63 -0.29
CA VAL A 71 -1.40 -10.88 -1.10
C VAL A 71 -0.68 -9.87 -1.99
N GLU A 72 -1.02 -9.82 -3.25
CA GLU A 72 -0.36 -8.85 -4.16
C GLU A 72 -1.34 -7.75 -4.54
N ALA A 73 -0.89 -6.53 -4.57
CA ALA A 73 -1.82 -5.41 -4.93
C ALA A 73 -0.99 -4.20 -5.37
N GLU A 74 -1.62 -3.24 -5.98
CA GLU A 74 -0.87 -2.02 -6.42
C GLU A 74 -0.72 -1.07 -5.24
N VAL A 75 0.48 -0.60 -5.00
CA VAL A 75 0.69 0.33 -3.86
C VAL A 75 1.35 1.62 -4.36
N LEU A 76 1.26 2.67 -3.59
CA LEU A 76 1.90 3.95 -4.03
C LEU A 76 3.12 4.24 -3.14
N ALA A 77 4.15 4.82 -3.70
CA ALA A 77 5.35 5.13 -2.90
C ALA A 77 5.12 6.40 -2.08
N SER A 78 5.48 6.39 -0.83
CA SER A 78 5.27 7.60 0.02
C SER A 78 6.46 7.76 0.97
N PRO A 79 6.78 9.01 1.34
CA PRO A 79 7.90 9.31 2.25
C PRO A 79 7.59 8.86 3.68
N TYR A 80 6.43 8.30 3.90
CA TYR A 80 6.07 7.85 5.28
C TYR A 80 7.00 6.71 5.69
N ASP A 81 6.85 6.23 6.90
CA ASP A 81 7.72 5.11 7.36
C ASP A 81 6.86 3.91 7.72
N TYR A 82 5.67 3.84 7.19
CA TYR A 82 4.77 2.69 7.51
C TYR A 82 4.12 2.19 6.21
N ILE A 83 3.21 1.26 6.31
CA ILE A 83 2.54 0.75 5.08
C ILE A 83 1.02 0.73 5.29
N LEU A 84 0.31 1.57 4.58
CA LEU A 84 -1.16 1.60 4.73
C LEU A 84 -1.78 0.43 3.95
N LEU A 85 -2.72 -0.27 4.54
CA LEU A 85 -3.34 -1.41 3.81
C LEU A 85 -4.67 -0.97 3.21
N ASN A 86 -4.91 -1.33 1.98
CA ASN A 86 -6.18 -0.93 1.32
C ASN A 86 -7.26 -1.97 1.64
N PRO A 87 -8.49 -1.51 1.88
CA PRO A 87 -9.63 -2.40 2.21
C PRO A 87 -10.03 -3.26 1.01
N SER A 88 -9.91 -2.75 -0.18
CA SER A 88 -10.28 -3.54 -1.39
C SER A 88 -9.30 -4.71 -1.53
N ASP A 89 -8.05 -4.49 -1.20
CA ASP A 89 -7.05 -5.59 -1.32
C ASP A 89 -7.29 -6.62 -0.22
N VAL A 90 -7.76 -6.18 0.92
CA VAL A 90 -8.01 -7.14 2.04
C VAL A 90 -9.51 -7.20 2.32
N PRO A 91 -10.27 -7.85 1.42
CA PRO A 91 -11.73 -7.99 1.57
C PRO A 91 -12.11 -8.95 2.70
N TRP A 92 -11.21 -9.83 3.07
CA TRP A 92 -11.52 -10.79 4.16
C TRP A 92 -11.48 -10.07 5.51
N LEU A 93 -10.67 -9.06 5.63
CA LEU A 93 -10.58 -8.32 6.92
C LEU A 93 -11.96 -7.75 7.27
N MET A 94 -12.71 -7.34 6.28
CA MET A 94 -14.06 -6.77 6.56
C MET A 94 -14.91 -7.81 7.29
N LYS A 95 -14.81 -9.05 6.91
CA LYS A 95 -15.61 -10.10 7.58
C LYS A 95 -14.95 -10.50 8.91
N LYS A 96 -15.73 -10.91 9.87
CA LYS A 96 -15.15 -11.31 11.18
C LYS A 96 -14.26 -10.18 11.71
N PRO A 97 -14.88 -9.09 12.18
CA PRO A 97 -14.14 -7.93 12.71
C PRO A 97 -13.47 -8.25 14.04
N LEU A 98 -12.32 -7.68 14.29
CA LEU A 98 -11.61 -7.95 15.57
C LEU A 98 -11.54 -9.46 15.80
N GLN A 8 -3.47 0.48 17.69
CA GLN A 8 -2.36 -0.40 17.24
C GLN A 8 -2.43 -0.59 15.73
N PRO A 9 -1.29 -0.42 15.04
CA PRO A 9 -1.20 -0.57 13.59
C PRO A 9 -1.35 -2.02 13.15
N LEU A 10 -1.69 -2.26 11.92
CA LEU A 10 -1.85 -3.66 11.43
C LEU A 10 -0.49 -4.24 11.10
N GLU A 11 -0.41 -5.54 10.92
CA GLU A 11 0.90 -6.17 10.60
C GLU A 11 0.93 -6.54 9.12
N ALA A 12 2.07 -6.42 8.49
CA ALA A 12 2.17 -6.77 7.04
C ALA A 12 3.60 -7.17 6.71
N GLU A 13 3.79 -7.99 5.72
CA GLU A 13 5.17 -8.42 5.35
C GLU A 13 5.42 -8.07 3.87
N ILE A 14 6.42 -7.26 3.61
CA ILE A 14 6.72 -6.88 2.20
C ILE A 14 8.09 -7.43 1.81
N LYS A 15 8.16 -8.14 0.71
CA LYS A 15 9.47 -8.70 0.27
C LYS A 15 10.02 -9.62 1.36
N GLY A 16 9.16 -10.15 2.19
CA GLY A 16 9.64 -11.06 3.28
C GLY A 16 10.06 -10.24 4.50
N THR A 17 9.75 -8.97 4.50
CA THR A 17 10.13 -8.12 5.66
C THR A 17 8.88 -7.76 6.46
N LYS A 18 8.87 -8.03 7.74
CA LYS A 18 7.68 -7.70 8.57
C LYS A 18 7.70 -6.22 8.93
N LEU A 19 6.65 -5.50 8.63
CA LEU A 19 6.61 -4.06 8.96
C LEU A 19 5.21 -3.67 9.45
N LYS A 20 5.09 -2.59 10.17
CA LYS A 20 3.75 -2.18 10.67
C LYS A 20 3.00 -1.46 9.55
N ALA A 21 1.70 -1.45 9.61
CA ALA A 21 0.91 -0.76 8.55
C ALA A 21 -0.36 -0.17 9.16
N HIS A 22 -1.00 0.72 8.46
CA HIS A 22 -2.26 1.34 8.99
C HIS A 22 -3.39 1.15 7.99
N TRP A 23 -4.53 0.73 8.45
CA TRP A 23 -5.68 0.52 7.52
C TRP A 23 -6.41 1.85 7.29
N ASP A 24 -6.58 2.24 6.06
CA ASP A 24 -7.27 3.52 5.78
C ASP A 24 -8.31 3.30 4.68
N SER A 25 -9.56 3.11 5.06
CA SER A 25 -10.61 2.88 4.03
C SER A 25 -10.66 4.07 3.07
N GLY A 26 -10.27 5.23 3.53
CA GLY A 26 -10.30 6.43 2.65
C GLY A 26 -9.38 6.21 1.44
N ALA A 27 -8.33 5.45 1.61
CA ALA A 27 -7.41 5.20 0.47
C ALA A 27 -8.02 4.15 -0.46
N THR A 28 -7.91 4.34 -1.75
CA THR A 28 -8.48 3.36 -2.70
C THR A 28 -7.37 2.43 -3.21
N ILE A 29 -6.14 2.69 -2.82
CA ILE A 29 -5.02 1.83 -3.28
C ILE A 29 -4.01 1.67 -2.14
N THR A 30 -3.24 0.62 -2.15
CA THR A 30 -2.24 0.41 -1.07
C THR A 30 -1.10 1.42 -1.22
N CYS A 31 -0.62 1.95 -0.12
CA CYS A 31 0.48 2.94 -0.20
C CYS A 31 1.65 2.46 0.67
N VAL A 32 2.81 2.29 0.08
CA VAL A 32 3.98 1.83 0.87
C VAL A 32 5.09 2.89 0.81
N PRO A 33 6.08 2.79 1.71
CA PRO A 33 7.20 3.74 1.76
C PRO A 33 8.24 3.44 0.68
N GLU A 34 8.75 4.45 0.03
CA GLU A 34 9.77 4.22 -1.02
C GLU A 34 10.84 3.26 -0.51
N ALA A 35 11.00 3.18 0.79
CA ALA A 35 12.03 2.26 1.35
C ALA A 35 11.90 0.88 0.71
N PHE A 36 10.70 0.45 0.45
CA PHE A 36 10.50 -0.88 -0.17
C PHE A 36 10.51 -0.74 -1.70
N LEU A 37 10.48 0.46 -2.20
CA LEU A 37 10.49 0.66 -3.67
C LEU A 37 11.85 1.22 -4.10
N GLU A 38 12.90 0.76 -3.49
CA GLU A 38 14.26 1.27 -3.85
C GLU A 38 14.50 1.05 -5.34
N ASP A 39 14.18 2.02 -6.15
CA ASP A 39 14.41 1.87 -7.62
C ASP A 39 13.56 0.71 -8.16
N GLU A 40 12.46 0.44 -7.53
CA GLU A 40 11.59 -0.68 -8.01
C GLU A 40 11.16 -0.41 -9.45
N ARG A 41 10.37 -1.29 -10.02
CA ARG A 41 9.92 -1.08 -11.42
C ARG A 41 8.41 -0.87 -11.45
N PRO A 42 7.97 0.33 -11.83
CA PRO A 42 6.54 0.67 -11.90
C PRO A 42 5.85 -0.02 -13.08
N ILE A 43 4.77 -0.69 -12.84
CA ILE A 43 4.04 -1.38 -13.95
C ILE A 43 3.10 -0.39 -14.63
N GLN A 44 2.61 0.57 -13.90
CA GLN A 44 1.68 1.57 -14.51
C GLN A 44 1.88 2.93 -13.83
N THR A 45 1.35 3.97 -14.42
CA THR A 45 1.51 5.32 -13.81
C THR A 45 0.15 5.87 -13.39
N MET A 46 0.12 6.74 -12.43
CA MET A 46 -1.18 7.32 -11.98
C MET A 46 -1.00 8.81 -11.70
N LEU A 47 -2.08 9.55 -11.67
CA LEU A 47 -1.96 11.01 -11.41
C LEU A 47 -2.47 11.33 -10.01
N ILE A 48 -1.76 12.16 -9.28
CA ILE A 48 -2.20 12.51 -7.90
C ILE A 48 -2.43 14.02 -7.81
N LYS A 49 -3.55 14.43 -7.27
CA LYS A 49 -3.82 15.89 -7.16
C LYS A 49 -3.53 16.35 -5.73
N THR A 50 -2.86 17.45 -5.58
CA THR A 50 -2.56 17.96 -4.21
C THR A 50 -3.03 19.41 -4.08
N ILE A 51 -3.22 19.89 -2.89
CA ILE A 51 -3.68 21.30 -2.71
C ILE A 51 -2.64 22.25 -3.29
N HIS A 52 -1.39 21.96 -3.10
CA HIS A 52 -0.32 22.86 -3.65
C HIS A 52 -0.31 22.75 -5.17
N GLY A 53 -0.56 21.60 -5.71
CA GLY A 53 -0.56 21.45 -7.20
C GLY A 53 -0.84 19.99 -7.56
N GLU A 54 -0.71 19.64 -8.82
CA GLU A 54 -0.96 18.23 -9.23
C GLU A 54 0.37 17.50 -9.43
N LYS A 55 0.52 16.36 -8.83
CA LYS A 55 1.80 15.61 -8.99
C LYS A 55 1.50 14.20 -9.53
N GLN A 56 2.22 13.79 -10.54
CA GLN A 56 1.98 12.43 -11.11
C GLN A 56 3.07 11.48 -10.64
N GLN A 57 2.70 10.30 -10.21
CA GLN A 57 3.72 9.32 -9.74
C GLN A 57 3.48 7.97 -10.41
N ASP A 58 4.50 7.16 -10.51
CA ASP A 58 4.32 5.82 -11.15
C ASP A 58 3.87 4.81 -10.10
N VAL A 59 3.00 3.92 -10.46
CA VAL A 59 2.52 2.90 -9.47
C VAL A 59 3.39 1.64 -9.58
N TYR A 60 3.39 0.82 -8.56
CA TYR A 60 4.24 -0.41 -8.60
C TYR A 60 3.43 -1.61 -8.09
N TYR A 61 3.62 -2.75 -8.69
CA TYR A 61 2.88 -3.96 -8.23
C TYR A 61 3.81 -4.80 -7.35
N LEU A 62 3.53 -4.91 -6.09
CA LEU A 62 4.42 -5.70 -5.19
C LEU A 62 3.64 -6.81 -4.49
N THR A 63 4.33 -7.70 -3.83
CA THR A 63 3.65 -8.81 -3.11
C THR A 63 3.96 -8.70 -1.62
N PHE A 64 2.96 -8.70 -0.79
CA PHE A 64 3.21 -8.58 0.68
C PHE A 64 2.20 -9.46 1.44
N LYS A 65 2.56 -9.88 2.62
CA LYS A 65 1.62 -10.73 3.42
C LYS A 65 0.71 -9.82 4.25
N VAL A 66 -0.57 -10.02 4.18
CA VAL A 66 -1.51 -9.16 4.97
C VAL A 66 -2.06 -9.98 6.15
N GLN A 67 -1.57 -9.73 7.33
CA GLN A 67 -2.06 -10.49 8.52
C GLN A 67 -1.76 -11.97 8.33
N GLY A 68 -0.68 -12.28 7.66
CA GLY A 68 -0.33 -13.71 7.44
C GLY A 68 -1.04 -14.22 6.18
N ARG A 69 -1.30 -13.37 5.25
CA ARG A 69 -1.99 -13.80 3.99
C ARG A 69 -1.27 -13.24 2.78
N LYS A 70 -0.89 -14.08 1.86
CA LYS A 70 -0.17 -13.59 0.64
C LYS A 70 -1.13 -12.75 -0.21
N VAL A 71 -0.77 -11.53 -0.49
CA VAL A 71 -1.66 -10.66 -1.32
C VAL A 71 -0.81 -9.75 -2.20
N GLU A 72 -1.07 -9.71 -3.48
CA GLU A 72 -0.27 -8.83 -4.38
C GLU A 72 -1.16 -7.71 -4.91
N ALA A 73 -0.66 -6.50 -4.92
CA ALA A 73 -1.48 -5.37 -5.43
C ALA A 73 -0.56 -4.19 -5.78
N GLU A 74 -1.08 -3.23 -6.49
CA GLU A 74 -0.24 -2.06 -6.88
C GLU A 74 -0.16 -1.09 -5.70
N VAL A 75 1.01 -0.62 -5.39
CA VAL A 75 1.14 0.34 -4.25
C VAL A 75 1.93 1.57 -4.70
N LEU A 76 1.80 2.66 -3.98
CA LEU A 76 2.54 3.90 -4.38
C LEU A 76 3.62 4.18 -3.34
N ALA A 77 4.69 4.81 -3.74
CA ALA A 77 5.77 5.13 -2.78
C ALA A 77 5.40 6.36 -1.96
N SER A 78 5.72 6.38 -0.70
CA SER A 78 5.38 7.55 0.14
C SER A 78 6.48 7.78 1.18
N PRO A 79 6.71 9.05 1.56
CA PRO A 79 7.74 9.41 2.54
C PRO A 79 7.36 8.94 3.96
N TYR A 80 6.23 8.32 4.10
CA TYR A 80 5.82 7.85 5.46
C TYR A 80 6.81 6.79 5.96
N ASP A 81 6.69 6.39 7.19
CA ASP A 81 7.63 5.37 7.74
C ASP A 81 6.87 4.07 8.00
N TYR A 82 5.72 3.92 7.41
CA TYR A 82 4.94 2.67 7.62
C TYR A 82 4.27 2.26 6.30
N ILE A 83 3.21 1.51 6.36
CA ILE A 83 2.53 1.08 5.10
C ILE A 83 1.03 1.36 5.18
N LEU A 84 0.43 1.68 4.07
CA LEU A 84 -1.04 1.96 4.08
C LEU A 84 -1.77 0.82 3.36
N LEU A 85 -2.78 0.28 3.98
CA LEU A 85 -3.52 -0.85 3.34
C LEU A 85 -4.80 -0.33 2.67
N ASN A 86 -5.15 -0.89 1.55
CA ASN A 86 -6.39 -0.44 0.84
C ASN A 86 -7.54 -1.36 1.22
N PRO A 87 -8.73 -0.77 1.49
CA PRO A 87 -9.93 -1.54 1.86
C PRO A 87 -10.40 -2.46 0.74
N SER A 88 -10.22 -2.06 -0.49
CA SER A 88 -10.66 -2.91 -1.63
C SER A 88 -9.65 -4.06 -1.80
N ASP A 89 -8.42 -3.84 -1.45
CA ASP A 89 -7.40 -4.91 -1.60
C ASP A 89 -7.63 -5.98 -0.51
N VAL A 90 -8.12 -5.57 0.63
CA VAL A 90 -8.37 -6.55 1.72
C VAL A 90 -9.85 -6.52 2.11
N PRO A 91 -10.70 -7.16 1.29
CA PRO A 91 -12.14 -7.21 1.53
C PRO A 91 -12.48 -8.09 2.74
N TRP A 92 -11.62 -9.01 3.08
CA TRP A 92 -11.90 -9.90 4.25
C TRP A 92 -11.55 -9.16 5.54
N LEU A 93 -10.69 -8.17 5.45
CA LEU A 93 -10.30 -7.42 6.68
C LEU A 93 -11.55 -6.85 7.34
N MET A 94 -12.47 -6.35 6.57
CA MET A 94 -13.71 -5.77 7.16
C MET A 94 -14.73 -6.89 7.38
N LYS A 95 -15.35 -6.92 8.53
CA LYS A 95 -16.35 -7.99 8.82
C LYS A 95 -17.75 -7.36 8.85
N LYS A 96 -18.75 -8.11 8.45
CA LYS A 96 -20.13 -7.56 8.45
C LYS A 96 -21.05 -8.50 9.24
N PRO A 97 -20.95 -8.44 10.58
CA PRO A 97 -21.77 -9.28 11.48
C PRO A 97 -23.24 -8.85 11.46
N LEU A 98 -23.51 -7.64 11.07
CA LEU A 98 -24.92 -7.16 11.04
C LEU A 98 -25.21 -6.54 9.67
N GLN A 8 -3.74 1.03 16.93
CA GLN A 8 -3.31 -0.39 16.75
C GLN A 8 -3.06 -0.65 15.27
N PRO A 9 -1.79 -0.51 14.84
CA PRO A 9 -1.40 -0.73 13.44
C PRO A 9 -1.49 -2.21 13.05
N LEU A 10 -1.77 -2.49 11.80
CA LEU A 10 -1.88 -3.91 11.37
C LEU A 10 -0.48 -4.48 11.13
N GLU A 11 -0.40 -5.71 10.69
CA GLU A 11 0.94 -6.32 10.43
C GLU A 11 1.05 -6.68 8.95
N ALA A 12 2.20 -6.46 8.36
CA ALA A 12 2.37 -6.79 6.92
C ALA A 12 3.83 -7.19 6.65
N GLU A 13 4.06 -7.98 5.65
CA GLU A 13 5.45 -8.41 5.32
C GLU A 13 5.74 -8.14 3.85
N ILE A 14 6.74 -7.34 3.57
CA ILE A 14 7.07 -7.02 2.15
C ILE A 14 8.46 -7.57 1.83
N LYS A 15 8.58 -8.34 0.78
CA LYS A 15 9.91 -8.90 0.42
C LYS A 15 10.42 -9.78 1.55
N GLY A 16 9.54 -10.30 2.36
CA GLY A 16 9.97 -11.17 3.50
C GLY A 16 10.26 -10.31 4.73
N THR A 17 10.19 -9.01 4.59
CA THR A 17 10.45 -8.13 5.75
C THR A 17 9.13 -7.79 6.46
N LYS A 18 9.05 -8.01 7.75
CA LYS A 18 7.79 -7.72 8.48
C LYS A 18 7.80 -6.25 8.93
N LEU A 19 6.83 -5.49 8.49
CA LEU A 19 6.77 -4.05 8.89
C LEU A 19 5.38 -3.73 9.41
N LYS A 20 5.23 -2.62 10.09
CA LYS A 20 3.88 -2.25 10.63
C LYS A 20 3.07 -1.58 9.52
N ALA A 21 1.77 -1.61 9.63
CA ALA A 21 0.91 -0.96 8.59
C ALA A 21 -0.33 -0.38 9.24
N HIS A 22 -1.00 0.51 8.56
CA HIS A 22 -2.24 1.12 9.14
C HIS A 22 -3.41 0.93 8.19
N TRP A 23 -4.50 0.41 8.67
CA TRP A 23 -5.68 0.19 7.79
C TRP A 23 -6.42 1.52 7.59
N ASP A 24 -6.50 1.99 6.38
CA ASP A 24 -7.20 3.28 6.12
C ASP A 24 -8.25 3.07 5.01
N SER A 25 -9.49 2.98 5.37
CA SER A 25 -10.54 2.78 4.34
C SER A 25 -10.55 3.96 3.37
N GLY A 26 -10.17 5.12 3.83
CA GLY A 26 -10.15 6.31 2.94
C GLY A 26 -9.22 6.04 1.74
N ALA A 27 -8.16 5.31 1.96
CA ALA A 27 -7.22 5.02 0.85
C ALA A 27 -7.90 4.10 -0.17
N THR A 28 -7.74 4.38 -1.43
CA THR A 28 -8.38 3.53 -2.48
C THR A 28 -7.38 2.48 -2.96
N ILE A 29 -6.12 2.66 -2.66
CA ILE A 29 -5.10 1.68 -3.11
C ILE A 29 -4.05 1.51 -2.00
N THR A 30 -3.38 0.38 -1.98
CA THR A 30 -2.33 0.17 -0.94
C THR A 30 -1.24 1.22 -1.08
N CYS A 31 -0.79 1.77 0.02
CA CYS A 31 0.28 2.81 -0.05
C CYS A 31 1.51 2.32 0.73
N VAL A 32 2.65 2.32 0.10
CA VAL A 32 3.89 1.86 0.80
C VAL A 32 4.95 2.95 0.73
N PRO A 33 5.95 2.86 1.63
CA PRO A 33 7.05 3.82 1.68
C PRO A 33 8.10 3.56 0.60
N GLU A 34 8.50 4.58 -0.11
CA GLU A 34 9.53 4.38 -1.18
C GLU A 34 10.66 3.52 -0.65
N ALA A 35 10.88 3.53 0.64
CA ALA A 35 11.98 2.71 1.21
C ALA A 35 11.87 1.27 0.71
N PHE A 36 10.66 0.79 0.55
CA PHE A 36 10.48 -0.61 0.06
C PHE A 36 10.38 -0.61 -1.47
N LEU A 37 10.40 0.54 -2.08
CA LEU A 37 10.31 0.60 -3.57
C LEU A 37 11.66 1.00 -4.17
N GLU A 38 12.64 1.22 -3.34
CA GLU A 38 13.98 1.61 -3.88
C GLU A 38 14.40 0.63 -4.97
N ASP A 39 13.92 -0.58 -4.90
CA ASP A 39 14.30 -1.58 -5.93
C ASP A 39 13.03 -2.09 -6.63
N GLU A 40 11.99 -1.31 -6.64
CA GLU A 40 10.73 -1.74 -7.29
C GLU A 40 10.61 -1.10 -8.67
N ARG A 41 9.79 -1.66 -9.53
CA ARG A 41 9.63 -1.09 -10.89
C ARG A 41 8.15 -0.75 -11.13
N PRO A 42 7.87 0.48 -11.57
CA PRO A 42 6.50 0.93 -11.82
C PRO A 42 5.91 0.29 -13.10
N ILE A 43 4.82 -0.41 -12.96
CA ILE A 43 4.20 -1.06 -14.16
C ILE A 43 3.20 -0.08 -14.78
N GLN A 44 2.70 0.85 -14.01
CA GLN A 44 1.72 1.83 -14.56
C GLN A 44 1.98 3.20 -13.94
N THR A 45 1.28 4.21 -14.38
CA THR A 45 1.50 5.57 -13.82
C THR A 45 0.17 6.15 -13.34
N MET A 46 0.22 7.00 -12.33
CA MET A 46 -1.03 7.60 -11.81
C MET A 46 -0.84 9.11 -11.66
N LEU A 47 -1.89 9.87 -11.88
CA LEU A 47 -1.76 11.35 -11.75
C LEU A 47 -2.38 11.80 -10.42
N ILE A 48 -1.68 12.62 -9.69
CA ILE A 48 -2.23 13.09 -8.38
C ILE A 48 -2.30 14.62 -8.38
N LYS A 49 -3.40 15.16 -7.92
CA LYS A 49 -3.53 16.65 -7.90
C LYS A 49 -3.53 17.15 -6.45
N THR A 50 -2.79 18.20 -6.17
CA THR A 50 -2.76 18.73 -4.78
C THR A 50 -3.10 20.22 -4.79
N ILE A 51 -3.54 20.74 -3.67
CA ILE A 51 -3.89 22.18 -3.62
C ILE A 51 -2.68 23.02 -4.04
N HIS A 52 -1.50 22.62 -3.65
CA HIS A 52 -0.28 23.40 -4.03
C HIS A 52 -0.07 23.31 -5.54
N GLY A 53 -0.31 22.15 -6.11
CA GLY A 53 -0.12 22.00 -7.59
C GLY A 53 -0.45 20.57 -8.00
N GLU A 54 -0.17 20.21 -9.22
CA GLU A 54 -0.47 18.83 -9.68
C GLU A 54 0.78 17.96 -9.59
N LYS A 55 0.67 16.79 -9.01
CA LYS A 55 1.85 15.90 -8.90
C LYS A 55 1.50 14.51 -9.43
N GLN A 56 2.33 13.96 -10.27
CA GLN A 56 2.05 12.61 -10.84
C GLN A 56 3.05 11.60 -10.29
N GLN A 57 2.61 10.41 -10.00
CA GLN A 57 3.54 9.37 -9.47
C GLN A 57 3.34 8.06 -10.23
N ASP A 58 4.32 7.21 -10.24
CA ASP A 58 4.18 5.92 -10.97
C ASP A 58 3.62 4.85 -10.03
N VAL A 59 2.78 4.00 -10.53
CA VAL A 59 2.20 2.93 -9.66
C VAL A 59 3.18 1.75 -9.61
N TYR A 60 3.13 0.97 -8.57
CA TYR A 60 4.07 -0.18 -8.46
C TYR A 60 3.32 -1.44 -8.01
N TYR A 61 3.49 -2.53 -8.70
CA TYR A 61 2.81 -3.78 -8.29
C TYR A 61 3.76 -4.62 -7.44
N LEU A 62 3.48 -4.78 -6.18
CA LEU A 62 4.39 -5.57 -5.31
C LEU A 62 3.65 -6.74 -4.67
N THR A 63 4.37 -7.62 -4.03
CA THR A 63 3.73 -8.80 -3.38
C THR A 63 4.09 -8.79 -1.90
N PHE A 64 3.11 -8.72 -1.03
CA PHE A 64 3.41 -8.70 0.43
C PHE A 64 2.38 -9.53 1.18
N LYS A 65 2.75 -10.05 2.33
CA LYS A 65 1.79 -10.88 3.12
C LYS A 65 0.93 -9.96 3.98
N VAL A 66 -0.37 -10.16 3.97
CA VAL A 66 -1.25 -9.30 4.80
C VAL A 66 -1.81 -10.10 5.98
N GLN A 67 -1.26 -9.94 7.15
CA GLN A 67 -1.76 -10.69 8.33
C GLN A 67 -1.51 -12.19 8.12
N GLY A 68 -0.42 -12.53 7.49
CA GLY A 68 -0.13 -13.98 7.25
C GLY A 68 -0.84 -14.44 5.98
N ARG A 69 -1.08 -13.53 5.07
CA ARG A 69 -1.77 -13.92 3.81
C ARG A 69 -1.04 -13.31 2.62
N LYS A 70 -0.50 -14.13 1.75
CA LYS A 70 0.23 -13.60 0.57
C LYS A 70 -0.76 -12.89 -0.37
N VAL A 71 -0.56 -11.62 -0.60
CA VAL A 71 -1.48 -10.88 -1.49
C VAL A 71 -0.69 -9.90 -2.36
N GLU A 72 -0.96 -9.86 -3.64
CA GLU A 72 -0.21 -8.92 -4.53
C GLU A 72 -1.14 -7.81 -5.00
N ALA A 73 -0.67 -6.59 -4.98
CA ALA A 73 -1.53 -5.46 -5.42
C ALA A 73 -0.65 -4.25 -5.77
N GLU A 74 -1.20 -3.28 -6.43
CA GLU A 74 -0.41 -2.08 -6.81
C GLU A 74 -0.29 -1.15 -5.60
N VAL A 75 0.88 -0.63 -5.36
CA VAL A 75 1.05 0.28 -4.19
C VAL A 75 1.71 1.59 -4.64
N LEU A 76 1.54 2.64 -3.89
CA LEU A 76 2.16 3.93 -4.27
C LEU A 76 3.32 4.25 -3.32
N ALA A 77 4.34 4.89 -3.81
CA ALA A 77 5.49 5.22 -2.92
C ALA A 77 5.16 6.48 -2.11
N SER A 78 5.23 6.39 -0.81
CA SER A 78 4.91 7.57 0.04
C SER A 78 6.06 7.84 1.02
N PRO A 79 6.24 9.11 1.40
CA PRO A 79 7.30 9.51 2.33
C PRO A 79 7.01 9.04 3.76
N TYR A 80 5.91 8.36 3.95
CA TYR A 80 5.57 7.87 5.32
C TYR A 80 6.61 6.85 5.76
N ASP A 81 6.55 6.43 7.00
CA ASP A 81 7.54 5.44 7.50
C ASP A 81 6.84 4.10 7.78
N TYR A 82 5.65 3.93 7.26
CA TYR A 82 4.92 2.66 7.50
C TYR A 82 4.23 2.22 6.20
N ILE A 83 3.20 1.43 6.30
CA ILE A 83 2.49 0.99 5.07
C ILE A 83 0.99 1.22 5.21
N LEU A 84 0.34 1.64 4.17
CA LEU A 84 -1.12 1.88 4.25
C LEU A 84 -1.86 0.75 3.53
N LEU A 85 -2.86 0.17 4.15
CA LEU A 85 -3.60 -0.93 3.48
C LEU A 85 -4.89 -0.40 2.85
N ASN A 86 -5.29 -0.95 1.75
CA ASN A 86 -6.53 -0.49 1.07
C ASN A 86 -7.68 -1.43 1.42
N PRO A 87 -8.86 -0.86 1.73
CA PRO A 87 -10.05 -1.65 2.08
C PRO A 87 -10.53 -2.52 0.92
N SER A 88 -10.36 -2.06 -0.29
CA SER A 88 -10.80 -2.87 -1.46
C SER A 88 -9.78 -3.99 -1.71
N ASP A 89 -8.56 -3.78 -1.30
CA ASP A 89 -7.52 -4.83 -1.51
C ASP A 89 -7.65 -5.90 -0.42
N VAL A 90 -8.06 -5.51 0.76
CA VAL A 90 -8.21 -6.50 1.86
C VAL A 90 -9.67 -6.52 2.34
N PRO A 91 -10.56 -7.15 1.56
CA PRO A 91 -11.99 -7.25 1.88
C PRO A 91 -12.23 -8.17 3.09
N TRP A 92 -11.34 -9.09 3.33
CA TRP A 92 -11.53 -10.02 4.48
C TRP A 92 -11.22 -9.29 5.78
N LEU A 93 -10.37 -8.30 5.73
CA LEU A 93 -10.03 -7.56 6.97
C LEU A 93 -11.31 -6.99 7.61
N MET A 94 -12.22 -6.52 6.81
CA MET A 94 -13.48 -5.96 7.36
C MET A 94 -14.60 -7.00 7.24
N LYS A 95 -15.46 -7.08 8.20
CA LYS A 95 -16.57 -8.08 8.15
C LYS A 95 -17.79 -7.43 7.49
N LYS A 96 -18.47 -8.17 6.65
CA LYS A 96 -19.67 -7.60 5.97
C LYS A 96 -20.83 -7.49 6.96
N PRO A 97 -21.49 -6.32 6.99
CA PRO A 97 -22.62 -6.08 7.90
C PRO A 97 -23.85 -6.89 7.51
N LEU A 98 -24.63 -7.32 8.48
CA LEU A 98 -25.85 -8.12 8.16
C LEU A 98 -27.08 -7.25 8.32
N GLN A 8 -3.71 1.58 16.59
CA GLN A 8 -3.64 0.10 16.45
C GLN A 8 -3.28 -0.26 15.00
N PRO A 9 -2.00 -0.15 14.64
CA PRO A 9 -1.52 -0.45 13.29
C PRO A 9 -1.59 -1.95 12.99
N LEU A 10 -1.85 -2.30 11.76
CA LEU A 10 -1.92 -3.75 11.40
C LEU A 10 -0.52 -4.29 11.13
N GLU A 11 -0.41 -5.53 10.75
CA GLU A 11 0.92 -6.13 10.48
C GLU A 11 1.00 -6.56 9.01
N ALA A 12 2.10 -6.27 8.36
CA ALA A 12 2.22 -6.67 6.93
C ALA A 12 3.69 -6.97 6.61
N GLU A 13 3.93 -7.85 5.67
CA GLU A 13 5.34 -8.19 5.31
C GLU A 13 5.57 -7.83 3.84
N ILE A 14 6.55 -7.00 3.57
CA ILE A 14 6.83 -6.61 2.16
C ILE A 14 8.23 -7.08 1.76
N LYS A 15 8.34 -7.85 0.71
CA LYS A 15 9.67 -8.33 0.28
C LYS A 15 10.27 -9.24 1.36
N GLY A 16 9.44 -9.80 2.20
CA GLY A 16 9.96 -10.69 3.28
C GLY A 16 10.28 -9.85 4.52
N THR A 17 10.10 -8.57 4.45
CA THR A 17 10.39 -7.70 5.63
C THR A 17 9.11 -7.45 6.42
N LYS A 18 9.13 -7.68 7.70
CA LYS A 18 7.91 -7.46 8.53
C LYS A 18 7.85 -5.99 8.97
N LEU A 19 6.84 -5.28 8.54
CA LEU A 19 6.73 -3.85 8.93
C LEU A 19 5.30 -3.57 9.41
N LYS A 20 5.11 -2.49 10.14
CA LYS A 20 3.75 -2.16 10.64
C LYS A 20 2.98 -1.41 9.56
N ALA A 21 1.67 -1.50 9.57
CA ALA A 21 0.87 -0.78 8.54
C ALA A 21 -0.40 -0.21 9.18
N HIS A 22 -1.04 0.72 8.53
CA HIS A 22 -2.29 1.31 9.10
C HIS A 22 -3.45 1.08 8.14
N TRP A 23 -4.54 0.54 8.62
CA TRP A 23 -5.71 0.31 7.73
C TRP A 23 -6.49 1.61 7.56
N ASP A 24 -6.61 2.09 6.36
CA ASP A 24 -7.36 3.34 6.12
C ASP A 24 -8.41 3.11 5.03
N SER A 25 -9.65 2.96 5.40
CA SER A 25 -10.72 2.73 4.39
C SER A 25 -10.75 3.90 3.40
N GLY A 26 -10.39 5.07 3.84
CA GLY A 26 -10.41 6.26 2.93
C GLY A 26 -9.50 5.98 1.73
N ALA A 27 -8.37 5.38 1.95
CA ALA A 27 -7.44 5.09 0.81
C ALA A 27 -8.10 4.10 -0.14
N THR A 28 -8.15 4.43 -1.41
CA THR A 28 -8.77 3.50 -2.39
C THR A 28 -7.69 2.60 -3.01
N ILE A 29 -6.45 2.88 -2.73
CA ILE A 29 -5.36 2.05 -3.30
C ILE A 29 -4.28 1.82 -2.23
N THR A 30 -3.59 0.73 -2.30
CA THR A 30 -2.53 0.45 -1.27
C THR A 30 -1.37 1.43 -1.45
N CYS A 31 -0.83 1.92 -0.37
CA CYS A 31 0.30 2.88 -0.49
C CYS A 31 1.45 2.40 0.42
N VAL A 32 2.66 2.52 -0.06
CA VAL A 32 3.82 2.07 0.76
C VAL A 32 4.94 3.11 0.65
N PRO A 33 5.96 3.01 1.52
CA PRO A 33 7.08 3.94 1.52
C PRO A 33 8.09 3.61 0.40
N GLU A 34 8.53 4.61 -0.32
CA GLU A 34 9.51 4.35 -1.41
C GLU A 34 10.61 3.41 -0.93
N ALA A 35 10.85 3.37 0.36
CA ALA A 35 11.91 2.47 0.89
C ALA A 35 11.76 1.08 0.28
N PHE A 36 10.55 0.63 0.07
CA PHE A 36 10.34 -0.72 -0.52
C PHE A 36 10.24 -0.60 -2.05
N LEU A 37 10.19 0.59 -2.55
CA LEU A 37 10.08 0.78 -4.02
C LEU A 37 11.42 1.25 -4.58
N GLU A 38 12.32 1.66 -3.73
CA GLU A 38 13.64 2.13 -4.21
C GLU A 38 14.22 1.11 -5.19
N ASP A 39 13.80 -0.11 -5.09
CA ASP A 39 14.32 -1.15 -6.01
C ASP A 39 13.15 -1.79 -6.77
N GLU A 40 12.01 -1.16 -6.75
CA GLU A 40 10.84 -1.74 -7.47
C GLU A 40 10.67 -1.04 -8.81
N ARG A 41 10.05 -1.69 -9.75
CA ARG A 41 9.85 -1.08 -11.09
C ARG A 41 8.36 -0.78 -11.30
N PRO A 42 8.03 0.46 -11.68
CA PRO A 42 6.65 0.88 -11.91
C PRO A 42 6.04 0.22 -13.15
N ILE A 43 4.98 -0.53 -12.98
CA ILE A 43 4.34 -1.18 -14.16
C ILE A 43 3.32 -0.24 -14.77
N GLN A 44 2.76 0.64 -13.98
CA GLN A 44 1.75 1.59 -14.52
C GLN A 44 1.93 2.95 -13.84
N THR A 45 1.36 3.98 -14.39
CA THR A 45 1.51 5.33 -13.78
C THR A 45 0.13 5.83 -13.31
N MET A 46 0.11 6.76 -12.40
CA MET A 46 -1.20 7.28 -11.92
C MET A 46 -1.06 8.77 -11.55
N LEU A 47 -2.08 9.54 -11.78
CA LEU A 47 -2.00 11.00 -11.44
C LEU A 47 -2.31 11.21 -9.96
N ILE A 48 -1.47 11.92 -9.26
CA ILE A 48 -1.72 12.16 -7.82
C ILE A 48 -1.95 13.65 -7.59
N LYS A 49 -2.99 14.01 -6.87
CA LYS A 49 -3.26 15.45 -6.62
C LYS A 49 -2.85 15.81 -5.19
N THR A 50 -2.06 16.82 -5.01
CA THR A 50 -1.62 17.21 -3.65
C THR A 50 -2.17 18.61 -3.31
N ILE A 51 -1.84 19.11 -2.15
CA ILE A 51 -2.33 20.46 -1.77
C ILE A 51 -1.61 21.52 -2.60
N HIS A 52 -0.32 21.46 -2.65
CA HIS A 52 0.45 22.47 -3.45
C HIS A 52 -0.04 22.45 -4.90
N GLY A 53 -0.28 21.30 -5.44
CA GLY A 53 -0.76 21.22 -6.85
C GLY A 53 -1.01 19.75 -7.23
N GLU A 54 -1.03 19.46 -8.50
CA GLU A 54 -1.27 18.05 -8.93
C GLU A 54 0.05 17.42 -9.41
N LYS A 55 0.39 16.28 -8.90
CA LYS A 55 1.65 15.62 -9.32
C LYS A 55 1.36 14.17 -9.74
N GLN A 56 1.94 13.73 -10.82
CA GLN A 56 1.70 12.33 -11.27
C GLN A 56 2.80 11.41 -10.74
N GLN A 57 2.42 10.32 -10.13
CA GLN A 57 3.46 9.39 -9.60
C GLN A 57 3.36 8.05 -10.33
N ASP A 58 4.40 7.27 -10.30
CA ASP A 58 4.38 5.96 -11.00
C ASP A 58 3.78 4.89 -10.07
N VAL A 59 3.01 3.99 -10.61
CA VAL A 59 2.40 2.93 -9.78
C VAL A 59 3.34 1.72 -9.70
N TYR A 60 3.31 0.98 -8.63
CA TYR A 60 4.23 -0.19 -8.52
C TYR A 60 3.45 -1.43 -8.06
N TYR A 61 3.73 -2.56 -8.65
CA TYR A 61 3.03 -3.82 -8.25
C TYR A 61 3.94 -4.59 -7.29
N LEU A 62 3.57 -4.66 -6.04
CA LEU A 62 4.44 -5.40 -5.07
C LEU A 62 3.65 -6.49 -4.37
N THR A 63 4.33 -7.49 -3.87
CA THR A 63 3.63 -8.60 -3.15
C THR A 63 3.98 -8.53 -1.67
N PHE A 64 3.00 -8.49 -0.81
CA PHE A 64 3.30 -8.42 0.65
C PHE A 64 2.30 -9.29 1.42
N LYS A 65 2.68 -9.77 2.57
CA LYS A 65 1.76 -10.62 3.37
C LYS A 65 0.85 -9.71 4.21
N VAL A 66 -0.44 -9.92 4.11
CA VAL A 66 -1.38 -9.07 4.89
C VAL A 66 -1.94 -9.86 6.07
N GLN A 67 -1.39 -9.67 7.25
CA GLN A 67 -1.89 -10.42 8.43
C GLN A 67 -1.63 -11.91 8.25
N GLY A 68 -0.53 -12.26 7.65
CA GLY A 68 -0.21 -13.69 7.43
C GLY A 68 -0.92 -14.19 6.18
N ARG A 69 -1.12 -13.33 5.21
CA ARG A 69 -1.80 -13.75 3.96
C ARG A 69 -1.07 -13.15 2.76
N LYS A 70 -0.66 -13.97 1.83
CA LYS A 70 0.05 -13.45 0.63
C LYS A 70 -0.91 -12.61 -0.22
N VAL A 71 -0.52 -11.41 -0.55
CA VAL A 71 -1.42 -10.54 -1.37
C VAL A 71 -0.57 -9.60 -2.23
N GLU A 72 -0.82 -9.58 -3.51
CA GLU A 72 -0.01 -8.68 -4.39
C GLU A 72 -0.93 -7.65 -5.05
N ALA A 73 -0.53 -6.41 -5.06
CA ALA A 73 -1.38 -5.36 -5.69
C ALA A 73 -0.53 -4.14 -6.02
N GLU A 74 -1.10 -3.17 -6.67
CA GLU A 74 -0.32 -1.94 -7.02
C GLU A 74 -0.22 -1.03 -5.80
N VAL A 75 0.92 -0.44 -5.58
CA VAL A 75 1.08 0.45 -4.39
C VAL A 75 1.76 1.75 -4.83
N LEU A 76 1.50 2.83 -4.13
CA LEU A 76 2.13 4.12 -4.50
C LEU A 76 3.28 4.42 -3.53
N ALA A 77 4.33 5.04 -4.00
CA ALA A 77 5.47 5.36 -3.10
C ALA A 77 5.13 6.61 -2.28
N SER A 78 5.46 6.61 -1.02
CA SER A 78 5.16 7.80 -0.17
C SER A 78 6.28 7.99 0.84
N PRO A 79 6.51 9.25 1.25
CA PRO A 79 7.56 9.58 2.24
C PRO A 79 7.18 9.11 3.65
N TYR A 80 6.07 8.46 3.80
CA TYR A 80 5.66 7.98 5.14
C TYR A 80 6.67 6.95 5.65
N ASP A 81 6.62 6.62 6.91
CA ASP A 81 7.59 5.63 7.46
C ASP A 81 6.85 4.33 7.78
N TYR A 82 5.68 4.14 7.24
CA TYR A 82 4.92 2.89 7.51
C TYR A 82 4.26 2.41 6.22
N ILE A 83 3.23 1.62 6.32
CA ILE A 83 2.55 1.13 5.09
C ILE A 83 1.04 1.39 5.20
N LEU A 84 0.41 1.67 4.09
CA LEU A 84 -1.06 1.94 4.13
C LEU A 84 -1.78 0.78 3.42
N LEU A 85 -2.84 0.28 4.00
CA LEU A 85 -3.57 -0.84 3.36
C LEU A 85 -4.88 -0.34 2.74
N ASN A 86 -5.24 -0.87 1.60
CA ASN A 86 -6.50 -0.44 0.94
C ASN A 86 -7.60 -1.47 1.23
N PRO A 87 -8.80 -0.99 1.59
CA PRO A 87 -9.94 -1.87 1.90
C PRO A 87 -10.39 -2.69 0.70
N SER A 88 -10.09 -2.24 -0.48
CA SER A 88 -10.51 -3.01 -1.70
C SER A 88 -9.57 -4.21 -1.88
N ASP A 89 -8.33 -4.06 -1.49
CA ASP A 89 -7.37 -5.19 -1.64
C ASP A 89 -7.57 -6.19 -0.50
N VAL A 90 -7.88 -5.71 0.67
CA VAL A 90 -8.09 -6.63 1.82
C VAL A 90 -9.57 -6.61 2.22
N PRO A 91 -10.43 -7.17 1.36
CA PRO A 91 -11.88 -7.21 1.61
C PRO A 91 -12.23 -8.18 2.75
N TRP A 92 -11.36 -9.12 3.03
CA TRP A 92 -11.64 -10.10 4.12
C TRP A 92 -11.50 -9.39 5.48
N LEU A 93 -10.67 -8.39 5.55
CA LEU A 93 -10.48 -7.67 6.84
C LEU A 93 -11.78 -6.93 7.20
N MET A 94 -12.47 -6.41 6.23
CA MET A 94 -13.73 -5.69 6.52
C MET A 94 -14.77 -6.67 7.05
N LYS A 95 -14.75 -7.89 6.59
CA LYS A 95 -15.73 -8.89 7.07
C LYS A 95 -15.13 -9.69 8.22
N LYS A 96 -15.90 -10.01 9.21
CA LYS A 96 -15.37 -10.79 10.36
C LYS A 96 -16.24 -12.03 10.58
N PRO A 97 -16.02 -13.08 9.77
CA PRO A 97 -16.77 -14.33 9.88
C PRO A 97 -16.41 -15.11 11.14
N LEU A 98 -17.37 -15.76 11.75
CA LEU A 98 -17.07 -16.53 12.99
C LEU A 98 -15.90 -17.48 12.73
N GLN A 8 -3.28 -0.47 17.63
CA GLN A 8 -2.91 -1.87 17.30
C GLN A 8 -2.80 -2.03 15.80
N PRO A 9 -1.59 -1.83 15.25
CA PRO A 9 -1.34 -1.96 13.81
C PRO A 9 -1.41 -3.42 13.34
N LEU A 10 -1.70 -3.64 12.09
CA LEU A 10 -1.79 -5.04 11.59
C LEU A 10 -0.39 -5.56 11.28
N GLU A 11 -0.27 -6.77 10.83
CA GLU A 11 1.07 -7.33 10.51
C GLU A 11 1.21 -7.50 9.00
N ALA A 12 2.36 -7.18 8.47
CA ALA A 12 2.56 -7.31 7.00
C ALA A 12 4.01 -7.69 6.71
N GLU A 13 4.25 -8.43 5.67
CA GLU A 13 5.65 -8.83 5.33
C GLU A 13 5.92 -8.51 3.86
N ILE A 14 6.84 -7.62 3.60
CA ILE A 14 7.17 -7.26 2.19
C ILE A 14 8.57 -7.76 1.85
N LYS A 15 8.69 -8.50 0.77
CA LYS A 15 10.02 -9.00 0.37
C LYS A 15 10.62 -9.84 1.51
N GLY A 16 9.79 -10.38 2.35
CA GLY A 16 10.31 -11.21 3.48
C GLY A 16 10.56 -10.30 4.69
N THR A 17 10.51 -9.01 4.50
CA THR A 17 10.75 -8.09 5.64
C THR A 17 9.48 -7.99 6.49
N LYS A 18 9.58 -8.24 7.76
CA LYS A 18 8.38 -8.16 8.63
C LYS A 18 8.22 -6.74 9.17
N LEU A 19 7.15 -6.08 8.83
CA LEU A 19 6.94 -4.69 9.31
C LEU A 19 5.49 -4.53 9.77
N LYS A 20 5.23 -3.58 10.62
CA LYS A 20 3.84 -3.36 11.10
C LYS A 20 3.08 -2.48 10.11
N ALA A 21 1.79 -2.62 10.02
CA ALA A 21 1.01 -1.78 9.07
C ALA A 21 -0.24 -1.23 9.78
N HIS A 22 -1.04 -0.47 9.08
CA HIS A 22 -2.26 0.10 9.71
C HIS A 22 -3.45 -0.09 8.78
N TRP A 23 -4.55 -0.59 9.28
CA TRP A 23 -5.74 -0.79 8.41
C TRP A 23 -6.59 0.48 8.42
N ASP A 24 -6.77 1.08 7.27
CA ASP A 24 -7.59 2.34 7.21
C ASP A 24 -8.66 2.19 6.13
N SER A 25 -9.88 1.94 6.53
CA SER A 25 -10.97 1.80 5.52
C SER A 25 -11.03 3.04 4.63
N GLY A 26 -10.69 4.18 5.17
CA GLY A 26 -10.73 5.43 4.36
C GLY A 26 -9.78 5.29 3.15
N ALA A 27 -8.67 4.65 3.33
CA ALA A 27 -7.71 4.49 2.20
C ALA A 27 -8.32 3.55 1.16
N THR A 28 -8.06 3.80 -0.10
CA THR A 28 -8.63 2.92 -1.16
C THR A 28 -7.48 2.16 -1.86
N ILE A 29 -6.26 2.46 -1.51
CA ILE A 29 -5.11 1.75 -2.15
C ILE A 29 -4.02 1.50 -1.10
N THR A 30 -3.33 0.41 -1.21
CA THR A 30 -2.25 0.11 -0.22
C THR A 30 -1.13 1.13 -0.36
N CYS A 31 -0.56 1.55 0.74
CA CYS A 31 0.55 2.55 0.68
C CYS A 31 1.76 2.04 1.45
N VAL A 32 2.93 2.18 0.89
CA VAL A 32 4.15 1.71 1.58
C VAL A 32 5.22 2.82 1.54
N PRO A 33 6.27 2.70 2.37
CA PRO A 33 7.33 3.69 2.41
C PRO A 33 8.31 3.53 1.23
N GLU A 34 8.59 4.59 0.53
CA GLU A 34 9.52 4.50 -0.63
C GLU A 34 10.69 3.58 -0.29
N ALA A 35 11.04 3.49 0.97
CA ALA A 35 12.18 2.61 1.36
C ALA A 35 11.98 1.22 0.75
N PHE A 36 10.76 0.82 0.53
CA PHE A 36 10.52 -0.54 -0.06
C PHE A 36 10.33 -0.40 -1.57
N LEU A 37 10.25 0.80 -2.07
CA LEU A 37 10.06 0.99 -3.53
C LEU A 37 11.35 1.51 -4.16
N GLU A 38 12.34 1.81 -3.36
CA GLU A 38 13.61 2.32 -3.93
C GLU A 38 14.06 1.41 -5.08
N ASP A 39 13.67 0.17 -5.05
CA ASP A 39 14.06 -0.76 -6.15
C ASP A 39 12.80 -1.34 -6.79
N GLU A 40 11.72 -0.63 -6.73
CA GLU A 40 10.46 -1.12 -7.34
C GLU A 40 10.22 -0.44 -8.68
N ARG A 41 9.43 -1.02 -9.53
CA ARG A 41 9.15 -0.40 -10.86
C ARG A 41 7.65 -0.14 -10.99
N PRO A 42 7.27 1.08 -11.39
CA PRO A 42 5.86 1.45 -11.56
C PRO A 42 5.23 0.79 -12.78
N ILE A 43 4.22 0.00 -12.59
CA ILE A 43 3.57 -0.67 -13.75
C ILE A 43 2.75 0.36 -14.54
N GLN A 44 2.18 1.31 -13.86
CA GLN A 44 1.38 2.35 -14.55
C GLN A 44 1.65 3.71 -13.89
N THR A 45 1.42 4.78 -14.60
CA THR A 45 1.68 6.12 -14.00
C THR A 45 0.43 6.99 -14.11
N MET A 46 0.31 7.98 -13.28
CA MET A 46 -0.88 8.87 -13.33
C MET A 46 -0.43 10.33 -13.29
N LEU A 47 -1.14 11.20 -13.96
CA LEU A 47 -0.76 12.65 -13.95
C LEU A 47 -1.67 13.42 -13.00
N ILE A 48 -1.10 14.16 -12.09
CA ILE A 48 -1.94 14.94 -11.14
C ILE A 48 -1.69 16.44 -11.35
N LYS A 49 -2.72 17.23 -11.34
CA LYS A 49 -2.54 18.70 -11.55
C LYS A 49 -3.21 19.46 -10.40
N THR A 50 -2.50 20.38 -9.80
CA THR A 50 -3.09 21.15 -8.67
C THR A 50 -2.90 22.65 -8.92
N ILE A 51 -3.69 23.47 -8.31
CA ILE A 51 -3.55 24.95 -8.52
C ILE A 51 -2.13 25.37 -8.18
N HIS A 52 -1.52 24.74 -7.20
CA HIS A 52 -0.13 25.11 -6.82
C HIS A 52 0.83 24.71 -7.94
N GLY A 53 0.63 23.57 -8.53
CA GLY A 53 1.53 23.12 -9.62
C GLY A 53 1.10 21.74 -10.11
N GLU A 54 1.90 21.12 -10.94
CA GLU A 54 1.54 19.77 -11.45
C GLU A 54 2.27 18.69 -10.65
N LYS A 55 1.58 17.66 -10.23
CA LYS A 55 2.25 16.59 -9.45
C LYS A 55 2.21 15.28 -10.25
N GLN A 56 3.23 14.47 -10.13
CA GLN A 56 3.25 13.19 -10.88
C GLN A 56 3.16 12.02 -9.91
N GLN A 57 2.19 11.17 -10.07
CA GLN A 57 2.06 10.00 -9.16
C GLN A 57 1.98 8.72 -9.98
N ASP A 58 2.73 7.72 -9.63
CA ASP A 58 2.69 6.44 -10.39
C ASP A 58 2.29 5.30 -9.45
N VAL A 59 1.71 4.26 -9.98
CA VAL A 59 1.29 3.13 -9.11
C VAL A 59 2.35 2.02 -9.18
N TYR A 60 2.49 1.26 -8.13
CA TYR A 60 3.50 0.17 -8.14
C TYR A 60 2.85 -1.14 -7.71
N TYR A 61 3.00 -2.18 -8.50
CA TYR A 61 2.40 -3.49 -8.15
C TYR A 61 3.38 -4.26 -7.25
N LEU A 62 3.03 -4.48 -6.02
CA LEU A 62 3.96 -5.21 -5.12
C LEU A 62 3.30 -6.48 -4.58
N THR A 63 4.09 -7.38 -4.05
CA THR A 63 3.53 -8.65 -3.51
C THR A 63 3.98 -8.78 -2.04
N PHE A 64 3.06 -8.87 -1.13
CA PHE A 64 3.44 -9.00 0.30
C PHE A 64 2.45 -9.90 1.04
N LYS A 65 2.82 -10.37 2.21
CA LYS A 65 1.89 -11.24 2.99
C LYS A 65 1.03 -10.37 3.91
N VAL A 66 -0.26 -10.60 3.93
CA VAL A 66 -1.15 -9.79 4.81
C VAL A 66 -1.69 -10.67 5.93
N GLN A 67 -1.09 -10.60 7.09
CA GLN A 67 -1.57 -11.43 8.23
C GLN A 67 -1.42 -12.91 7.89
N GLY A 68 -0.36 -13.25 7.19
CA GLY A 68 -0.15 -14.68 6.82
C GLY A 68 -0.95 -15.00 5.56
N ARG A 69 -1.06 -14.06 4.66
CA ARG A 69 -1.83 -14.30 3.41
C ARG A 69 -1.14 -13.62 2.23
N LYS A 70 -0.82 -14.36 1.21
CA LYS A 70 -0.13 -13.76 0.04
C LYS A 70 -1.11 -12.84 -0.71
N VAL A 71 -0.76 -11.58 -0.85
CA VAL A 71 -1.66 -10.65 -1.57
C VAL A 71 -0.83 -9.69 -2.43
N GLU A 72 -1.24 -9.47 -3.65
CA GLU A 72 -0.48 -8.56 -4.54
C GLU A 72 -1.41 -7.48 -5.09
N ALA A 73 -1.00 -6.24 -5.03
CA ALA A 73 -1.86 -5.15 -5.55
C ALA A 73 -1.02 -3.91 -5.83
N GLU A 74 -1.63 -2.83 -6.24
CA GLU A 74 -0.87 -1.59 -6.52
C GLU A 74 -0.55 -0.88 -5.21
N VAL A 75 0.50 -0.11 -5.17
CA VAL A 75 0.84 0.60 -3.90
C VAL A 75 1.44 1.97 -4.23
N LEU A 76 1.39 2.88 -3.30
CA LEU A 76 1.96 4.24 -3.55
C LEU A 76 3.10 4.49 -2.58
N ALA A 77 4.12 5.17 -3.01
CA ALA A 77 5.26 5.45 -2.10
C ALA A 77 4.92 6.62 -1.17
N SER A 78 5.25 6.51 0.08
CA SER A 78 4.94 7.61 1.04
C SER A 78 6.09 7.76 2.03
N PRO A 79 6.29 8.99 2.54
CA PRO A 79 7.36 9.28 3.51
C PRO A 79 7.02 8.72 4.90
N TYR A 80 5.95 7.99 5.01
CA TYR A 80 5.57 7.42 6.33
C TYR A 80 6.64 6.42 6.79
N ASP A 81 6.45 5.81 7.93
CA ASP A 81 7.45 4.82 8.42
C ASP A 81 6.78 3.45 8.57
N TYR A 82 5.62 3.28 7.98
CA TYR A 82 4.92 1.97 8.08
C TYR A 82 4.24 1.67 6.74
N ILE A 83 3.23 0.85 6.76
CA ILE A 83 2.53 0.52 5.49
C ILE A 83 1.02 0.71 5.66
N LEU A 84 0.41 1.46 4.78
CA LEU A 84 -1.07 1.67 4.90
C LEU A 84 -1.78 0.49 4.23
N LEU A 85 -2.82 -0.01 4.85
CA LEU A 85 -3.54 -1.17 4.27
C LEU A 85 -4.83 -0.70 3.60
N ASN A 86 -5.19 -1.31 2.50
CA ASN A 86 -6.44 -0.91 1.79
C ASN A 86 -7.53 -1.94 2.08
N PRO A 87 -8.73 -1.46 2.44
CA PRO A 87 -9.87 -2.32 2.75
C PRO A 87 -10.35 -3.11 1.53
N SER A 88 -10.20 -2.57 0.36
CA SER A 88 -10.64 -3.29 -0.87
C SER A 88 -9.62 -4.39 -1.19
N ASP A 89 -8.37 -4.17 -0.88
CA ASP A 89 -7.34 -5.21 -1.17
C ASP A 89 -7.50 -6.37 -0.19
N VAL A 90 -7.99 -6.10 0.98
CA VAL A 90 -8.18 -7.19 1.98
C VAL A 90 -9.63 -7.24 2.44
N PRO A 91 -10.51 -7.82 1.59
CA PRO A 91 -11.94 -7.94 1.89
C PRO A 91 -12.21 -8.94 3.02
N TRP A 92 -11.29 -9.82 3.27
CA TRP A 92 -11.50 -10.83 4.35
C TRP A 92 -11.19 -10.19 5.71
N LEU A 93 -10.32 -9.21 5.73
CA LEU A 93 -9.97 -8.56 7.02
C LEU A 93 -11.23 -7.99 7.67
N MET A 94 -12.13 -7.46 6.88
CA MET A 94 -13.39 -6.90 7.45
C MET A 94 -14.38 -8.04 7.70
N LYS A 95 -14.97 -8.07 8.87
CA LYS A 95 -15.95 -9.15 9.17
C LYS A 95 -17.09 -9.11 8.16
N LYS A 96 -17.44 -7.95 7.69
CA LYS A 96 -18.54 -7.83 6.69
C LYS A 96 -19.81 -8.48 7.27
N PRO A 97 -20.39 -7.87 8.30
CA PRO A 97 -21.61 -8.37 8.95
C PRO A 97 -22.83 -8.21 8.04
N LEU A 98 -23.75 -9.14 8.09
CA LEU A 98 -24.97 -9.04 7.24
C LEU A 98 -26.20 -9.47 8.05
N GLN A 8 -1.97 1.32 17.39
CA GLN A 8 -1.70 -0.13 17.17
C GLN A 8 -1.85 -0.46 15.69
N PRO A 9 -0.75 -0.36 14.93
CA PRO A 9 -0.74 -0.63 13.49
C PRO A 9 -0.91 -2.13 13.21
N LEU A 10 -1.31 -2.47 12.01
CA LEU A 10 -1.49 -3.92 11.67
C LEU A 10 -0.14 -4.54 11.31
N GLU A 11 -0.11 -5.81 11.07
CA GLU A 11 1.17 -6.48 10.71
C GLU A 11 1.21 -6.76 9.21
N ALA A 12 2.34 -6.57 8.59
CA ALA A 12 2.44 -6.84 7.13
C ALA A 12 3.88 -7.23 6.78
N GLU A 13 4.06 -7.99 5.73
CA GLU A 13 5.43 -8.41 5.35
C GLU A 13 5.66 -8.12 3.86
N ILE A 14 6.57 -7.26 3.55
CA ILE A 14 6.84 -6.93 2.13
C ILE A 14 8.20 -7.49 1.72
N LYS A 15 8.26 -8.22 0.64
CA LYS A 15 9.56 -8.81 0.19
C LYS A 15 10.13 -9.69 1.30
N GLY A 16 9.30 -10.16 2.19
CA GLY A 16 9.80 -11.04 3.28
C GLY A 16 10.21 -10.18 4.48
N THR A 17 10.09 -8.88 4.36
CA THR A 17 10.48 -8.00 5.50
C THR A 17 9.25 -7.70 6.36
N LYS A 18 9.37 -7.82 7.65
CA LYS A 18 8.21 -7.55 8.54
C LYS A 18 8.11 -6.04 8.80
N LEU A 19 7.00 -5.45 8.46
CA LEU A 19 6.85 -3.98 8.68
C LEU A 19 5.45 -3.69 9.20
N LYS A 20 5.26 -2.57 9.85
CA LYS A 20 3.91 -2.23 10.38
C LYS A 20 3.05 -1.62 9.26
N ALA A 21 1.77 -1.86 9.28
CA ALA A 21 0.90 -1.30 8.21
C ALA A 21 -0.36 -0.71 8.86
N HIS A 22 -1.03 0.16 8.16
CA HIS A 22 -2.26 0.79 8.74
C HIS A 22 -3.45 0.53 7.80
N TRP A 23 -4.56 0.12 8.33
CA TRP A 23 -5.75 -0.16 7.48
C TRP A 23 -6.65 1.07 7.44
N ASP A 24 -6.91 1.60 6.28
CA ASP A 24 -7.78 2.80 6.18
C ASP A 24 -8.85 2.57 5.11
N SER A 25 -10.06 2.29 5.51
CA SER A 25 -11.13 2.05 4.50
C SER A 25 -11.25 3.26 3.58
N GLY A 26 -10.71 4.38 3.98
CA GLY A 26 -10.79 5.60 3.12
C GLY A 26 -9.86 5.45 1.92
N ALA A 27 -8.72 4.82 2.10
CA ALA A 27 -7.77 4.64 0.97
C ALA A 27 -8.36 3.66 -0.04
N THR A 28 -8.18 3.93 -1.31
CA THR A 28 -8.73 3.01 -2.35
C THR A 28 -7.58 2.22 -2.99
N ILE A 29 -6.37 2.47 -2.57
CA ILE A 29 -5.21 1.74 -3.16
C ILE A 29 -4.17 1.50 -2.05
N THR A 30 -3.39 0.46 -2.19
CA THR A 30 -2.36 0.16 -1.15
C THR A 30 -1.30 1.28 -1.15
N CYS A 31 -0.71 1.54 -0.02
CA CYS A 31 0.32 2.61 0.05
C CYS A 31 1.62 2.01 0.59
N VAL A 32 2.73 2.43 0.06
CA VAL A 32 4.03 1.89 0.52
C VAL A 32 5.07 3.01 0.52
N PRO A 33 6.02 2.97 1.47
CA PRO A 33 7.07 3.98 1.57
C PRO A 33 8.18 3.75 0.54
N GLU A 34 8.56 4.77 -0.16
CA GLU A 34 9.63 4.61 -1.19
C GLU A 34 10.75 3.70 -0.65
N ALA A 35 10.93 3.69 0.64
CA ALA A 35 11.98 2.82 1.23
C ALA A 35 11.83 1.40 0.69
N PHE A 36 10.62 1.00 0.39
CA PHE A 36 10.38 -0.37 -0.12
C PHE A 36 10.29 -0.34 -1.65
N LEU A 37 10.42 0.81 -2.24
CA LEU A 37 10.33 0.90 -3.73
C LEU A 37 11.69 1.29 -4.31
N GLU A 38 12.66 1.54 -3.48
CA GLU A 38 14.00 1.92 -4.01
C GLU A 38 14.45 0.89 -5.04
N ASP A 39 13.94 -0.31 -4.95
CA ASP A 39 14.34 -1.36 -5.93
C ASP A 39 13.08 -1.94 -6.57
N GLU A 40 12.03 -1.16 -6.65
CA GLU A 40 10.77 -1.68 -7.26
C GLU A 40 10.61 -1.11 -8.67
N ARG A 41 9.63 -1.58 -9.39
CA ARG A 41 9.42 -1.08 -10.78
C ARG A 41 7.93 -0.75 -10.97
N PRO A 42 7.64 0.47 -11.45
CA PRO A 42 6.26 0.92 -11.67
C PRO A 42 5.63 0.26 -12.90
N ILE A 43 4.52 -0.40 -12.73
CA ILE A 43 3.85 -1.05 -13.88
C ILE A 43 2.97 -0.03 -14.61
N GLN A 44 2.48 0.95 -13.90
CA GLN A 44 1.62 1.98 -14.55
C GLN A 44 1.90 3.34 -13.90
N THR A 45 1.45 4.40 -14.51
CA THR A 45 1.70 5.75 -13.93
C THR A 45 0.37 6.49 -13.73
N MET A 46 0.31 7.36 -12.76
CA MET A 46 -0.94 8.12 -12.51
C MET A 46 -0.61 9.57 -12.20
N LEU A 47 -1.41 10.49 -12.67
CA LEU A 47 -1.13 11.93 -12.40
C LEU A 47 -1.94 12.39 -11.19
N ILE A 48 -1.32 13.06 -10.27
CA ILE A 48 -2.05 13.55 -9.06
C ILE A 48 -1.99 15.07 -9.00
N LYS A 49 -3.10 15.72 -8.76
CA LYS A 49 -3.10 17.21 -8.71
C LYS A 49 -3.43 17.66 -7.28
N THR A 50 -2.71 18.63 -6.77
CA THR A 50 -2.98 19.12 -5.39
C THR A 50 -3.12 20.64 -5.41
N ILE A 51 -3.77 21.20 -4.43
CA ILE A 51 -3.94 22.68 -4.38
C ILE A 51 -2.57 23.35 -4.44
N HIS A 52 -1.59 22.78 -3.80
CA HIS A 52 -0.23 23.38 -3.82
C HIS A 52 0.34 23.32 -5.24
N GLY A 53 0.09 22.23 -5.93
CA GLY A 53 0.63 22.11 -7.31
C GLY A 53 0.23 20.75 -7.89
N GLU A 54 0.69 20.43 -9.07
CA GLU A 54 0.33 19.12 -9.68
C GLU A 54 1.53 18.17 -9.62
N LYS A 55 1.35 16.99 -9.12
CA LYS A 55 2.48 16.03 -9.04
C LYS A 55 2.03 14.67 -9.60
N GLN A 56 2.86 14.03 -10.37
CA GLN A 56 2.49 12.71 -10.95
C GLN A 56 3.40 11.62 -10.37
N GLN A 57 2.82 10.55 -9.89
CA GLN A 57 3.64 9.46 -9.33
C GLN A 57 3.37 8.17 -10.10
N ASP A 58 4.26 7.21 -10.03
CA ASP A 58 4.05 5.95 -10.78
C ASP A 58 3.50 4.88 -9.82
N VAL A 59 2.58 4.07 -10.29
CA VAL A 59 2.01 3.01 -9.42
C VAL A 59 2.95 1.80 -9.42
N TYR A 60 2.97 1.05 -8.35
CA TYR A 60 3.88 -0.13 -8.31
C TYR A 60 3.10 -1.36 -7.82
N TYR A 61 3.29 -2.48 -8.47
CA TYR A 61 2.58 -3.72 -8.04
C TYR A 61 3.55 -4.57 -7.22
N LEU A 62 3.28 -4.75 -5.95
CA LEU A 62 4.20 -5.57 -5.11
C LEU A 62 3.44 -6.73 -4.47
N THR A 63 4.17 -7.65 -3.88
CA THR A 63 3.53 -8.82 -3.22
C THR A 63 3.91 -8.83 -1.74
N PHE A 64 2.95 -8.68 -0.86
CA PHE A 64 3.28 -8.68 0.59
C PHE A 64 2.26 -9.53 1.35
N LYS A 65 2.62 -9.99 2.52
CA LYS A 65 1.66 -10.82 3.31
C LYS A 65 0.83 -9.92 4.21
N VAL A 66 -0.47 -10.06 4.18
CA VAL A 66 -1.34 -9.20 5.04
C VAL A 66 -1.88 -10.02 6.21
N GLN A 67 -1.31 -9.87 7.37
CA GLN A 67 -1.78 -10.65 8.55
C GLN A 67 -1.54 -12.14 8.30
N GLY A 68 -0.43 -12.48 7.71
CA GLY A 68 -0.13 -13.91 7.45
C GLY A 68 -0.91 -14.37 6.22
N ARG A 69 -1.13 -13.50 5.28
CA ARG A 69 -1.89 -13.88 4.06
C ARG A 69 -1.22 -13.27 2.83
N LYS A 70 -0.69 -14.08 1.96
CA LYS A 70 -0.03 -13.55 0.74
C LYS A 70 -1.03 -12.77 -0.10
N VAL A 71 -0.76 -11.53 -0.37
CA VAL A 71 -1.71 -10.71 -1.19
C VAL A 71 -0.92 -9.73 -2.05
N GLU A 72 -1.19 -9.69 -3.32
CA GLU A 72 -0.45 -8.75 -4.22
C GLU A 72 -1.37 -7.60 -4.64
N ALA A 73 -0.86 -6.40 -4.64
CA ALA A 73 -1.71 -5.24 -5.03
C ALA A 73 -0.81 -4.07 -5.42
N GLU A 74 -1.37 -3.07 -6.05
CA GLU A 74 -0.55 -1.89 -6.45
C GLU A 74 -0.36 -0.98 -5.24
N VAL A 75 0.82 -0.42 -5.09
CA VAL A 75 1.06 0.48 -3.92
C VAL A 75 1.72 1.77 -4.41
N LEU A 76 1.53 2.84 -3.68
CA LEU A 76 2.14 4.14 -4.10
C LEU A 76 3.30 4.48 -3.17
N ALA A 77 4.31 5.14 -3.66
CA ALA A 77 5.46 5.51 -2.80
C ALA A 77 5.10 6.73 -1.96
N SER A 78 5.51 6.74 -0.71
CA SER A 78 5.19 7.90 0.16
C SER A 78 6.28 8.03 1.23
N PRO A 79 6.49 9.27 1.72
CA PRO A 79 7.51 9.53 2.76
C PRO A 79 7.11 8.95 4.12
N TYR A 80 6.00 8.27 4.18
CA TYR A 80 5.57 7.69 5.48
C TYR A 80 6.55 6.59 5.90
N ASP A 81 6.44 6.11 7.11
CA ASP A 81 7.37 5.04 7.58
C ASP A 81 6.59 3.75 7.82
N TYR A 82 5.44 3.62 7.20
CA TYR A 82 4.62 2.38 7.39
C TYR A 82 3.97 2.01 6.06
N ILE A 83 3.01 1.12 6.09
CA ILE A 83 2.34 0.72 4.82
C ILE A 83 0.82 0.76 5.02
N LEU A 84 0.13 1.57 4.28
CA LEU A 84 -1.36 1.64 4.42
C LEU A 84 -1.98 0.51 3.60
N LEU A 85 -2.92 -0.19 4.16
CA LEU A 85 -3.57 -1.31 3.41
C LEU A 85 -4.87 -0.83 2.78
N ASN A 86 -5.17 -1.27 1.59
CA ASN A 86 -6.42 -0.86 0.92
C ASN A 86 -7.54 -1.83 1.28
N PRO A 87 -8.73 -1.31 1.61
CA PRO A 87 -9.89 -2.12 1.98
C PRO A 87 -10.37 -3.01 0.82
N SER A 88 -10.24 -2.54 -0.39
CA SER A 88 -10.67 -3.35 -1.55
C SER A 88 -9.70 -4.52 -1.75
N ASP A 89 -8.47 -4.34 -1.35
CA ASP A 89 -7.47 -5.42 -1.51
C ASP A 89 -7.65 -6.45 -0.39
N VAL A 90 -8.10 -6.01 0.75
CA VAL A 90 -8.30 -6.96 1.88
C VAL A 90 -9.77 -6.93 2.31
N PRO A 91 -10.64 -7.56 1.49
CA PRO A 91 -12.08 -7.62 1.76
C PRO A 91 -12.40 -8.51 2.96
N TRP A 92 -11.49 -9.37 3.34
CA TRP A 92 -11.74 -10.27 4.49
C TRP A 92 -11.47 -9.52 5.80
N LEU A 93 -10.62 -8.53 5.75
CA LEU A 93 -10.31 -7.75 6.99
C LEU A 93 -11.60 -7.10 7.51
N MET A 94 -12.49 -6.74 6.64
CA MET A 94 -13.76 -6.10 7.08
C MET A 94 -14.74 -7.18 7.55
N LYS A 95 -15.32 -7.02 8.71
CA LYS A 95 -16.28 -8.04 9.21
C LYS A 95 -17.58 -7.96 8.39
N LYS A 96 -18.14 -9.09 8.05
CA LYS A 96 -19.39 -9.08 7.25
C LYS A 96 -20.54 -8.53 8.10
N PRO A 97 -21.42 -7.72 7.50
CA PRO A 97 -22.57 -7.12 8.20
C PRO A 97 -23.62 -8.16 8.56
N LEU A 98 -23.62 -9.28 7.89
CA LEU A 98 -24.63 -10.34 8.19
C LEU A 98 -26.01 -9.70 8.33
N GLN A 8 -2.66 1.81 16.65
CA GLN A 8 -3.07 0.39 16.46
C GLN A 8 -2.88 0.00 15.00
N PRO A 9 -1.62 0.01 14.53
CA PRO A 9 -1.30 -0.36 13.14
C PRO A 9 -1.49 -1.86 12.89
N LEU A 10 -1.66 -2.24 11.66
CA LEU A 10 -1.86 -3.69 11.35
C LEU A 10 -0.49 -4.34 11.09
N GLU A 11 -0.49 -5.60 10.75
CA GLU A 11 0.80 -6.30 10.48
C GLU A 11 0.88 -6.65 8.99
N ALA A 12 2.00 -6.40 8.37
CA ALA A 12 2.13 -6.73 6.93
C ALA A 12 3.59 -7.11 6.62
N GLU A 13 3.79 -8.01 5.70
CA GLU A 13 5.18 -8.42 5.35
C GLU A 13 5.42 -8.18 3.86
N ILE A 14 6.41 -7.38 3.54
CA ILE A 14 6.69 -7.11 2.11
C ILE A 14 8.05 -7.69 1.72
N LYS A 15 8.10 -8.48 0.68
CA LYS A 15 9.40 -9.07 0.25
C LYS A 15 9.98 -9.89 1.41
N GLY A 16 9.15 -10.37 2.29
CA GLY A 16 9.67 -11.17 3.43
C GLY A 16 9.96 -10.25 4.61
N THR A 17 10.00 -8.97 4.38
CA THR A 17 10.29 -8.02 5.49
C THR A 17 9.01 -7.80 6.30
N LYS A 18 9.09 -7.89 7.60
CA LYS A 18 7.89 -7.68 8.45
C LYS A 18 7.85 -6.24 8.95
N LEU A 19 6.78 -5.54 8.69
CA LEU A 19 6.68 -4.13 9.15
C LEU A 19 5.24 -3.83 9.56
N LYS A 20 5.02 -2.78 10.30
CA LYS A 20 3.64 -2.44 10.74
C LYS A 20 2.98 -1.54 9.69
N ALA A 21 1.69 -1.65 9.50
CA ALA A 21 1.00 -0.80 8.50
C ALA A 21 -0.23 -0.15 9.15
N HIS A 22 -0.92 0.69 8.42
CA HIS A 22 -2.12 1.35 8.99
C HIS A 22 -3.31 1.14 8.06
N TRP A 23 -4.42 0.70 8.59
CA TRP A 23 -5.61 0.48 7.72
C TRP A 23 -6.36 1.80 7.52
N ASP A 24 -6.54 2.20 6.30
CA ASP A 24 -7.26 3.48 6.03
C ASP A 24 -8.39 3.22 5.03
N SER A 25 -9.59 3.02 5.51
CA SER A 25 -10.73 2.76 4.59
C SER A 25 -10.81 3.87 3.54
N GLY A 26 -10.48 5.08 3.93
CA GLY A 26 -10.55 6.21 2.96
C GLY A 26 -9.62 5.93 1.77
N ALA A 27 -8.51 5.30 2.00
CA ALA A 27 -7.58 5.01 0.88
C ALA A 27 -8.23 4.03 -0.09
N THR A 28 -8.10 4.25 -1.37
CA THR A 28 -8.71 3.33 -2.37
C THR A 28 -7.64 2.41 -2.94
N ILE A 29 -6.39 2.68 -2.64
CA ILE A 29 -5.30 1.81 -3.18
C ILE A 29 -4.24 1.60 -2.09
N THR A 30 -3.44 0.59 -2.21
CA THR A 30 -2.39 0.33 -1.18
C THR A 30 -1.30 1.39 -1.31
N CYS A 31 -0.66 1.73 -0.22
CA CYS A 31 0.42 2.75 -0.28
C CYS A 31 1.68 2.17 0.35
N VAL A 32 2.77 2.24 -0.36
CA VAL A 32 4.05 1.68 0.18
C VAL A 32 5.14 2.75 0.10
N PRO A 33 6.08 2.74 1.06
CA PRO A 33 7.17 3.72 1.09
C PRO A 33 8.26 3.38 0.07
N GLU A 34 8.69 4.37 -0.69
CA GLU A 34 9.74 4.12 -1.71
C GLU A 34 10.84 3.23 -1.12
N ALA A 35 11.02 3.26 0.17
CA ALA A 35 12.06 2.42 0.80
C ALA A 35 11.94 0.98 0.29
N PHE A 36 10.78 0.60 -0.17
CA PHE A 36 10.59 -0.78 -0.67
C PHE A 36 10.61 -0.77 -2.21
N LEU A 37 10.63 0.39 -2.80
CA LEU A 37 10.65 0.46 -4.29
C LEU A 37 12.02 0.95 -4.77
N GLU A 38 12.88 1.31 -3.86
CA GLU A 38 14.23 1.80 -4.26
C GLU A 38 14.80 0.86 -5.32
N ASP A 39 14.68 -0.42 -5.12
CA ASP A 39 15.23 -1.38 -6.12
C ASP A 39 14.06 -2.03 -6.89
N GLU A 40 12.94 -1.37 -6.95
CA GLU A 40 11.78 -1.95 -7.68
C GLU A 40 11.54 -1.17 -8.98
N ARG A 41 10.46 -1.45 -9.64
CA ARG A 41 10.15 -0.73 -10.92
C ARG A 41 8.65 -0.56 -11.05
N PRO A 42 8.19 0.67 -11.33
CA PRO A 42 6.77 0.99 -11.47
C PRO A 42 6.18 0.37 -12.75
N ILE A 43 5.15 -0.42 -12.60
CA ILE A 43 4.54 -1.06 -13.80
C ILE A 43 3.64 -0.04 -14.52
N GLN A 44 3.12 0.91 -13.80
CA GLN A 44 2.24 1.93 -14.45
C GLN A 44 2.42 3.28 -13.74
N THR A 45 1.98 4.35 -14.37
CA THR A 45 2.13 5.69 -13.74
C THR A 45 0.75 6.23 -13.38
N MET A 46 0.68 7.15 -12.47
CA MET A 46 -0.64 7.72 -12.08
C MET A 46 -0.51 9.22 -11.80
N LEU A 47 -1.44 10.00 -12.27
CA LEU A 47 -1.35 11.48 -12.05
C LEU A 47 -2.16 11.84 -10.81
N ILE A 48 -1.56 12.58 -9.91
CA ILE A 48 -2.29 12.98 -8.67
C ILE A 48 -2.41 14.51 -8.61
N LYS A 49 -3.59 15.01 -8.36
CA LYS A 49 -3.76 16.48 -8.30
C LYS A 49 -4.41 16.87 -6.97
N THR A 50 -3.73 17.67 -6.18
CA THR A 50 -4.31 18.08 -4.87
C THR A 50 -4.63 19.57 -4.89
N ILE A 51 -4.96 20.14 -3.77
CA ILE A 51 -5.29 21.59 -3.72
C ILE A 51 -4.00 22.40 -3.76
N HIS A 52 -3.04 22.04 -2.95
CA HIS A 52 -1.75 22.80 -2.93
C HIS A 52 -1.13 22.78 -4.33
N GLY A 53 -1.22 21.68 -5.02
CA GLY A 53 -0.62 21.61 -6.39
C GLY A 53 -0.87 20.22 -6.99
N GLU A 54 -0.29 19.95 -8.14
CA GLU A 54 -0.50 18.63 -8.77
C GLU A 54 0.83 17.86 -8.78
N LYS A 55 0.81 16.63 -8.36
CA LYS A 55 2.07 15.83 -8.34
C LYS A 55 1.83 14.49 -9.03
N GLN A 56 2.71 14.11 -9.93
CA GLN A 56 2.52 12.81 -10.64
C GLN A 56 3.48 11.77 -10.04
N GLN A 57 2.98 10.63 -9.67
CA GLN A 57 3.85 9.57 -9.08
C GLN A 57 3.63 8.25 -9.82
N ASP A 58 4.61 7.40 -9.83
CA ASP A 58 4.45 6.09 -10.54
C ASP A 58 3.91 5.04 -9.57
N VAL A 59 3.20 4.06 -10.08
CA VAL A 59 2.64 3.01 -9.20
C VAL A 59 3.59 1.81 -9.17
N TYR A 60 3.51 1.00 -8.15
CA TYR A 60 4.43 -0.19 -8.08
C TYR A 60 3.63 -1.42 -7.64
N TYR A 61 3.71 -2.49 -8.39
CA TYR A 61 2.98 -3.73 -8.00
C TYR A 61 3.91 -4.60 -7.15
N LEU A 62 3.54 -4.88 -5.93
CA LEU A 62 4.42 -5.71 -5.07
C LEU A 62 3.61 -6.84 -4.42
N THR A 63 4.29 -7.76 -3.79
CA THR A 63 3.59 -8.89 -3.11
C THR A 63 3.91 -8.87 -1.62
N PHE A 64 2.92 -8.79 -0.78
CA PHE A 64 3.19 -8.76 0.69
C PHE A 64 2.13 -9.59 1.42
N LYS A 65 2.44 -10.04 2.60
CA LYS A 65 1.45 -10.84 3.37
C LYS A 65 0.56 -9.90 4.19
N VAL A 66 -0.74 -10.05 4.11
CA VAL A 66 -1.64 -9.15 4.89
C VAL A 66 -2.19 -9.91 6.09
N GLN A 67 -1.62 -9.72 7.26
CA GLN A 67 -2.11 -10.44 8.46
C GLN A 67 -1.95 -11.93 8.27
N GLY A 68 -0.89 -12.34 7.61
CA GLY A 68 -0.67 -13.80 7.37
C GLY A 68 -1.42 -14.23 6.12
N ARG A 69 -1.57 -13.36 5.17
CA ARG A 69 -2.29 -13.72 3.92
C ARG A 69 -1.52 -13.19 2.71
N LYS A 70 -0.96 -14.06 1.91
CA LYS A 70 -0.19 -13.60 0.72
C LYS A 70 -1.13 -12.85 -0.23
N VAL A 71 -0.87 -11.60 -0.47
CA VAL A 71 -1.74 -10.81 -1.38
C VAL A 71 -0.88 -9.85 -2.20
N GLU A 72 -1.16 -9.75 -3.48
CA GLU A 72 -0.34 -8.83 -4.34
C GLU A 72 -1.23 -7.68 -4.80
N ALA A 73 -0.70 -6.48 -4.79
CA ALA A 73 -1.51 -5.30 -5.24
C ALA A 73 -0.59 -4.15 -5.60
N GLU A 74 -1.11 -3.16 -6.26
CA GLU A 74 -0.26 -1.98 -6.65
C GLU A 74 -0.14 -1.04 -5.46
N VAL A 75 1.04 -0.54 -5.20
CA VAL A 75 1.23 0.38 -4.04
C VAL A 75 1.87 1.69 -4.52
N LEU A 76 1.55 2.78 -3.90
CA LEU A 76 2.15 4.08 -4.31
C LEU A 76 3.39 4.36 -3.45
N ALA A 77 4.41 4.92 -4.03
CA ALA A 77 5.65 5.22 -3.24
C ALA A 77 5.43 6.48 -2.40
N SER A 78 5.79 6.44 -1.15
CA SER A 78 5.60 7.64 -0.28
C SER A 78 6.76 7.75 0.71
N PRO A 79 7.13 8.97 1.10
CA PRO A 79 8.22 9.22 2.04
C PRO A 79 7.85 8.79 3.46
N TYR A 80 6.68 8.24 3.66
CA TYR A 80 6.27 7.80 5.02
C TYR A 80 7.21 6.69 5.50
N ASP A 81 7.08 6.28 6.73
CA ASP A 81 7.96 5.20 7.25
C ASP A 81 7.12 3.96 7.56
N TYR A 82 5.97 3.84 6.96
CA TYR A 82 5.11 2.65 7.22
C TYR A 82 4.37 2.28 5.93
N ILE A 83 3.32 1.53 6.03
CA ILE A 83 2.56 1.13 4.81
C ILE A 83 1.06 1.36 5.03
N LEU A 84 0.35 1.66 3.98
CA LEU A 84 -1.12 1.88 4.10
C LEU A 84 -1.85 0.71 3.44
N LEU A 85 -2.82 0.14 4.11
CA LEU A 85 -3.55 -1.01 3.50
C LEU A 85 -4.88 -0.52 2.93
N ASN A 86 -5.19 -0.93 1.73
CA ASN A 86 -6.47 -0.50 1.09
C ASN A 86 -7.58 -1.48 1.47
N PRO A 87 -8.76 -0.95 1.82
CA PRO A 87 -9.91 -1.79 2.21
C PRO A 87 -10.40 -2.66 1.05
N SER A 88 -10.29 -2.18 -0.16
CA SER A 88 -10.74 -2.99 -1.32
C SER A 88 -9.77 -4.15 -1.54
N ASP A 89 -8.51 -3.94 -1.27
CA ASP A 89 -7.52 -5.04 -1.46
C ASP A 89 -7.71 -6.09 -0.36
N VAL A 90 -8.09 -5.68 0.81
CA VAL A 90 -8.30 -6.66 1.91
C VAL A 90 -9.77 -6.66 2.33
N PRO A 91 -10.62 -7.30 1.53
CA PRO A 91 -12.07 -7.38 1.80
C PRO A 91 -12.36 -8.27 3.02
N TRP A 92 -11.45 -9.13 3.36
CA TRP A 92 -11.67 -10.03 4.53
C TRP A 92 -11.60 -9.20 5.81
N LEU A 93 -10.88 -8.12 5.79
CA LEU A 93 -10.76 -7.26 7.02
C LEU A 93 -12.03 -6.43 7.17
N MET A 94 -12.62 -6.02 6.08
CA MET A 94 -13.86 -5.19 6.17
C MET A 94 -15.00 -6.04 6.74
N LYS A 95 -14.97 -7.33 6.50
CA LYS A 95 -16.05 -8.21 7.02
C LYS A 95 -15.85 -8.42 8.53
N LYS A 96 -16.90 -8.41 9.30
CA LYS A 96 -16.76 -8.61 10.76
C LYS A 96 -17.71 -9.71 11.23
N PRO A 97 -17.32 -10.97 11.04
CA PRO A 97 -18.13 -12.13 11.45
C PRO A 97 -18.21 -12.25 12.97
N LEU A 98 -17.31 -11.63 13.67
CA LEU A 98 -17.33 -11.72 15.16
C LEU A 98 -17.22 -13.19 15.58
N GLN A 8 -3.21 0.97 17.21
CA GLN A 8 -2.94 -0.48 17.00
C GLN A 8 -2.82 -0.76 15.50
N PRO A 9 -1.61 -0.64 14.95
CA PRO A 9 -1.36 -0.88 13.52
C PRO A 9 -1.48 -2.37 13.16
N LEU A 10 -1.82 -2.66 11.94
CA LEU A 10 -1.96 -4.09 11.54
C LEU A 10 -0.57 -4.68 11.26
N GLU A 11 -0.52 -5.89 10.79
CA GLU A 11 0.80 -6.53 10.50
C GLU A 11 0.94 -6.75 9.00
N ALA A 12 2.10 -6.47 8.46
CA ALA A 12 2.30 -6.65 7.00
C ALA A 12 3.76 -7.02 6.73
N GLU A 13 3.99 -7.91 5.80
CA GLU A 13 5.40 -8.31 5.49
C GLU A 13 5.71 -7.99 4.03
N ILE A 14 6.66 -7.13 3.79
CA ILE A 14 7.01 -6.79 2.38
C ILE A 14 8.37 -7.37 2.02
N LYS A 15 8.46 -8.07 0.93
CA LYS A 15 9.77 -8.68 0.54
C LYS A 15 10.30 -9.53 1.68
N GLY A 16 9.44 -10.02 2.53
CA GLY A 16 9.91 -10.86 3.67
C GLY A 16 10.20 -9.98 4.88
N THR A 17 10.23 -8.68 4.69
CA THR A 17 10.52 -7.76 5.83
C THR A 17 9.25 -7.57 6.65
N LYS A 18 9.32 -7.80 7.93
CA LYS A 18 8.12 -7.63 8.80
C LYS A 18 8.01 -6.16 9.23
N LEU A 19 6.89 -5.54 8.97
CA LEU A 19 6.73 -4.11 9.36
C LEU A 19 5.27 -3.84 9.76
N LYS A 20 5.03 -2.84 10.56
CA LYS A 20 3.64 -2.53 10.98
C LYS A 20 2.92 -1.76 9.87
N ALA A 21 1.63 -1.88 9.78
CA ALA A 21 0.88 -1.16 8.72
C ALA A 21 -0.39 -0.54 9.32
N HIS A 22 -1.06 0.30 8.59
CA HIS A 22 -2.31 0.92 9.11
C HIS A 22 -3.44 0.71 8.11
N TRP A 23 -4.62 0.40 8.58
CA TRP A 23 -5.77 0.19 7.65
C TRP A 23 -6.51 1.51 7.45
N ASP A 24 -6.47 2.04 6.25
CA ASP A 24 -7.18 3.33 6.00
C ASP A 24 -8.22 3.14 4.89
N SER A 25 -9.45 2.98 5.25
CA SER A 25 -10.52 2.78 4.22
C SER A 25 -10.57 3.99 3.29
N GLY A 26 -10.15 5.14 3.76
CA GLY A 26 -10.18 6.36 2.90
C GLY A 26 -9.34 6.12 1.65
N ALA A 27 -8.20 5.51 1.79
CA ALA A 27 -7.32 5.25 0.60
C ALA A 27 -8.01 4.25 -0.32
N THR A 28 -7.91 4.44 -1.61
CA THR A 28 -8.56 3.49 -2.56
C THR A 28 -7.50 2.52 -3.10
N ILE A 29 -6.24 2.79 -2.83
CA ILE A 29 -5.17 1.89 -3.32
C ILE A 29 -4.12 1.72 -2.23
N THR A 30 -3.32 0.68 -2.31
CA THR A 30 -2.28 0.45 -1.27
C THR A 30 -1.22 1.55 -1.37
N CYS A 31 -0.55 1.84 -0.28
CA CYS A 31 0.50 2.90 -0.31
C CYS A 31 1.77 2.35 0.36
N VAL A 32 2.83 2.24 -0.39
CA VAL A 32 4.09 1.71 0.19
C VAL A 32 5.15 2.83 0.19
N PRO A 33 6.05 2.82 1.18
CA PRO A 33 7.10 3.84 1.28
C PRO A 33 8.24 3.57 0.30
N GLU A 34 8.65 4.57 -0.43
CA GLU A 34 9.75 4.39 -1.42
C GLU A 34 10.84 3.51 -0.82
N ALA A 35 10.98 3.53 0.48
CA ALA A 35 12.04 2.70 1.13
C ALA A 35 11.94 1.26 0.62
N PHE A 36 10.75 0.82 0.30
CA PHE A 36 10.59 -0.58 -0.20
C PHE A 36 10.51 -0.57 -1.73
N LEU A 37 10.53 0.58 -2.33
CA LEU A 37 10.46 0.65 -3.82
C LEU A 37 11.79 1.13 -4.39
N GLU A 38 12.83 1.14 -3.59
CA GLU A 38 14.15 1.60 -4.09
C GLU A 38 14.60 0.69 -5.24
N ASP A 39 14.08 -0.50 -5.28
CA ASP A 39 14.46 -1.44 -6.38
C ASP A 39 13.19 -1.98 -7.03
N GLU A 40 12.12 -1.22 -6.98
CA GLU A 40 10.85 -1.69 -7.59
C GLU A 40 10.67 -1.05 -8.98
N ARG A 41 9.81 -1.61 -9.78
CA ARG A 41 9.58 -1.04 -11.14
C ARG A 41 8.09 -0.75 -11.31
N PRO A 42 7.76 0.48 -11.76
CA PRO A 42 6.37 0.89 -11.96
C PRO A 42 5.76 0.24 -13.20
N ILE A 43 4.66 -0.45 -13.06
CA ILE A 43 4.01 -1.09 -14.24
C ILE A 43 3.14 -0.07 -14.95
N GLN A 44 2.58 0.86 -14.22
CA GLN A 44 1.72 1.90 -14.85
C GLN A 44 1.94 3.24 -14.16
N THR A 45 1.33 4.29 -14.64
CA THR A 45 1.51 5.61 -13.99
C THR A 45 0.15 6.25 -13.70
N MET A 46 0.08 7.12 -12.74
CA MET A 46 -1.22 7.77 -12.41
C MET A 46 -0.98 9.24 -12.05
N LEU A 47 -1.91 10.10 -12.36
CA LEU A 47 -1.75 11.54 -12.04
C LEU A 47 -2.48 11.87 -10.74
N ILE A 48 -1.81 12.47 -9.80
CA ILE A 48 -2.47 12.81 -8.51
C ILE A 48 -2.48 14.33 -8.34
N LYS A 49 -3.60 14.89 -7.94
CA LYS A 49 -3.67 16.37 -7.76
C LYS A 49 -3.74 16.69 -6.27
N THR A 50 -2.99 17.66 -5.82
CA THR A 50 -3.02 18.02 -4.38
C THR A 50 -3.25 19.53 -4.24
N ILE A 51 -3.74 19.96 -3.10
CA ILE A 51 -3.99 21.42 -2.91
C ILE A 51 -2.71 22.21 -3.24
N HIS A 52 -1.58 21.70 -2.83
CA HIS A 52 -0.30 22.43 -3.12
C HIS A 52 -0.09 22.50 -4.63
N GLY A 53 -0.47 21.48 -5.35
CA GLY A 53 -0.27 21.49 -6.82
C GLY A 53 -0.55 20.09 -7.38
N GLU A 54 -0.35 19.91 -8.66
CA GLU A 54 -0.60 18.59 -9.27
C GLU A 54 0.70 17.78 -9.31
N LYS A 55 0.65 16.55 -8.90
CA LYS A 55 1.89 15.72 -8.90
C LYS A 55 1.60 14.36 -9.55
N GLN A 56 2.45 13.92 -10.44
CA GLN A 56 2.21 12.62 -11.11
C GLN A 56 3.20 11.58 -10.58
N GLN A 57 2.71 10.44 -10.15
CA GLN A 57 3.61 9.39 -9.63
C GLN A 57 3.36 8.09 -10.38
N ASP A 58 4.29 7.17 -10.34
CA ASP A 58 4.11 5.88 -11.06
C ASP A 58 3.58 4.82 -10.10
N VAL A 59 2.68 3.98 -10.57
CA VAL A 59 2.13 2.92 -9.68
C VAL A 59 3.09 1.72 -9.67
N TYR A 60 3.13 0.99 -8.59
CA TYR A 60 4.05 -0.19 -8.54
C TYR A 60 3.30 -1.42 -8.04
N TYR A 61 3.53 -2.55 -8.65
CA TYR A 61 2.84 -3.79 -8.20
C TYR A 61 3.80 -4.61 -7.34
N LEU A 62 3.52 -4.74 -6.08
CA LEU A 62 4.43 -5.52 -5.19
C LEU A 62 3.69 -6.67 -4.53
N THR A 63 4.39 -7.52 -3.83
CA THR A 63 3.75 -8.66 -3.14
C THR A 63 4.10 -8.62 -1.65
N PHE A 64 3.11 -8.63 -0.79
CA PHE A 64 3.42 -8.58 0.67
C PHE A 64 2.41 -9.42 1.43
N LYS A 65 2.75 -9.84 2.61
CA LYS A 65 1.81 -10.67 3.43
C LYS A 65 0.92 -9.74 4.26
N VAL A 66 -0.37 -9.95 4.22
CA VAL A 66 -1.29 -9.09 5.01
C VAL A 66 -1.90 -9.90 6.16
N GLN A 67 -1.44 -9.68 7.36
CA GLN A 67 -1.99 -10.45 8.51
C GLN A 67 -1.70 -11.93 8.32
N GLY A 68 -0.57 -12.26 7.76
CA GLY A 68 -0.23 -13.70 7.54
C GLY A 68 -0.95 -14.20 6.28
N ARG A 69 -1.15 -13.34 5.32
CA ARG A 69 -1.84 -13.78 4.07
C ARG A 69 -1.12 -13.19 2.86
N LYS A 70 -0.57 -14.01 2.02
CA LYS A 70 0.14 -13.50 0.82
C LYS A 70 -0.85 -12.74 -0.07
N VAL A 71 -0.59 -11.47 -0.32
CA VAL A 71 -1.51 -10.68 -1.19
C VAL A 71 -0.70 -9.73 -2.07
N GLU A 72 -0.94 -9.73 -3.34
CA GLU A 72 -0.19 -8.83 -4.25
C GLU A 72 -1.11 -7.72 -4.75
N ALA A 73 -0.63 -6.50 -4.77
CA ALA A 73 -1.48 -5.38 -5.24
C ALA A 73 -0.60 -4.19 -5.64
N GLU A 74 -1.17 -3.20 -6.26
CA GLU A 74 -0.37 -2.01 -6.67
C GLU A 74 -0.17 -1.09 -5.47
N VAL A 75 1.02 -0.60 -5.28
CA VAL A 75 1.27 0.31 -4.12
C VAL A 75 1.91 1.61 -4.61
N LEU A 76 1.70 2.69 -3.91
CA LEU A 76 2.29 3.99 -4.34
C LEU A 76 3.47 4.32 -3.42
N ALA A 77 4.47 5.00 -3.93
CA ALA A 77 5.63 5.35 -3.07
C ALA A 77 5.27 6.56 -2.20
N SER A 78 5.64 6.54 -0.95
CA SER A 78 5.31 7.69 -0.06
C SER A 78 6.40 7.83 1.01
N PRO A 79 6.64 9.07 1.46
CA PRO A 79 7.65 9.36 2.49
C PRO A 79 7.21 8.88 3.88
N TYR A 80 6.11 8.18 3.96
CA TYR A 80 5.63 7.70 5.29
C TYR A 80 6.68 6.78 5.91
N ASP A 81 6.40 6.25 7.08
CA ASP A 81 7.38 5.34 7.73
C ASP A 81 6.74 3.98 7.94
N TYR A 82 5.70 3.68 7.20
CA TYR A 82 5.02 2.37 7.35
C TYR A 82 4.35 2.00 6.02
N ILE A 83 3.29 1.24 6.07
CA ILE A 83 2.60 0.85 4.80
C ILE A 83 1.09 1.06 4.96
N LEU A 84 0.50 1.81 4.07
CA LEU A 84 -0.97 2.04 4.16
C LEU A 84 -1.70 0.86 3.52
N LEU A 85 -2.81 0.46 4.07
CA LEU A 85 -3.56 -0.69 3.49
C LEU A 85 -4.85 -0.20 2.83
N ASN A 86 -5.15 -0.70 1.65
CA ASN A 86 -6.39 -0.27 0.95
C ASN A 86 -7.52 -1.24 1.33
N PRO A 87 -8.73 -0.69 1.61
CA PRO A 87 -9.90 -1.49 1.97
C PRO A 87 -10.35 -2.40 0.84
N SER A 88 -10.26 -1.93 -0.38
CA SER A 88 -10.70 -2.78 -1.53
C SER A 88 -9.71 -3.92 -1.72
N ASP A 89 -8.46 -3.69 -1.42
CA ASP A 89 -7.43 -4.76 -1.58
C ASP A 89 -7.64 -5.82 -0.49
N VAL A 90 -8.14 -5.43 0.64
CA VAL A 90 -8.37 -6.42 1.74
C VAL A 90 -9.86 -6.48 2.08
N PRO A 91 -10.65 -7.12 1.21
CA PRO A 91 -12.09 -7.26 1.41
C PRO A 91 -12.42 -8.22 2.55
N TRP A 92 -11.52 -9.09 2.90
CA TRP A 92 -11.77 -10.04 4.01
C TRP A 92 -11.64 -9.32 5.35
N LEU A 93 -10.84 -8.28 5.40
CA LEU A 93 -10.67 -7.54 6.68
C LEU A 93 -12.03 -7.05 7.17
N MET A 94 -12.87 -6.59 6.27
CA MET A 94 -14.21 -6.09 6.68
C MET A 94 -15.22 -7.23 6.56
N LYS A 95 -16.07 -7.39 7.55
CA LYS A 95 -17.08 -8.48 7.50
C LYS A 95 -18.46 -7.88 7.23
N LYS A 96 -19.31 -8.58 6.53
CA LYS A 96 -20.66 -8.04 6.23
C LYS A 96 -21.44 -7.89 7.53
N PRO A 97 -22.41 -6.95 7.55
CA PRO A 97 -23.25 -6.71 8.74
C PRO A 97 -24.21 -7.85 9.01
N LEU A 98 -24.46 -8.16 10.26
CA LEU A 98 -25.39 -9.28 10.58
C LEU A 98 -26.77 -8.70 10.94
N GLN A 8 -3.22 1.27 17.21
CA GLN A 8 -2.73 -0.12 16.98
C GLN A 8 -2.55 -0.36 15.47
N PRO A 9 -1.29 -0.30 15.01
CA PRO A 9 -0.96 -0.50 13.60
C PRO A 9 -1.17 -1.96 13.16
N LEU A 10 -1.47 -2.19 11.92
CA LEU A 10 -1.68 -3.59 11.45
C LEU A 10 -0.33 -4.21 11.08
N GLU A 11 -0.28 -5.50 10.92
CA GLU A 11 1.00 -6.16 10.57
C GLU A 11 0.99 -6.53 9.08
N ALA A 12 2.12 -6.44 8.43
CA ALA A 12 2.18 -6.78 6.99
C ALA A 12 3.61 -7.14 6.60
N GLU A 13 3.78 -8.03 5.66
CA GLU A 13 5.15 -8.43 5.25
C GLU A 13 5.34 -8.13 3.76
N ILE A 14 6.30 -7.32 3.43
CA ILE A 14 6.55 -7.00 2.00
C ILE A 14 7.88 -7.60 1.56
N LYS A 15 7.87 -8.36 0.48
CA LYS A 15 9.14 -8.97 0.00
C LYS A 15 9.78 -9.78 1.13
N GLY A 16 8.98 -10.24 2.06
CA GLY A 16 9.54 -11.04 3.19
C GLY A 16 9.86 -10.11 4.36
N THR A 17 9.89 -8.82 4.13
CA THR A 17 10.19 -7.87 5.24
C THR A 17 8.91 -7.64 6.06
N LYS A 18 8.99 -7.85 7.34
CA LYS A 18 7.78 -7.64 8.19
C LYS A 18 7.78 -6.23 8.77
N LEU A 19 6.81 -5.43 8.41
CA LEU A 19 6.76 -4.04 8.94
C LEU A 19 5.33 -3.72 9.38
N LYS A 20 5.14 -2.65 10.12
CA LYS A 20 3.77 -2.30 10.58
C LYS A 20 3.02 -1.60 9.45
N ALA A 21 1.72 -1.66 9.46
CA ALA A 21 0.93 -0.98 8.39
C ALA A 21 -0.31 -0.35 9.00
N HIS A 22 -0.94 0.56 8.29
CA HIS A 22 -2.16 1.21 8.83
C HIS A 22 -3.31 1.05 7.83
N TRP A 23 -4.49 0.74 8.31
CA TRP A 23 -5.64 0.56 7.39
C TRP A 23 -6.30 1.92 7.13
N ASP A 24 -6.46 2.29 5.89
CA ASP A 24 -7.08 3.61 5.57
C ASP A 24 -8.14 3.41 4.48
N SER A 25 -9.39 3.37 4.85
CA SER A 25 -10.46 3.19 3.84
C SER A 25 -10.45 4.38 2.88
N GLY A 26 -10.04 5.53 3.34
CA GLY A 26 -10.01 6.72 2.45
C GLY A 26 -9.15 6.43 1.23
N ALA A 27 -8.12 5.64 1.40
CA ALA A 27 -7.24 5.32 0.23
C ALA A 27 -7.96 4.34 -0.70
N THR A 28 -7.81 4.52 -1.98
CA THR A 28 -8.49 3.61 -2.94
C THR A 28 -7.49 2.58 -3.47
N ILE A 29 -6.25 2.71 -3.11
CA ILE A 29 -5.22 1.74 -3.58
C ILE A 29 -4.15 1.55 -2.51
N THR A 30 -3.56 0.38 -2.45
CA THR A 30 -2.51 0.13 -1.42
C THR A 30 -1.45 1.22 -1.49
N CYS A 31 -0.82 1.52 -0.40
CA CYS A 31 0.24 2.58 -0.41
C CYS A 31 1.51 2.02 0.22
N VAL A 32 2.64 2.29 -0.37
CA VAL A 32 3.92 1.77 0.17
C VAL A 32 4.98 2.86 0.09
N PRO A 33 5.92 2.89 1.05
CA PRO A 33 6.99 3.88 1.06
C PRO A 33 8.08 3.54 0.05
N GLU A 34 8.50 4.49 -0.75
CA GLU A 34 9.56 4.22 -1.76
C GLU A 34 10.65 3.35 -1.14
N ALA A 35 10.84 3.43 0.14
CA ALA A 35 11.89 2.60 0.79
C ALA A 35 11.75 1.15 0.32
N PHE A 36 10.59 0.76 -0.10
CA PHE A 36 10.39 -0.63 -0.58
C PHE A 36 10.50 -0.68 -2.11
N LEU A 37 10.54 0.46 -2.75
CA LEU A 37 10.64 0.47 -4.24
C LEU A 37 12.04 0.91 -4.65
N GLU A 38 12.95 1.01 -3.72
CA GLU A 38 14.34 1.44 -4.08
C GLU A 38 14.93 0.45 -5.09
N ASP A 39 14.63 -0.81 -4.93
CA ASP A 39 15.17 -1.82 -5.87
C ASP A 39 14.02 -2.44 -6.66
N GLU A 40 12.95 -1.72 -6.83
CA GLU A 40 11.79 -2.26 -7.59
C GLU A 40 11.56 -1.42 -8.84
N ARG A 41 10.45 -1.64 -9.51
CA ARG A 41 10.16 -0.85 -10.73
C ARG A 41 8.64 -0.68 -10.87
N PRO A 42 8.20 0.56 -11.13
CA PRO A 42 6.77 0.87 -11.27
C PRO A 42 6.19 0.30 -12.57
N ILE A 43 5.15 -0.48 -12.47
CA ILE A 43 4.54 -1.07 -13.69
C ILE A 43 3.71 0.01 -14.41
N GLN A 44 3.12 0.91 -13.67
CA GLN A 44 2.31 1.99 -14.30
C GLN A 44 2.43 3.27 -13.47
N THR A 45 1.88 4.35 -13.95
CA THR A 45 1.97 5.63 -13.19
C THR A 45 0.57 6.12 -12.84
N MET A 46 0.46 6.98 -11.86
CA MET A 46 -0.87 7.50 -11.46
C MET A 46 -0.80 9.01 -11.26
N LEU A 47 -1.81 9.73 -11.67
CA LEU A 47 -1.79 11.21 -11.50
C LEU A 47 -2.44 11.58 -10.16
N ILE A 48 -1.81 12.43 -9.40
CA ILE A 48 -2.39 12.83 -8.08
C ILE A 48 -2.62 14.35 -8.07
N LYS A 49 -3.77 14.78 -7.65
CA LYS A 49 -4.05 16.24 -7.62
C LYS A 49 -4.31 16.68 -6.18
N THR A 50 -3.65 17.71 -5.73
CA THR A 50 -3.87 18.19 -4.33
C THR A 50 -4.29 19.66 -4.36
N ILE A 51 -4.53 20.23 -3.21
CA ILE A 51 -4.94 21.66 -3.15
C ILE A 51 -3.76 22.55 -3.56
N HIS A 52 -2.62 22.32 -2.97
CA HIS A 52 -1.43 23.16 -3.31
C HIS A 52 -1.16 23.06 -4.81
N GLY A 53 -1.27 21.89 -5.38
CA GLY A 53 -1.02 21.74 -6.83
C GLY A 53 -1.25 20.28 -7.24
N GLU A 54 -0.88 19.92 -8.45
CA GLU A 54 -1.07 18.53 -8.90
C GLU A 54 0.28 17.82 -9.00
N LYS A 55 0.38 16.62 -8.48
CA LYS A 55 1.67 15.89 -8.55
C LYS A 55 1.44 14.51 -9.15
N GLN A 56 2.42 13.95 -9.81
CA GLN A 56 2.24 12.60 -10.42
C GLN A 56 3.18 11.61 -9.73
N GLN A 57 2.73 10.41 -9.52
CA GLN A 57 3.59 9.39 -8.85
C GLN A 57 3.51 8.07 -9.62
N ASP A 58 4.38 7.15 -9.32
CA ASP A 58 4.36 5.84 -10.05
C ASP A 58 3.82 4.75 -9.13
N VAL A 59 3.19 3.75 -9.69
CA VAL A 59 2.64 2.65 -8.86
C VAL A 59 3.58 1.45 -8.92
N TYR A 60 3.61 0.64 -7.90
CA TYR A 60 4.52 -0.55 -7.91
C TYR A 60 3.73 -1.80 -7.51
N TYR A 61 3.72 -2.80 -8.35
CA TYR A 61 2.99 -4.05 -8.01
C TYR A 61 3.90 -4.95 -7.18
N LEU A 62 3.62 -5.11 -5.92
CA LEU A 62 4.50 -5.97 -5.06
C LEU A 62 3.67 -7.06 -4.38
N THR A 63 4.34 -7.99 -3.75
CA THR A 63 3.62 -9.09 -3.05
C THR A 63 3.91 -9.00 -1.56
N PHE A 64 2.89 -8.83 -0.76
CA PHE A 64 3.12 -8.73 0.71
C PHE A 64 2.06 -9.56 1.46
N LYS A 65 2.39 -10.01 2.65
CA LYS A 65 1.42 -10.83 3.41
C LYS A 65 0.57 -9.91 4.30
N VAL A 66 -0.72 -10.02 4.21
CA VAL A 66 -1.61 -9.14 5.04
C VAL A 66 -2.14 -9.95 6.24
N GLN A 67 -1.56 -9.74 7.39
CA GLN A 67 -2.03 -10.49 8.60
C GLN A 67 -1.80 -11.99 8.38
N GLY A 68 -0.77 -12.34 7.67
CA GLY A 68 -0.50 -13.78 7.42
C GLY A 68 -1.25 -14.25 6.17
N ARG A 69 -1.54 -13.34 5.28
CA ARG A 69 -2.26 -13.71 4.04
C ARG A 69 -1.49 -13.20 2.82
N LYS A 70 -1.07 -14.09 1.96
CA LYS A 70 -0.31 -13.66 0.75
C LYS A 70 -1.23 -12.84 -0.16
N VAL A 71 -0.92 -11.59 -0.38
CA VAL A 71 -1.77 -10.76 -1.26
C VAL A 71 -0.89 -9.84 -2.11
N GLU A 72 -1.11 -9.79 -3.39
CA GLU A 72 -0.28 -8.93 -4.27
C GLU A 72 -1.13 -7.78 -4.82
N ALA A 73 -0.61 -6.58 -4.80
CA ALA A 73 -1.39 -5.43 -5.32
C ALA A 73 -0.46 -4.27 -5.66
N GLU A 74 -0.94 -3.30 -6.37
CA GLU A 74 -0.09 -2.13 -6.73
C GLU A 74 -0.03 -1.17 -5.55
N VAL A 75 1.13 -0.67 -5.23
CA VAL A 75 1.24 0.28 -4.08
C VAL A 75 1.85 1.59 -4.55
N LEU A 76 1.43 2.69 -3.99
CA LEU A 76 2.01 4.00 -4.40
C LEU A 76 3.22 4.32 -3.52
N ALA A 77 4.22 4.94 -4.08
CA ALA A 77 5.43 5.27 -3.27
C ALA A 77 5.15 6.52 -2.43
N SER A 78 5.54 6.51 -1.19
CA SER A 78 5.29 7.70 -0.32
C SER A 78 6.46 7.87 0.65
N PRO A 79 6.74 9.12 1.06
CA PRO A 79 7.84 9.44 1.99
C PRO A 79 7.54 8.98 3.42
N TYR A 80 6.44 8.30 3.63
CA TYR A 80 6.10 7.85 5.01
C TYR A 80 7.05 6.74 5.43
N ASP A 81 7.06 6.39 6.70
CA ASP A 81 7.97 5.30 7.16
C ASP A 81 7.15 4.05 7.49
N TYR A 82 5.94 3.99 7.02
CA TYR A 82 5.09 2.79 7.30
C TYR A 82 4.35 2.37 6.04
N ILE A 83 3.34 1.56 6.17
CA ILE A 83 2.60 1.11 4.96
C ILE A 83 1.10 1.37 5.15
N LEU A 84 0.38 1.53 4.07
CA LEU A 84 -1.09 1.78 4.18
C LEU A 84 -1.84 0.62 3.53
N LEU A 85 -2.84 0.10 4.19
CA LEU A 85 -3.60 -1.03 3.59
C LEU A 85 -4.87 -0.50 2.93
N ASN A 86 -5.04 -0.77 1.66
CA ASN A 86 -6.25 -0.29 0.95
C ASN A 86 -7.42 -1.22 1.27
N PRO A 87 -8.63 -0.67 1.43
CA PRO A 87 -9.83 -1.46 1.73
C PRO A 87 -10.22 -2.37 0.57
N SER A 88 -9.82 -2.02 -0.62
CA SER A 88 -10.17 -2.87 -1.80
C SER A 88 -9.21 -4.06 -1.87
N ASP A 89 -7.98 -3.87 -1.48
CA ASP A 89 -6.99 -4.98 -1.52
C ASP A 89 -7.28 -5.96 -0.38
N VAL A 90 -7.83 -5.48 0.70
CA VAL A 90 -8.13 -6.39 1.84
C VAL A 90 -9.63 -6.33 2.17
N PRO A 91 -10.46 -7.02 1.37
CA PRO A 91 -11.91 -7.05 1.57
C PRO A 91 -12.30 -7.87 2.81
N TRP A 92 -11.46 -8.78 3.22
CA TRP A 92 -11.78 -9.61 4.41
C TRP A 92 -11.56 -8.79 5.69
N LEU A 93 -10.59 -7.91 5.67
CA LEU A 93 -10.32 -7.08 6.89
C LEU A 93 -11.60 -6.35 7.31
N MET A 94 -12.43 -6.00 6.36
CA MET A 94 -13.69 -5.28 6.70
C MET A 94 -14.77 -6.30 7.08
N LYS A 95 -15.32 -6.18 8.26
CA LYS A 95 -16.38 -7.14 8.69
C LYS A 95 -17.53 -7.11 7.70
N LYS A 96 -17.84 -5.95 7.18
CA LYS A 96 -18.97 -5.84 6.20
C LYS A 96 -18.61 -6.59 4.92
N PRO A 97 -19.50 -7.48 4.48
CA PRO A 97 -19.29 -8.28 3.26
C PRO A 97 -19.35 -7.41 2.00
N LEU A 98 -18.58 -7.75 0.99
CA LEU A 98 -18.61 -6.95 -0.26
C LEU A 98 -20.01 -6.99 -0.87
N GLN A 8 -4.17 1.17 16.87
CA GLN A 8 -3.13 0.11 16.74
C GLN A 8 -2.89 -0.21 15.27
N PRO A 9 -1.63 -0.14 14.82
CA PRO A 9 -1.26 -0.42 13.42
C PRO A 9 -1.40 -1.91 13.08
N LEU A 10 -1.56 -2.23 11.83
CA LEU A 10 -1.70 -3.67 11.44
C LEU A 10 -0.32 -4.28 11.21
N GLU A 11 -0.28 -5.51 10.77
CA GLU A 11 1.03 -6.16 10.51
C GLU A 11 1.12 -6.57 9.04
N ALA A 12 2.27 -6.43 8.44
CA ALA A 12 2.42 -6.81 7.01
C ALA A 12 3.87 -7.17 6.72
N GLU A 13 4.10 -8.07 5.80
CA GLU A 13 5.50 -8.45 5.46
C GLU A 13 5.79 -8.11 4.00
N ILE A 14 6.73 -7.24 3.76
CA ILE A 14 7.06 -6.86 2.36
C ILE A 14 8.45 -7.41 1.99
N LYS A 15 8.55 -8.11 0.89
CA LYS A 15 9.87 -8.67 0.48
C LYS A 15 10.41 -9.55 1.60
N GLY A 16 9.56 -10.05 2.44
CA GLY A 16 10.03 -10.92 3.55
C GLY A 16 10.33 -10.07 4.79
N THR A 17 10.11 -8.79 4.71
CA THR A 17 10.37 -7.92 5.88
C THR A 17 9.04 -7.57 6.56
N LYS A 18 8.91 -7.88 7.82
CA LYS A 18 7.64 -7.57 8.54
C LYS A 18 7.67 -6.11 9.01
N LEU A 19 6.69 -5.33 8.62
CA LEU A 19 6.66 -3.91 9.04
C LEU A 19 5.26 -3.55 9.54
N LYS A 20 5.12 -2.43 10.18
CA LYS A 20 3.78 -2.02 10.70
C LYS A 20 3.01 -1.29 9.59
N ALA A 21 1.74 -1.55 9.46
CA ALA A 21 0.93 -0.88 8.41
C ALA A 21 -0.31 -0.25 9.03
N HIS A 22 -1.00 0.57 8.29
CA HIS A 22 -2.23 1.22 8.85
C HIS A 22 -3.39 1.03 7.88
N TRP A 23 -4.49 0.51 8.35
CA TRP A 23 -5.67 0.30 7.46
C TRP A 23 -6.41 1.63 7.26
N ASP A 24 -6.61 2.04 6.05
CA ASP A 24 -7.31 3.32 5.79
C ASP A 24 -8.41 3.10 4.75
N SER A 25 -9.65 3.02 5.18
CA SER A 25 -10.75 2.81 4.21
C SER A 25 -10.82 3.98 3.23
N GLY A 26 -10.46 5.15 3.67
CA GLY A 26 -10.50 6.34 2.76
C GLY A 26 -9.58 6.10 1.57
N ALA A 27 -8.51 5.36 1.76
CA ALA A 27 -7.59 5.11 0.63
C ALA A 27 -8.23 4.15 -0.37
N THR A 28 -8.06 4.38 -1.64
CA THR A 28 -8.67 3.48 -2.66
C THR A 28 -7.58 2.61 -3.29
N ILE A 29 -6.34 2.83 -2.93
CA ILE A 29 -5.23 2.02 -3.51
C ILE A 29 -4.17 1.79 -2.44
N THR A 30 -3.59 0.61 -2.40
CA THR A 30 -2.54 0.32 -1.39
C THR A 30 -1.43 1.37 -1.48
N CYS A 31 -0.95 1.85 -0.37
CA CYS A 31 0.14 2.86 -0.39
C CYS A 31 1.30 2.38 0.46
N VAL A 32 2.49 2.38 -0.07
CA VAL A 32 3.67 1.92 0.72
C VAL A 32 4.76 2.98 0.68
N PRO A 33 5.74 2.88 1.59
CA PRO A 33 6.85 3.82 1.67
C PRO A 33 7.92 3.52 0.61
N GLU A 34 8.39 4.52 -0.08
CA GLU A 34 9.43 4.29 -1.12
C GLU A 34 10.56 3.44 -0.53
N ALA A 35 10.71 3.43 0.75
CA ALA A 35 11.78 2.62 1.38
C ALA A 35 11.73 1.19 0.85
N PHE A 36 10.54 0.66 0.70
CA PHE A 36 10.40 -0.72 0.18
C PHE A 36 10.39 -0.71 -1.35
N LEU A 37 10.40 0.46 -1.93
CA LEU A 37 10.37 0.54 -3.42
C LEU A 37 11.80 0.53 -3.97
N GLU A 38 12.75 0.09 -3.18
CA GLU A 38 14.16 0.05 -3.67
C GLU A 38 14.18 -0.45 -5.12
N ASP A 39 13.64 -1.62 -5.35
CA ASP A 39 13.59 -2.15 -6.74
C ASP A 39 12.22 -1.83 -7.33
N GLU A 40 11.73 -0.66 -7.04
CA GLU A 40 10.38 -0.25 -7.54
C GLU A 40 10.21 -0.69 -9.00
N ARG A 41 9.09 -1.29 -9.30
CA ARG A 41 8.82 -1.73 -10.70
C ARG A 41 7.44 -1.22 -11.11
N PRO A 42 7.37 -0.01 -11.67
CA PRO A 42 6.12 0.61 -12.09
C PRO A 42 5.49 -0.08 -13.30
N ILE A 43 4.26 -0.50 -13.18
CA ILE A 43 3.58 -1.18 -14.32
C ILE A 43 2.51 -0.26 -14.90
N GLN A 44 2.12 0.75 -14.16
CA GLN A 44 1.08 1.68 -14.67
C GLN A 44 1.40 3.11 -14.22
N THR A 45 0.76 4.09 -14.79
CA THR A 45 1.04 5.49 -14.39
C THR A 45 -0.22 6.10 -13.78
N MET A 46 -0.06 7.04 -12.89
CA MET A 46 -1.24 7.68 -12.25
C MET A 46 -0.96 9.16 -11.98
N LEU A 47 -1.94 10.00 -12.11
CA LEU A 47 -1.72 11.45 -11.87
C LEU A 47 -2.24 11.82 -10.48
N ILE A 48 -1.46 12.51 -9.71
CA ILE A 48 -1.91 12.90 -8.33
C ILE A 48 -2.03 14.42 -8.25
N LYS A 49 -3.11 14.90 -7.68
CA LYS A 49 -3.28 16.38 -7.57
C LYS A 49 -3.60 16.75 -6.12
N THR A 50 -2.78 17.56 -5.51
CA THR A 50 -3.04 17.95 -4.10
C THR A 50 -3.21 19.47 -4.02
N ILE A 51 -3.39 20.00 -2.84
CA ILE A 51 -3.58 21.47 -2.70
C ILE A 51 -2.25 22.18 -2.98
N HIS A 52 -1.20 21.74 -2.33
CA HIS A 52 0.13 22.39 -2.57
C HIS A 52 0.39 22.49 -4.07
N GLY A 53 0.03 21.48 -4.81
CA GLY A 53 0.28 21.53 -6.29
C GLY A 53 -0.13 20.18 -6.91
N GLU A 54 0.10 20.02 -8.18
CA GLU A 54 -0.27 18.73 -8.85
C GLU A 54 1.00 17.90 -9.08
N LYS A 55 0.98 16.66 -8.68
CA LYS A 55 2.18 15.80 -8.87
C LYS A 55 1.75 14.48 -9.52
N GLN A 56 2.51 14.00 -10.46
CA GLN A 56 2.13 12.72 -11.13
C GLN A 56 3.11 11.62 -10.70
N GLN A 57 2.60 10.50 -10.25
CA GLN A 57 3.50 9.39 -9.82
C GLN A 57 3.11 8.12 -10.57
N ASP A 58 4.00 7.17 -10.64
CA ASP A 58 3.69 5.90 -11.35
C ASP A 58 3.12 4.88 -10.37
N VAL A 59 2.50 3.84 -10.87
CA VAL A 59 1.93 2.81 -9.98
C VAL A 59 2.88 1.60 -9.95
N TYR A 60 3.08 1.01 -8.81
CA TYR A 60 4.00 -0.16 -8.75
C TYR A 60 3.26 -1.39 -8.20
N TYR A 61 3.66 -2.56 -8.62
CA TYR A 61 3.00 -3.80 -8.12
C TYR A 61 3.95 -4.49 -7.14
N LEU A 62 3.59 -4.57 -5.90
CA LEU A 62 4.48 -5.23 -4.91
C LEU A 62 3.80 -6.46 -4.32
N THR A 63 4.58 -7.34 -3.72
CA THR A 63 4.01 -8.56 -3.11
C THR A 63 4.33 -8.57 -1.62
N PHE A 64 3.33 -8.57 -0.78
CA PHE A 64 3.60 -8.57 0.69
C PHE A 64 2.53 -9.40 1.41
N LYS A 65 2.85 -9.91 2.56
CA LYS A 65 1.87 -10.73 3.32
C LYS A 65 1.11 -9.82 4.29
N VAL A 66 -0.20 -9.84 4.24
CA VAL A 66 -0.98 -8.98 5.16
C VAL A 66 -1.62 -9.83 6.26
N GLN A 67 -1.17 -9.67 7.48
CA GLN A 67 -1.75 -10.48 8.59
C GLN A 67 -1.47 -11.97 8.35
N GLY A 68 -0.32 -12.28 7.82
CA GLY A 68 0.01 -13.71 7.57
C GLY A 68 -0.71 -14.18 6.30
N ARG A 69 -1.03 -13.27 5.42
CA ARG A 69 -1.74 -13.67 4.17
C ARG A 69 -1.02 -13.07 2.96
N LYS A 70 -0.34 -13.89 2.21
CA LYS A 70 0.39 -13.36 1.02
C LYS A 70 -0.60 -12.69 0.06
N VAL A 71 -0.34 -11.46 -0.29
CA VAL A 71 -1.27 -10.74 -1.21
C VAL A 71 -0.46 -9.78 -2.08
N GLU A 72 -0.70 -9.79 -3.37
CA GLU A 72 0.07 -8.88 -4.27
C GLU A 72 -0.89 -7.86 -4.90
N ALA A 73 -0.49 -6.63 -4.94
CA ALA A 73 -1.37 -5.58 -5.53
C ALA A 73 -0.54 -4.35 -5.89
N GLU A 74 -1.13 -3.39 -6.55
CA GLU A 74 -0.38 -2.17 -6.94
C GLU A 74 -0.28 -1.24 -5.72
N VAL A 75 0.82 -0.55 -5.57
CA VAL A 75 0.97 0.36 -4.41
C VAL A 75 1.64 1.66 -4.85
N LEU A 76 1.54 2.69 -4.06
CA LEU A 76 2.17 3.99 -4.43
C LEU A 76 3.30 4.29 -3.44
N ALA A 77 4.36 4.90 -3.90
CA ALA A 77 5.49 5.23 -2.99
C ALA A 77 5.15 6.48 -2.17
N SER A 78 5.42 6.47 -0.90
CA SER A 78 5.12 7.66 -0.06
C SER A 78 6.24 7.86 0.96
N PRO A 79 6.50 9.13 1.33
CA PRO A 79 7.54 9.47 2.30
C PRO A 79 7.18 9.03 3.72
N TYR A 80 6.02 8.44 3.89
CA TYR A 80 5.62 7.98 5.24
C TYR A 80 6.63 6.97 5.77
N ASP A 81 6.59 6.66 7.04
CA ASP A 81 7.56 5.69 7.61
C ASP A 81 6.86 4.37 7.91
N TYR A 82 5.72 4.14 7.32
CA TYR A 82 4.99 2.86 7.59
C TYR A 82 4.34 2.37 6.29
N ILE A 83 3.28 1.60 6.38
CA ILE A 83 2.62 1.11 5.15
C ILE A 83 1.11 1.36 5.23
N LEU A 84 0.50 1.67 4.12
CA LEU A 84 -0.97 1.93 4.13
C LEU A 84 -1.69 0.79 3.41
N LEU A 85 -2.61 0.14 4.06
CA LEU A 85 -3.34 -0.98 3.40
C LEU A 85 -4.64 -0.45 2.78
N ASN A 86 -4.94 -0.84 1.57
CA ASN A 86 -6.19 -0.37 0.92
C ASN A 86 -7.32 -1.34 1.26
N PRO A 87 -8.54 -0.83 1.47
CA PRO A 87 -9.71 -1.66 1.79
C PRO A 87 -10.13 -2.53 0.60
N SER A 88 -9.83 -2.11 -0.59
CA SER A 88 -10.20 -2.92 -1.78
C SER A 88 -9.22 -4.08 -1.93
N ASP A 89 -7.99 -3.88 -1.53
CA ASP A 89 -6.99 -4.98 -1.66
C ASP A 89 -7.22 -6.01 -0.54
N VAL A 90 -7.65 -5.56 0.61
CA VAL A 90 -7.91 -6.51 1.73
C VAL A 90 -9.40 -6.61 1.99
N PRO A 91 -10.12 -7.30 1.08
CA PRO A 91 -11.58 -7.49 1.20
C PRO A 91 -11.95 -8.42 2.36
N TRP A 92 -11.06 -9.28 2.75
CA TRP A 92 -11.37 -10.21 3.87
C TRP A 92 -11.41 -9.43 5.19
N LEU A 93 -10.55 -8.46 5.34
CA LEU A 93 -10.54 -7.67 6.60
C LEU A 93 -11.96 -7.19 6.91
N MET A 94 -12.67 -6.73 5.91
CA MET A 94 -14.06 -6.26 6.15
C MET A 94 -14.95 -7.44 6.52
N LYS A 95 -15.77 -7.30 7.53
CA LYS A 95 -16.65 -8.42 7.95
C LYS A 95 -18.08 -8.14 7.46
N LYS A 96 -18.79 -9.16 7.05
CA LYS A 96 -20.18 -8.95 6.57
C LYS A 96 -21.14 -9.78 7.42
N PRO A 97 -21.59 -9.21 8.56
CA PRO A 97 -22.52 -9.88 9.47
C PRO A 97 -23.92 -10.00 8.87
N LEU A 98 -24.61 -11.07 9.17
CA LEU A 98 -25.99 -11.24 8.61
C LEU A 98 -26.92 -10.18 9.22
N GLN A 8 -3.93 0.40 17.16
CA GLN A 8 -3.23 -0.91 17.00
C GLN A 8 -2.96 -1.16 15.52
N PRO A 9 -1.68 -1.07 15.11
CA PRO A 9 -1.27 -1.28 13.72
C PRO A 9 -1.39 -2.76 13.31
N LEU A 10 -1.68 -3.01 12.07
CA LEU A 10 -1.82 -4.42 11.60
C LEU A 10 -0.43 -5.00 11.34
N GLU A 11 -0.37 -6.19 10.81
CA GLU A 11 0.95 -6.82 10.52
C GLU A 11 1.09 -7.05 9.02
N ALA A 12 2.24 -6.77 8.46
CA ALA A 12 2.43 -6.98 7.00
C ALA A 12 3.88 -7.41 6.73
N GLU A 13 4.08 -8.25 5.75
CA GLU A 13 5.47 -8.70 5.43
C GLU A 13 5.78 -8.39 3.97
N ILE A 14 6.76 -7.55 3.74
CA ILE A 14 7.11 -7.20 2.33
C ILE A 14 8.50 -7.76 2.00
N LYS A 15 8.64 -8.44 0.91
CA LYS A 15 9.96 -8.99 0.53
C LYS A 15 10.54 -9.80 1.70
N GLY A 16 9.69 -10.27 2.57
CA GLY A 16 10.19 -11.05 3.73
C GLY A 16 10.39 -10.12 4.93
N THR A 17 10.37 -8.85 4.71
CA THR A 17 10.54 -7.89 5.84
C THR A 17 9.22 -7.72 6.58
N LYS A 18 9.16 -8.16 7.81
CA LYS A 18 7.89 -8.02 8.58
C LYS A 18 7.85 -6.66 9.28
N LEU A 19 6.88 -5.85 8.95
CA LEU A 19 6.79 -4.51 9.59
C LEU A 19 5.35 -4.26 10.04
N LYS A 20 5.11 -3.18 10.75
CA LYS A 20 3.72 -2.89 11.21
C LYS A 20 3.02 -2.02 10.17
N ALA A 21 1.73 -2.17 10.02
CA ALA A 21 0.99 -1.36 9.01
C ALA A 21 -0.28 -0.79 9.65
N HIS A 22 -0.98 0.04 8.93
CA HIS A 22 -2.23 0.64 9.49
C HIS A 22 -3.36 0.49 8.47
N TRP A 23 -4.48 -0.05 8.87
CA TRP A 23 -5.61 -0.22 7.92
C TRP A 23 -6.30 1.12 7.72
N ASP A 24 -6.31 1.63 6.51
CA ASP A 24 -6.95 2.94 6.24
C ASP A 24 -7.99 2.77 5.12
N SER A 25 -9.24 2.67 5.47
CA SER A 25 -10.29 2.50 4.42
C SER A 25 -10.30 3.73 3.51
N GLY A 26 -9.97 4.88 4.04
CA GLY A 26 -9.98 6.10 3.21
C GLY A 26 -9.08 5.90 1.99
N ALA A 27 -7.95 5.25 2.16
CA ALA A 27 -7.03 5.02 1.01
C ALA A 27 -7.73 4.13 -0.02
N THR A 28 -7.54 4.43 -1.29
CA THR A 28 -8.19 3.60 -2.35
C THR A 28 -7.20 2.54 -2.83
N ILE A 29 -5.95 2.67 -2.50
CA ILE A 29 -4.94 1.68 -2.94
C ILE A 29 -3.90 1.47 -1.84
N THR A 30 -3.16 0.40 -1.91
CA THR A 30 -2.13 0.15 -0.86
C THR A 30 -1.04 1.22 -0.93
N CYS A 31 -0.68 1.78 0.20
CA CYS A 31 0.38 2.83 0.20
C CYS A 31 1.55 2.37 1.06
N VAL A 32 2.74 2.38 0.52
CA VAL A 32 3.93 1.94 1.31
C VAL A 32 5.01 3.02 1.25
N PRO A 33 6.03 2.91 2.11
CA PRO A 33 7.13 3.88 2.17
C PRO A 33 8.15 3.62 1.05
N GLU A 34 8.55 4.67 0.36
CA GLU A 34 9.54 4.48 -0.74
C GLU A 34 10.65 3.53 -0.28
N ALA A 35 10.90 3.48 0.99
CA ALA A 35 11.97 2.56 1.51
C ALA A 35 11.78 1.17 0.91
N PHE A 36 10.56 0.72 0.78
CA PHE A 36 10.32 -0.63 0.20
C PHE A 36 10.22 -0.53 -1.32
N LEU A 37 10.22 0.67 -1.85
CA LEU A 37 10.11 0.82 -3.33
C LEU A 37 11.50 1.10 -3.91
N GLU A 38 12.54 0.76 -3.19
CA GLU A 38 13.92 1.01 -3.73
C GLU A 38 13.96 0.59 -5.19
N ASP A 39 13.61 -0.64 -5.47
CA ASP A 39 13.59 -1.10 -6.89
C ASP A 39 12.17 -0.95 -7.42
N GLU A 40 11.53 0.13 -7.06
CA GLU A 40 10.13 0.37 -7.50
C GLU A 40 9.95 -0.07 -8.95
N ARG A 41 8.87 -0.76 -9.23
CA ARG A 41 8.61 -1.24 -10.61
C ARG A 41 7.20 -0.83 -11.01
N PRO A 42 7.03 0.44 -11.44
CA PRO A 42 5.73 0.97 -11.85
C PRO A 42 5.23 0.35 -13.15
N ILE A 43 4.12 -0.35 -13.09
CA ILE A 43 3.58 -0.97 -14.33
C ILE A 43 2.86 0.10 -15.16
N GLN A 44 2.29 1.06 -14.50
CA GLN A 44 1.58 2.15 -15.25
C GLN A 44 1.80 3.48 -14.52
N THR A 45 1.54 4.58 -15.19
CA THR A 45 1.74 5.90 -14.54
C THR A 45 0.41 6.66 -14.50
N MET A 46 0.27 7.59 -13.62
CA MET A 46 -1.00 8.36 -13.52
C MET A 46 -0.69 9.81 -13.14
N LEU A 47 -1.43 10.75 -13.68
CA LEU A 47 -1.17 12.18 -13.35
C LEU A 47 -2.07 12.60 -12.20
N ILE A 48 -1.49 13.08 -11.12
CA ILE A 48 -2.32 13.50 -9.95
C ILE A 48 -2.13 14.99 -9.70
N LYS A 49 -3.19 15.74 -9.62
CA LYS A 49 -3.05 17.20 -9.36
C LYS A 49 -3.48 17.52 -7.93
N THR A 50 -2.75 18.36 -7.25
CA THR A 50 -3.12 18.70 -5.85
C THR A 50 -3.27 20.23 -5.72
N ILE A 51 -3.60 20.70 -4.55
CA ILE A 51 -3.76 22.17 -4.37
C ILE A 51 -2.40 22.85 -4.59
N HIS A 52 -1.37 22.37 -3.95
CA HIS A 52 -0.03 23.00 -4.11
C HIS A 52 0.30 23.10 -5.60
N GLY A 53 0.09 22.05 -6.34
CA GLY A 53 0.39 22.09 -7.80
C GLY A 53 0.13 20.71 -8.42
N GLU A 54 0.50 20.53 -9.65
CA GLU A 54 0.27 19.21 -10.31
C GLU A 54 1.45 18.28 -9.99
N LYS A 55 1.15 17.05 -9.65
CA LYS A 55 2.24 16.09 -9.32
C LYS A 55 2.07 14.81 -10.13
N GLN A 56 3.14 14.16 -10.47
CA GLN A 56 3.03 12.91 -11.27
C GLN A 56 3.12 11.70 -10.34
N GLN A 57 2.12 10.87 -10.32
CA GLN A 57 2.16 9.67 -9.44
C GLN A 57 2.08 8.40 -10.30
N ASP A 58 2.92 7.45 -10.04
CA ASP A 58 2.90 6.20 -10.84
C ASP A 58 2.38 5.04 -9.98
N VAL A 59 1.86 4.02 -10.60
CA VAL A 59 1.33 2.87 -9.82
C VAL A 59 2.39 1.76 -9.80
N TYR A 60 2.60 1.15 -8.66
CA TYR A 60 3.62 0.07 -8.58
C TYR A 60 2.96 -1.22 -8.09
N TYR A 61 3.36 -2.35 -8.64
CA TYR A 61 2.75 -3.64 -8.20
C TYR A 61 3.71 -4.36 -7.26
N LEU A 62 3.35 -4.53 -6.02
CA LEU A 62 4.25 -5.21 -5.07
C LEU A 62 3.58 -6.48 -4.53
N THR A 63 4.36 -7.39 -3.99
CA THR A 63 3.80 -8.64 -3.43
C THR A 63 4.18 -8.76 -1.96
N PHE A 64 3.21 -8.74 -1.07
CA PHE A 64 3.53 -8.85 0.38
C PHE A 64 2.47 -9.70 1.08
N LYS A 65 2.77 -10.19 2.25
CA LYS A 65 1.77 -11.02 2.99
C LYS A 65 1.04 -10.14 4.00
N VAL A 66 -0.27 -10.18 3.99
CA VAL A 66 -1.05 -9.34 4.95
C VAL A 66 -1.65 -10.23 6.03
N GLN A 67 -1.19 -10.09 7.25
CA GLN A 67 -1.74 -10.93 8.35
C GLN A 67 -1.42 -12.41 8.07
N GLY A 68 -0.31 -12.68 7.46
CA GLY A 68 0.06 -14.09 7.16
C GLY A 68 -0.67 -14.55 5.90
N ARG A 69 -1.04 -13.62 5.06
CA ARG A 69 -1.75 -14.00 3.81
C ARG A 69 -1.05 -13.35 2.61
N LYS A 70 -0.42 -14.14 1.77
CA LYS A 70 0.29 -13.57 0.59
C LYS A 70 -0.72 -12.85 -0.30
N VAL A 71 -0.52 -11.58 -0.54
CA VAL A 71 -1.46 -10.82 -1.40
C VAL A 71 -0.66 -9.83 -2.26
N GLU A 72 -0.95 -9.77 -3.53
CA GLU A 72 -0.20 -8.84 -4.42
C GLU A 72 -1.15 -7.79 -4.98
N ALA A 73 -0.72 -6.56 -5.01
CA ALA A 73 -1.60 -5.48 -5.56
C ALA A 73 -0.74 -4.27 -5.92
N GLU A 74 -1.36 -3.16 -6.22
CA GLU A 74 -0.58 -1.94 -6.58
C GLU A 74 -0.08 -1.28 -5.30
N VAL A 75 0.78 -0.30 -5.42
CA VAL A 75 1.30 0.38 -4.21
C VAL A 75 1.85 1.76 -4.57
N LEU A 76 1.81 2.68 -3.64
CA LEU A 76 2.32 4.05 -3.92
C LEU A 76 3.43 4.38 -2.93
N ALA A 77 4.43 5.09 -3.38
CA ALA A 77 5.55 5.45 -2.45
C ALA A 77 5.15 6.64 -1.59
N SER A 78 5.39 6.56 -0.31
CA SER A 78 5.01 7.68 0.60
C SER A 78 6.13 7.91 1.62
N PRO A 79 6.28 9.15 2.09
CA PRO A 79 7.31 9.50 3.07
C PRO A 79 7.00 8.96 4.46
N TYR A 80 5.92 8.24 4.60
CA TYR A 80 5.55 7.69 5.93
C TYR A 80 6.60 6.66 6.37
N ASP A 81 6.58 6.26 7.61
CA ASP A 81 7.58 5.27 8.10
C ASP A 81 6.89 3.92 8.33
N TYR A 82 5.69 3.76 7.83
CA TYR A 82 4.97 2.48 8.02
C TYR A 82 4.32 2.07 6.69
N ILE A 83 3.31 1.25 6.74
CA ILE A 83 2.64 0.83 5.47
C ILE A 83 1.13 1.04 5.60
N LEU A 84 0.49 1.40 4.52
CA LEU A 84 -0.99 1.61 4.57
C LEU A 84 -1.68 0.51 3.77
N LEU A 85 -2.74 -0.04 4.31
CA LEU A 85 -3.46 -1.13 3.58
C LEU A 85 -4.74 -0.58 2.95
N ASN A 86 -5.10 -1.08 1.80
CA ASN A 86 -6.34 -0.59 1.13
C ASN A 86 -7.50 -1.54 1.45
N PRO A 87 -8.67 -0.98 1.76
CA PRO A 87 -9.87 -1.77 2.09
C PRO A 87 -10.34 -2.63 0.91
N SER A 88 -10.14 -2.16 -0.29
CA SER A 88 -10.56 -2.95 -1.48
C SER A 88 -9.58 -4.11 -1.69
N ASP A 89 -8.34 -3.92 -1.32
CA ASP A 89 -7.33 -5.00 -1.50
C ASP A 89 -7.52 -6.05 -0.40
N VAL A 90 -7.97 -5.63 0.76
CA VAL A 90 -8.18 -6.60 1.87
C VAL A 90 -9.64 -6.55 2.33
N PRO A 91 -10.54 -7.16 1.54
CA PRO A 91 -11.97 -7.18 1.85
C PRO A 91 -12.28 -8.07 3.06
N TRP A 92 -11.43 -9.04 3.32
CA TRP A 92 -11.68 -9.94 4.47
C TRP A 92 -11.38 -9.21 5.78
N LEU A 93 -10.49 -8.25 5.74
CA LEU A 93 -10.14 -7.50 6.97
C LEU A 93 -11.40 -6.82 7.52
N MET A 94 -12.26 -6.35 6.66
CA MET A 94 -13.50 -5.68 7.13
C MET A 94 -14.53 -6.74 7.53
N LYS A 95 -15.37 -6.44 8.49
CA LYS A 95 -16.38 -7.43 8.94
C LYS A 95 -17.28 -7.80 7.74
N LYS A 96 -17.85 -8.97 7.77
CA LYS A 96 -18.74 -9.39 6.65
C LYS A 96 -20.17 -9.54 7.15
N PRO A 97 -21.15 -9.49 6.24
CA PRO A 97 -22.58 -9.62 6.58
C PRO A 97 -22.92 -11.05 7.01
N LEU A 98 -22.06 -11.99 6.72
CA LEU A 98 -22.34 -13.40 7.11
C LEU A 98 -23.79 -13.76 6.75
N GLN A 8 -3.30 -0.68 18.03
CA GLN A 8 -2.00 -1.16 17.47
C GLN A 8 -2.12 -1.31 15.95
N PRO A 9 -1.03 -1.07 15.22
CA PRO A 9 -1.01 -1.19 13.76
C PRO A 9 -1.12 -2.64 13.30
N LEU A 10 -1.51 -2.85 12.07
CA LEU A 10 -1.64 -4.25 11.57
C LEU A 10 -0.26 -4.79 11.18
N GLU A 11 -0.15 -6.07 10.98
CA GLU A 11 1.17 -6.65 10.60
C GLU A 11 1.17 -6.98 9.10
N ALA A 12 2.30 -6.89 8.47
CA ALA A 12 2.38 -7.20 7.01
C ALA A 12 3.82 -7.52 6.64
N GLU A 13 4.02 -8.33 5.63
CA GLU A 13 5.40 -8.69 5.21
C GLU A 13 5.63 -8.25 3.77
N ILE A 14 6.61 -7.41 3.53
CA ILE A 14 6.87 -6.94 2.15
C ILE A 14 8.23 -7.47 1.68
N LYS A 15 8.24 -8.18 0.57
CA LYS A 15 9.54 -8.73 0.06
C LYS A 15 10.11 -9.69 1.10
N GLY A 16 9.30 -10.20 1.98
CA GLY A 16 9.80 -11.14 3.01
C GLY A 16 10.14 -10.37 4.29
N THR A 17 10.20 -9.07 4.22
CA THR A 17 10.52 -8.27 5.43
C THR A 17 9.24 -7.95 6.19
N LYS A 18 9.22 -8.18 7.47
CA LYS A 18 7.99 -7.88 8.26
C LYS A 18 7.97 -6.39 8.63
N LEU A 19 6.85 -5.76 8.44
CA LEU A 19 6.76 -4.31 8.78
C LEU A 19 5.36 -4.00 9.33
N LYS A 20 5.22 -2.91 10.03
CA LYS A 20 3.88 -2.56 10.58
C LYS A 20 3.04 -1.87 9.50
N ALA A 21 1.75 -2.02 9.57
CA ALA A 21 0.88 -1.38 8.54
C ALA A 21 -0.35 -0.77 9.21
N HIS A 22 -1.12 0.00 8.49
CA HIS A 22 -2.34 0.61 9.10
C HIS A 22 -3.54 0.37 8.18
N TRP A 23 -4.66 0.02 8.74
CA TRP A 23 -5.88 -0.23 7.91
C TRP A 23 -6.73 1.04 7.87
N ASP A 24 -6.93 1.59 6.70
CA ASP A 24 -7.75 2.83 6.60
C ASP A 24 -8.81 2.64 5.51
N SER A 25 -10.04 2.43 5.89
CA SER A 25 -11.12 2.24 4.88
C SER A 25 -11.15 3.46 3.95
N GLY A 26 -10.75 4.60 4.43
CA GLY A 26 -10.76 5.82 3.57
C GLY A 26 -9.81 5.63 2.39
N ALA A 27 -8.70 4.98 2.60
CA ALA A 27 -7.73 4.76 1.49
C ALA A 27 -8.38 3.89 0.42
N THR A 28 -8.09 4.15 -0.83
CA THR A 28 -8.69 3.33 -1.92
C THR A 28 -7.61 2.45 -2.54
N ILE A 29 -6.37 2.69 -2.22
CA ILE A 29 -5.27 1.86 -2.80
C ILE A 29 -4.19 1.65 -1.74
N THR A 30 -3.42 0.59 -1.86
CA THR A 30 -2.35 0.35 -0.85
C THR A 30 -1.22 1.36 -1.04
N CYS A 31 -0.71 1.90 0.03
CA CYS A 31 0.39 2.89 -0.08
C CYS A 31 1.62 2.39 0.68
N VAL A 32 2.77 2.42 0.08
CA VAL A 32 4.00 1.94 0.77
C VAL A 32 5.02 3.07 0.83
N PRO A 33 6.00 2.95 1.74
CA PRO A 33 7.05 3.96 1.91
C PRO A 33 8.14 3.83 0.85
N GLU A 34 8.47 4.90 0.20
CA GLU A 34 9.53 4.84 -0.86
C GLU A 34 10.70 4.00 -0.36
N ALA A 35 10.89 3.94 0.93
CA ALA A 35 12.01 3.13 1.49
C ALA A 35 11.87 1.68 1.03
N PHE A 36 10.65 1.18 1.00
CA PHE A 36 10.44 -0.23 0.56
C PHE A 36 10.38 -0.27 -0.97
N LEU A 37 10.46 0.86 -1.62
CA LEU A 37 10.40 0.87 -3.10
C LEU A 37 11.81 0.96 -3.68
N GLU A 38 12.80 0.56 -2.93
CA GLU A 38 14.20 0.63 -3.46
C GLU A 38 14.21 0.12 -4.90
N ASP A 39 13.74 -1.08 -5.12
CA ASP A 39 13.70 -1.63 -6.51
C ASP A 39 12.29 -1.40 -7.07
N GLU A 40 11.73 -0.27 -6.78
CA GLU A 40 10.37 0.05 -7.28
C GLU A 40 10.21 -0.39 -8.73
N ARG A 41 9.13 -1.05 -9.04
CA ARG A 41 8.89 -1.51 -10.44
C ARG A 41 7.51 -1.03 -10.89
N PRO A 42 7.45 0.20 -11.42
CA PRO A 42 6.18 0.79 -11.88
C PRO A 42 5.64 0.11 -13.14
N ILE A 43 4.44 -0.42 -13.05
CA ILE A 43 3.85 -1.09 -14.23
C ILE A 43 2.99 -0.09 -15.00
N GLN A 44 2.40 0.84 -14.30
CA GLN A 44 1.54 1.86 -14.97
C GLN A 44 1.87 3.24 -14.42
N THR A 45 1.25 4.27 -14.94
CA THR A 45 1.54 5.64 -14.44
C THR A 45 0.22 6.34 -14.07
N MET A 46 0.28 7.31 -13.21
CA MET A 46 -0.96 8.02 -12.80
C MET A 46 -0.65 9.51 -12.60
N LEU A 47 -1.56 10.38 -12.94
CA LEU A 47 -1.31 11.83 -12.75
C LEU A 47 -1.97 12.30 -11.45
N ILE A 48 -1.29 13.14 -10.71
CA ILE A 48 -1.87 13.64 -9.44
C ILE A 48 -1.83 15.17 -9.42
N LYS A 49 -2.90 15.79 -9.00
CA LYS A 49 -2.92 17.28 -8.96
C LYS A 49 -3.27 17.76 -7.55
N THR A 50 -2.56 18.74 -7.06
CA THR A 50 -2.85 19.25 -5.69
C THR A 50 -2.98 20.77 -5.73
N ILE A 51 -3.63 21.34 -4.76
CA ILE A 51 -3.80 22.83 -4.74
C ILE A 51 -2.43 23.50 -4.86
N HIS A 52 -1.45 22.99 -4.16
CA HIS A 52 -0.09 23.59 -4.23
C HIS A 52 0.45 23.50 -5.65
N GLY A 53 0.17 22.42 -6.33
CA GLY A 53 0.67 22.28 -7.73
C GLY A 53 0.25 20.91 -8.28
N GLU A 54 0.67 20.59 -9.48
CA GLU A 54 0.32 19.27 -10.07
C GLU A 54 1.55 18.36 -10.08
N LYS A 55 1.42 17.17 -9.58
CA LYS A 55 2.59 16.24 -9.56
C LYS A 55 2.15 14.88 -10.12
N GLN A 56 3.02 14.23 -10.86
CA GLN A 56 2.64 12.90 -11.43
C GLN A 56 3.52 11.81 -10.84
N GLN A 57 2.97 10.67 -10.58
CA GLN A 57 3.76 9.55 -10.02
C GLN A 57 3.37 8.25 -10.73
N ASP A 58 4.16 7.22 -10.58
CA ASP A 58 3.82 5.94 -11.26
C ASP A 58 3.25 4.94 -10.25
N VAL A 59 2.58 3.93 -10.71
CA VAL A 59 2.01 2.92 -9.78
C VAL A 59 2.92 1.70 -9.75
N TYR A 60 3.15 1.12 -8.60
CA TYR A 60 4.06 -0.07 -8.54
C TYR A 60 3.28 -1.29 -8.04
N TYR A 61 3.67 -2.45 -8.47
CA TYR A 61 2.98 -3.70 -8.02
C TYR A 61 3.90 -4.45 -7.07
N LEU A 62 3.55 -4.53 -5.82
CA LEU A 62 4.43 -5.24 -4.84
C LEU A 62 3.71 -6.47 -4.29
N THR A 63 4.45 -7.38 -3.70
CA THR A 63 3.83 -8.60 -3.11
C THR A 63 4.15 -8.64 -1.61
N PHE A 64 3.14 -8.58 -0.78
CA PHE A 64 3.40 -8.62 0.68
C PHE A 64 2.36 -9.51 1.38
N LYS A 65 2.69 -10.01 2.53
CA LYS A 65 1.73 -10.88 3.26
C LYS A 65 0.90 -10.03 4.24
N VAL A 66 -0.40 -10.12 4.16
CA VAL A 66 -1.24 -9.32 5.09
C VAL A 66 -1.79 -10.21 6.20
N GLN A 67 -1.27 -10.08 7.39
CA GLN A 67 -1.76 -10.92 8.52
C GLN A 67 -1.47 -12.39 8.22
N GLY A 68 -0.34 -12.66 7.60
CA GLY A 68 0.01 -14.06 7.27
C GLY A 68 -0.74 -14.50 6.02
N ARG A 69 -1.06 -13.57 5.15
CA ARG A 69 -1.79 -13.92 3.90
C ARG A 69 -1.08 -13.29 2.71
N LYS A 70 -0.45 -14.08 1.89
CA LYS A 70 0.27 -13.52 0.71
C LYS A 70 -0.73 -12.78 -0.19
N VAL A 71 -0.48 -11.52 -0.45
CA VAL A 71 -1.40 -10.74 -1.32
C VAL A 71 -0.60 -9.76 -2.18
N GLU A 72 -0.83 -9.76 -3.47
CA GLU A 72 -0.07 -8.84 -4.36
C GLU A 72 -1.00 -7.78 -4.91
N ALA A 73 -0.57 -6.54 -4.90
CA ALA A 73 -1.44 -5.45 -5.43
C ALA A 73 -0.58 -4.24 -5.77
N GLU A 74 -1.16 -3.26 -6.43
CA GLU A 74 -0.37 -2.05 -6.79
C GLU A 74 -0.27 -1.13 -5.56
N VAL A 75 0.82 -0.44 -5.41
CA VAL A 75 0.98 0.46 -4.24
C VAL A 75 1.63 1.78 -4.68
N LEU A 76 1.55 2.78 -3.85
CA LEU A 76 2.16 4.09 -4.20
C LEU A 76 3.25 4.43 -3.17
N ALA A 77 4.28 5.14 -3.59
CA ALA A 77 5.36 5.49 -2.64
C ALA A 77 4.93 6.68 -1.79
N SER A 78 5.12 6.58 -0.49
CA SER A 78 4.72 7.70 0.40
C SER A 78 5.82 7.97 1.41
N PRO A 79 5.95 9.23 1.86
CA PRO A 79 6.98 9.63 2.84
C PRO A 79 6.67 9.08 4.23
N TYR A 80 5.61 8.34 4.37
CA TYR A 80 5.26 7.79 5.70
C TYR A 80 6.33 6.79 6.14
N ASP A 81 6.22 6.25 7.32
CA ASP A 81 7.24 5.27 7.79
C ASP A 81 6.59 3.89 7.96
N TYR A 82 5.44 3.70 7.36
CA TYR A 82 4.76 2.38 7.48
C TYR A 82 4.11 2.03 6.14
N ILE A 83 3.11 1.21 6.15
CA ILE A 83 2.43 0.83 4.87
C ILE A 83 0.93 1.05 5.00
N LEU A 84 0.35 1.83 4.13
CA LEU A 84 -1.11 2.07 4.19
C LEU A 84 -1.85 0.88 3.56
N LEU A 85 -2.85 0.37 4.22
CA LEU A 85 -3.59 -0.80 3.65
C LEU A 85 -4.89 -0.33 3.01
N ASN A 86 -5.28 -0.95 1.93
CA ASN A 86 -6.54 -0.56 1.24
C ASN A 86 -7.64 -1.56 1.60
N PRO A 87 -8.84 -1.06 1.95
CA PRO A 87 -9.98 -1.91 2.31
C PRO A 87 -10.45 -2.78 1.13
N SER A 88 -10.30 -2.30 -0.06
CA SER A 88 -10.74 -3.10 -1.25
C SER A 88 -9.71 -4.20 -1.50
N ASP A 89 -8.49 -3.98 -1.14
CA ASP A 89 -7.44 -5.02 -1.37
C ASP A 89 -7.58 -6.11 -0.29
N VAL A 90 -8.05 -5.76 0.87
CA VAL A 90 -8.20 -6.76 1.95
C VAL A 90 -9.66 -6.82 2.40
N PRO A 91 -10.52 -7.47 1.59
CA PRO A 91 -11.95 -7.59 1.90
C PRO A 91 -12.20 -8.53 3.09
N TRP A 92 -11.28 -9.43 3.35
CA TRP A 92 -11.47 -10.36 4.49
C TRP A 92 -11.19 -9.63 5.81
N LEU A 93 -10.39 -8.59 5.75
CA LEU A 93 -10.08 -7.83 7.00
C LEU A 93 -11.36 -7.24 7.57
N MET A 94 -12.27 -6.83 6.72
CA MET A 94 -13.54 -6.23 7.22
C MET A 94 -14.67 -7.26 7.08
N LYS A 95 -15.49 -7.39 8.09
CA LYS A 95 -16.60 -8.37 8.02
C LYS A 95 -17.76 -7.77 7.21
N LYS A 96 -18.42 -8.58 6.42
CA LYS A 96 -19.56 -8.06 5.61
C LYS A 96 -19.13 -6.79 4.88
N PRO A 97 -18.13 -6.91 3.98
CA PRO A 97 -17.62 -5.78 3.20
C PRO A 97 -18.62 -5.32 2.14
N LEU A 98 -18.62 -4.06 1.82
CA LEU A 98 -19.58 -3.55 0.80
C LEU A 98 -19.30 -2.08 0.51
N GLN A 8 -3.63 1.44 16.69
CA GLN A 8 -3.80 -0.03 16.48
C GLN A 8 -3.46 -0.39 15.04
N PRO A 9 -2.17 -0.34 14.69
CA PRO A 9 -1.70 -0.66 13.33
C PRO A 9 -1.83 -2.15 13.03
N LEU A 10 -1.94 -2.50 11.78
CA LEU A 10 -2.07 -3.94 11.42
C LEU A 10 -0.67 -4.54 11.20
N GLU A 11 -0.61 -5.75 10.71
CA GLU A 11 0.72 -6.38 10.48
C GLU A 11 0.85 -6.79 9.01
N ALA A 12 1.98 -6.54 8.42
CA ALA A 12 2.16 -6.91 6.98
C ALA A 12 3.62 -7.29 6.73
N GLU A 13 3.87 -8.10 5.74
CA GLU A 13 5.29 -8.50 5.43
C GLU A 13 5.60 -8.14 3.98
N ILE A 14 6.52 -7.23 3.77
CA ILE A 14 6.88 -6.84 2.39
C ILE A 14 8.28 -7.36 2.04
N LYS A 15 8.40 -8.07 0.95
CA LYS A 15 9.74 -8.61 0.56
C LYS A 15 10.25 -9.54 1.66
N GLY A 16 9.37 -10.06 2.46
CA GLY A 16 9.81 -10.98 3.56
C GLY A 16 10.04 -10.18 4.84
N THR A 17 10.14 -8.88 4.73
CA THR A 17 10.37 -8.05 5.93
C THR A 17 9.05 -7.85 6.67
N LYS A 18 9.02 -8.09 7.95
CA LYS A 18 7.76 -7.91 8.72
C LYS A 18 7.70 -6.49 9.28
N LEU A 19 6.64 -5.78 9.00
CA LEU A 19 6.53 -4.39 9.51
C LEU A 19 5.07 -4.10 9.87
N LYS A 20 4.81 -3.02 10.55
CA LYS A 20 3.41 -2.68 10.93
C LYS A 20 2.79 -1.79 9.85
N ALA A 21 1.49 -1.82 9.72
CA ALA A 21 0.83 -0.97 8.69
C ALA A 21 -0.44 -0.36 9.28
N HIS A 22 -1.06 0.53 8.56
CA HIS A 22 -2.30 1.17 9.08
C HIS A 22 -3.43 1.00 8.06
N TRP A 23 -4.53 0.43 8.46
CA TRP A 23 -5.66 0.24 7.51
C TRP A 23 -6.40 1.56 7.32
N ASP A 24 -6.48 2.03 6.10
CA ASP A 24 -7.18 3.31 5.85
C ASP A 24 -8.19 3.13 4.71
N SER A 25 -9.46 3.03 5.03
CA SER A 25 -10.47 2.84 3.96
C SER A 25 -10.45 4.04 3.02
N GLY A 26 -10.02 5.18 3.48
CA GLY A 26 -9.97 6.38 2.62
C GLY A 26 -9.00 6.13 1.45
N ALA A 27 -7.95 5.40 1.69
CA ALA A 27 -6.97 5.14 0.60
C ALA A 27 -7.58 4.15 -0.39
N THR A 28 -7.33 4.34 -1.66
CA THR A 28 -7.88 3.41 -2.68
C THR A 28 -6.77 2.51 -3.22
N ILE A 29 -5.57 2.72 -2.78
CA ILE A 29 -4.43 1.88 -3.26
C ILE A 29 -3.43 1.68 -2.12
N THR A 30 -2.77 0.55 -2.09
CA THR A 30 -1.78 0.30 -1.01
C THR A 30 -0.66 1.34 -1.08
N CYS A 31 -0.30 1.92 0.02
CA CYS A 31 0.79 2.95 0.02
C CYS A 31 1.96 2.45 0.86
N VAL A 32 3.15 2.48 0.31
CA VAL A 32 4.34 2.02 1.08
C VAL A 32 5.45 3.06 0.98
N PRO A 33 6.46 2.96 1.86
CA PRO A 33 7.59 3.89 1.86
C PRO A 33 8.60 3.57 0.75
N GLU A 34 9.00 4.56 -0.01
CA GLU A 34 9.98 4.30 -1.10
C GLU A 34 11.08 3.36 -0.61
N ALA A 35 11.35 3.37 0.66
CA ALA A 35 12.41 2.48 1.20
C ALA A 35 12.21 1.06 0.67
N PHE A 36 10.99 0.63 0.53
CA PHE A 36 10.73 -0.75 0.01
C PHE A 36 10.65 -0.72 -1.51
N LEU A 37 10.66 0.45 -2.09
CA LEU A 37 10.58 0.53 -3.58
C LEU A 37 11.97 0.61 -4.19
N GLU A 38 12.98 0.15 -3.48
CA GLU A 38 14.36 0.21 -4.04
C GLU A 38 14.33 -0.25 -5.50
N ASP A 39 13.85 -1.44 -5.74
CA ASP A 39 13.77 -1.94 -7.14
C ASP A 39 12.36 -1.69 -7.67
N GLU A 40 11.79 -0.58 -7.29
CA GLU A 40 10.41 -0.25 -7.73
C GLU A 40 10.21 -0.65 -9.20
N ARG A 41 9.14 -1.33 -9.47
CA ARG A 41 8.86 -1.75 -10.88
C ARG A 41 7.47 -1.24 -11.28
N PRO A 42 7.41 -0.01 -11.79
CA PRO A 42 6.14 0.62 -12.20
C PRO A 42 5.55 -0.03 -13.45
N ILE A 43 4.39 -0.61 -13.32
CA ILE A 43 3.75 -1.27 -14.50
C ILE A 43 2.86 -0.25 -15.22
N GLN A 44 2.39 0.74 -14.52
CA GLN A 44 1.51 1.76 -15.16
C GLN A 44 1.81 3.14 -14.57
N THR A 45 1.15 4.16 -15.06
CA THR A 45 1.42 5.53 -14.53
C THR A 45 0.11 6.11 -13.94
N MET A 46 0.22 6.94 -12.96
CA MET A 46 -1.00 7.54 -12.34
C MET A 46 -0.76 9.04 -12.08
N LEU A 47 -1.77 9.84 -12.23
CA LEU A 47 -1.61 11.31 -11.99
C LEU A 47 -2.36 11.70 -10.72
N ILE A 48 -1.72 12.42 -9.84
CA ILE A 48 -2.39 12.84 -8.59
C ILE A 48 -2.50 14.36 -8.55
N LYS A 49 -3.61 14.88 -8.10
CA LYS A 49 -3.77 16.36 -8.04
C LYS A 49 -4.28 16.76 -6.66
N THR A 50 -3.58 17.63 -5.98
CA THR A 50 -4.02 18.06 -4.63
C THR A 50 -4.22 19.58 -4.62
N ILE A 51 -4.82 20.10 -3.57
CA ILE A 51 -5.03 21.58 -3.50
C ILE A 51 -3.69 22.29 -3.41
N HIS A 52 -2.76 21.74 -2.68
CA HIS A 52 -1.43 22.39 -2.55
C HIS A 52 -0.74 22.44 -3.91
N GLY A 53 -0.97 21.44 -4.73
CA GLY A 53 -0.32 21.42 -6.08
C GLY A 53 -0.64 20.11 -6.78
N GLU A 54 -0.14 19.91 -7.97
CA GLU A 54 -0.41 18.65 -8.71
C GLU A 54 0.82 17.74 -8.63
N LYS A 55 0.63 16.50 -8.30
CA LYS A 55 1.79 15.56 -8.22
C LYS A 55 1.48 14.31 -9.04
N GLN A 56 2.39 13.92 -9.90
CA GLN A 56 2.14 12.71 -10.74
C GLN A 56 3.14 11.61 -10.35
N GLN A 57 2.65 10.42 -10.10
CA GLN A 57 3.56 9.31 -9.73
C GLN A 57 3.14 8.05 -10.49
N ASP A 58 4.05 7.12 -10.68
CA ASP A 58 3.70 5.88 -11.42
C ASP A 58 3.11 4.84 -10.46
N VAL A 59 2.49 3.82 -10.99
CA VAL A 59 1.89 2.78 -10.10
C VAL A 59 2.84 1.59 -10.04
N TYR A 60 3.01 0.99 -8.90
CA TYR A 60 3.93 -0.17 -8.80
C TYR A 60 3.18 -1.39 -8.26
N TYR A 61 3.58 -2.56 -8.68
CA TYR A 61 2.90 -3.80 -8.21
C TYR A 61 3.82 -4.51 -7.20
N LEU A 62 3.45 -4.54 -5.96
CA LEU A 62 4.31 -5.22 -4.95
C LEU A 62 3.59 -6.42 -4.35
N THR A 63 4.34 -7.31 -3.75
CA THR A 63 3.73 -8.52 -3.14
C THR A 63 4.06 -8.55 -1.65
N PHE A 64 3.07 -8.47 -0.80
CA PHE A 64 3.36 -8.50 0.67
C PHE A 64 2.31 -9.35 1.39
N LYS A 65 2.65 -9.85 2.55
CA LYS A 65 1.67 -10.67 3.32
C LYS A 65 0.88 -9.78 4.26
N VAL A 66 -0.42 -9.85 4.23
CA VAL A 66 -1.24 -9.00 5.12
C VAL A 66 -1.88 -9.86 6.21
N GLN A 67 -1.43 -9.72 7.43
CA GLN A 67 -2.01 -10.54 8.53
C GLN A 67 -1.74 -12.02 8.26
N GLY A 68 -0.59 -12.34 7.74
CA GLY A 68 -0.26 -13.76 7.46
C GLY A 68 -1.00 -14.21 6.19
N ARG A 69 -1.25 -13.30 5.29
CA ARG A 69 -1.96 -13.66 4.03
C ARG A 69 -1.23 -13.06 2.84
N LYS A 70 -0.66 -13.87 2.00
CA LYS A 70 0.08 -13.33 0.82
C LYS A 70 -0.90 -12.60 -0.10
N VAL A 71 -0.66 -11.34 -0.35
CA VAL A 71 -1.57 -10.56 -1.24
C VAL A 71 -0.73 -9.64 -2.13
N GLU A 72 -0.99 -9.62 -3.41
CA GLU A 72 -0.21 -8.74 -4.31
C GLU A 72 -1.14 -7.69 -4.94
N ALA A 73 -0.68 -6.47 -4.99
CA ALA A 73 -1.53 -5.39 -5.60
C ALA A 73 -0.64 -4.21 -5.99
N GLU A 74 -1.24 -3.11 -6.34
CA GLU A 74 -0.43 -1.92 -6.73
C GLU A 74 0.08 -1.21 -5.48
N VAL A 75 1.02 -0.34 -5.62
CA VAL A 75 1.55 0.37 -4.42
C VAL A 75 2.10 1.75 -4.83
N LEU A 76 2.16 2.66 -3.89
CA LEU A 76 2.69 4.02 -4.20
C LEU A 76 3.82 4.35 -3.23
N ALA A 77 4.86 5.00 -3.72
CA ALA A 77 6.00 5.35 -2.81
C ALA A 77 5.64 6.59 -2.01
N SER A 78 5.93 6.59 -0.73
CA SER A 78 5.61 7.77 0.12
C SER A 78 6.71 7.96 1.16
N PRO A 79 6.92 9.21 1.59
CA PRO A 79 7.94 9.55 2.60
C PRO A 79 7.53 9.08 4.01
N TYR A 80 6.42 8.40 4.11
CA TYR A 80 5.97 7.92 5.45
C TYR A 80 6.97 6.89 5.99
N ASP A 81 6.82 6.49 7.22
CA ASP A 81 7.77 5.48 7.78
C ASP A 81 7.00 4.19 8.07
N TYR A 82 5.85 4.02 7.49
CA TYR A 82 5.06 2.78 7.72
C TYR A 82 4.43 2.33 6.40
N ILE A 83 3.40 1.53 6.47
CA ILE A 83 2.75 1.07 5.22
C ILE A 83 1.24 1.31 5.30
N LEU A 84 0.62 1.59 4.20
CA LEU A 84 -0.86 1.83 4.20
C LEU A 84 -1.55 0.69 3.46
N LEU A 85 -2.63 0.18 4.01
CA LEU A 85 -3.33 -0.94 3.32
C LEU A 85 -4.58 -0.41 2.61
N ASN A 86 -4.85 -0.92 1.44
CA ASN A 86 -6.05 -0.46 0.68
C ASN A 86 -7.23 -1.37 1.02
N PRO A 87 -8.41 -0.78 1.29
CA PRO A 87 -9.63 -1.54 1.62
C PRO A 87 -10.09 -2.42 0.46
N SER A 88 -9.84 -2.00 -0.75
CA SER A 88 -10.27 -2.81 -1.92
C SER A 88 -9.33 -4.02 -2.06
N ASP A 89 -8.11 -3.88 -1.65
CA ASP A 89 -7.14 -5.01 -1.74
C ASP A 89 -7.39 -5.99 -0.60
N VAL A 90 -7.85 -5.50 0.52
CA VAL A 90 -8.12 -6.41 1.68
C VAL A 90 -9.58 -6.28 2.10
N PRO A 91 -10.49 -6.87 1.31
CA PRO A 91 -11.93 -6.85 1.59
C PRO A 91 -12.29 -7.68 2.82
N TRP A 92 -11.48 -8.65 3.15
CA TRP A 92 -11.78 -9.50 4.33
C TRP A 92 -11.52 -8.70 5.61
N LEU A 93 -10.59 -7.78 5.56
CA LEU A 93 -10.29 -6.97 6.78
C LEU A 93 -11.56 -6.22 7.22
N MET A 94 -12.33 -5.75 6.28
CA MET A 94 -13.57 -5.00 6.64
C MET A 94 -14.40 -5.84 7.61
N LYS A 95 -14.48 -7.12 7.39
CA LYS A 95 -15.28 -7.98 8.30
C LYS A 95 -16.63 -7.32 8.60
N LYS A 96 -16.72 -6.59 9.68
CA LYS A 96 -18.01 -5.92 10.01
C LYS A 96 -19.08 -6.98 10.30
N PRO A 97 -18.85 -7.81 11.32
CA PRO A 97 -19.78 -8.87 11.71
C PRO A 97 -21.05 -8.30 12.34
N LEU A 98 -22.17 -8.95 12.15
CA LEU A 98 -23.44 -8.44 12.73
C LEU A 98 -24.58 -9.40 12.39
N GLN A 8 -3.30 1.09 16.67
CA GLN A 8 -3.35 -0.40 16.50
C GLN A 8 -3.08 -0.75 15.04
N PRO A 9 -1.81 -0.67 14.62
CA PRO A 9 -1.40 -0.99 13.25
C PRO A 9 -1.53 -2.48 12.93
N LEU A 10 -1.81 -2.83 11.71
CA LEU A 10 -1.95 -4.26 11.34
C LEU A 10 -0.56 -4.86 11.08
N GLU A 11 -0.50 -6.09 10.68
CA GLU A 11 0.82 -6.73 10.41
C GLU A 11 0.95 -7.02 8.91
N ALA A 12 2.09 -6.75 8.34
CA ALA A 12 2.28 -7.02 6.90
C ALA A 12 3.73 -7.42 6.63
N GLU A 13 3.94 -8.34 5.73
CA GLU A 13 5.33 -8.78 5.41
C GLU A 13 5.67 -8.41 3.97
N ILE A 14 6.68 -7.61 3.76
CA ILE A 14 7.04 -7.23 2.37
C ILE A 14 8.39 -7.85 2.01
N LYS A 15 8.46 -8.51 0.88
CA LYS A 15 9.74 -9.15 0.47
C LYS A 15 10.28 -10.02 1.61
N GLY A 16 9.43 -10.47 2.48
CA GLY A 16 9.89 -11.32 3.61
C GLY A 16 10.21 -10.43 4.83
N THR A 17 10.13 -9.14 4.67
CA THR A 17 10.42 -8.23 5.81
C THR A 17 9.15 -8.00 6.63
N LYS A 18 9.23 -8.20 7.92
CA LYS A 18 8.02 -7.99 8.77
C LYS A 18 7.93 -6.52 9.17
N LEU A 19 6.85 -5.87 8.84
CA LEU A 19 6.71 -4.43 9.21
C LEU A 19 5.27 -4.16 9.64
N LYS A 20 5.04 -3.07 10.34
CA LYS A 20 3.66 -2.75 10.79
C LYS A 20 2.95 -1.93 9.70
N ALA A 21 1.64 -1.98 9.68
CA ALA A 21 0.89 -1.21 8.64
C ALA A 21 -0.34 -0.58 9.28
N HIS A 22 -1.08 0.19 8.52
CA HIS A 22 -2.30 0.83 9.09
C HIS A 22 -3.47 0.67 8.12
N TRP A 23 -4.54 0.07 8.55
CA TRP A 23 -5.71 -0.12 7.66
C TRP A 23 -6.51 1.19 7.57
N ASP A 24 -6.77 1.66 6.39
CA ASP A 24 -7.54 2.94 6.25
C ASP A 24 -8.51 2.82 5.07
N SER A 25 -9.77 2.75 5.34
CA SER A 25 -10.77 2.64 4.23
C SER A 25 -10.66 3.88 3.33
N GLY A 26 -10.24 4.98 3.88
CA GLY A 26 -10.12 6.22 3.05
C GLY A 26 -9.07 6.00 1.95
N ALA A 27 -8.13 5.13 2.18
CA ALA A 27 -7.08 4.88 1.15
C ALA A 27 -7.65 3.93 0.09
N THR A 28 -7.54 4.30 -1.16
CA THR A 28 -8.08 3.42 -2.24
C THR A 28 -6.94 2.56 -2.79
N ILE A 29 -5.72 2.93 -2.53
CA ILE A 29 -4.56 2.13 -3.05
C ILE A 29 -3.53 1.96 -1.94
N THR A 30 -3.08 0.75 -1.72
CA THR A 30 -2.06 0.52 -0.66
C THR A 30 -0.90 1.49 -0.83
N CYS A 31 -0.40 2.02 0.25
CA CYS A 31 0.74 2.97 0.15
C CYS A 31 1.93 2.42 0.93
N VAL A 32 3.08 2.37 0.31
CA VAL A 32 4.28 1.84 1.02
C VAL A 32 5.38 2.90 1.03
N PRO A 33 6.37 2.74 1.91
CA PRO A 33 7.49 3.68 2.02
C PRO A 33 8.53 3.46 0.90
N GLU A 34 8.94 4.50 0.24
CA GLU A 34 9.94 4.36 -0.85
C GLU A 34 11.05 3.39 -0.40
N ALA A 35 11.29 3.30 0.88
CA ALA A 35 12.34 2.39 1.38
C ALA A 35 12.20 1.01 0.72
N PHE A 36 11.00 0.52 0.61
CA PHE A 36 10.80 -0.82 -0.02
C PHE A 36 10.72 -0.67 -1.54
N LEU A 37 10.70 0.54 -2.03
CA LEU A 37 10.62 0.73 -3.50
C LEU A 37 12.03 0.85 -4.09
N GLU A 38 13.03 0.42 -3.36
CA GLU A 38 14.42 0.50 -3.89
C GLU A 38 14.41 0.03 -5.34
N ASP A 39 13.91 -1.13 -5.59
CA ASP A 39 13.83 -1.64 -6.99
C ASP A 39 12.42 -1.40 -7.51
N GLU A 40 11.83 -0.30 -7.13
CA GLU A 40 10.45 0.02 -7.57
C GLU A 40 10.23 -0.41 -9.02
N ARG A 41 9.13 -1.05 -9.30
CA ARG A 41 8.83 -1.49 -10.69
C ARG A 41 7.44 -1.01 -11.06
N PRO A 42 7.33 0.25 -11.51
CA PRO A 42 6.05 0.85 -11.89
C PRO A 42 5.46 0.23 -13.16
N ILE A 43 4.32 -0.39 -13.05
CA ILE A 43 3.69 -1.00 -14.26
C ILE A 43 2.77 0.02 -14.92
N GLN A 44 2.22 0.91 -14.14
CA GLN A 44 1.31 1.95 -14.72
C GLN A 44 1.56 3.28 -14.01
N THR A 45 1.22 4.38 -14.65
CA THR A 45 1.45 5.70 -14.01
C THR A 45 0.11 6.44 -13.87
N MET A 46 0.02 7.33 -12.92
CA MET A 46 -1.24 8.09 -12.73
C MET A 46 -0.92 9.54 -12.39
N LEU A 47 -1.71 10.46 -12.88
CA LEU A 47 -1.44 11.90 -12.58
C LEU A 47 -2.31 12.34 -11.41
N ILE A 48 -1.73 12.93 -10.40
CA ILE A 48 -2.53 13.38 -9.23
C ILE A 48 -2.50 14.91 -9.14
N LYS A 49 -3.62 15.53 -8.97
CA LYS A 49 -3.65 17.02 -8.88
C LYS A 49 -4.00 17.45 -7.45
N THR A 50 -3.26 18.37 -6.90
CA THR A 50 -3.55 18.82 -5.51
C THR A 50 -3.80 20.33 -5.51
N ILE A 51 -4.09 20.89 -4.37
CA ILE A 51 -4.34 22.35 -4.30
C ILE A 51 -3.05 23.11 -4.57
N HIS A 52 -1.98 22.76 -3.90
CA HIS A 52 -0.69 23.46 -4.12
C HIS A 52 -0.35 23.42 -5.61
N GLY A 53 -0.44 22.28 -6.23
CA GLY A 53 -0.12 22.19 -7.68
C GLY A 53 -0.45 20.79 -8.19
N GLU A 54 0.08 20.42 -9.32
CA GLU A 54 -0.21 19.06 -9.88
C GLU A 54 0.95 18.12 -9.57
N LYS A 55 0.67 16.94 -9.07
CA LYS A 55 1.76 15.98 -8.75
C LYS A 55 1.55 14.70 -9.56
N GLN A 56 2.61 14.17 -10.12
CA GLN A 56 2.48 12.92 -10.91
C GLN A 56 3.01 11.74 -10.11
N GLN A 57 2.19 10.74 -9.89
CA GLN A 57 2.66 9.55 -9.11
C GLN A 57 2.58 8.30 -10.00
N ASP A 58 3.49 7.39 -9.83
CA ASP A 58 3.46 6.15 -10.66
C ASP A 58 2.87 5.00 -9.84
N VAL A 59 2.33 4.02 -10.50
CA VAL A 59 1.74 2.86 -9.77
C VAL A 59 2.75 1.71 -9.75
N TYR A 60 2.94 1.10 -8.61
CA TYR A 60 3.92 -0.03 -8.54
C TYR A 60 3.21 -1.29 -8.03
N TYR A 61 3.63 -2.44 -8.48
CA TYR A 61 3.00 -3.71 -8.02
C TYR A 61 3.93 -4.39 -7.03
N LEU A 62 3.52 -4.52 -5.80
CA LEU A 62 4.40 -5.19 -4.79
C LEU A 62 3.69 -6.40 -4.19
N THR A 63 4.45 -7.34 -3.68
CA THR A 63 3.84 -8.55 -3.06
C THR A 63 4.16 -8.56 -1.56
N PHE A 64 3.17 -8.66 -0.73
CA PHE A 64 3.43 -8.67 0.73
C PHE A 64 2.36 -9.52 1.44
N LYS A 65 2.72 -10.11 2.55
CA LYS A 65 1.72 -10.95 3.29
C LYS A 65 0.89 -10.04 4.20
N VAL A 66 -0.40 -10.21 4.20
CA VAL A 66 -1.26 -9.36 5.07
C VAL A 66 -1.84 -10.21 6.20
N GLN A 67 -1.43 -9.95 7.41
CA GLN A 67 -1.96 -10.72 8.57
C GLN A 67 -1.59 -12.20 8.39
N GLY A 68 -0.59 -12.47 7.60
CA GLY A 68 -0.17 -13.89 7.39
C GLY A 68 -0.80 -14.40 6.10
N ARG A 69 -1.18 -13.52 5.22
CA ARG A 69 -1.80 -13.94 3.93
C ARG A 69 -1.04 -13.30 2.77
N LYS A 70 -0.42 -14.10 1.94
CA LYS A 70 0.33 -13.53 0.78
C LYS A 70 -0.64 -12.84 -0.17
N VAL A 71 -0.51 -11.55 -0.33
CA VAL A 71 -1.43 -10.80 -1.24
C VAL A 71 -0.63 -9.79 -2.05
N GLU A 72 -0.88 -9.72 -3.33
CA GLU A 72 -0.14 -8.75 -4.19
C GLU A 72 -1.09 -7.65 -4.65
N ALA A 73 -0.62 -6.42 -4.68
CA ALA A 73 -1.50 -5.31 -5.12
C ALA A 73 -0.65 -4.12 -5.53
N GLU A 74 -1.25 -3.14 -6.16
CA GLU A 74 -0.47 -1.93 -6.59
C GLU A 74 -0.28 -1.02 -5.38
N VAL A 75 0.87 -0.41 -5.25
CA VAL A 75 1.12 0.48 -4.09
C VAL A 75 1.87 1.74 -4.56
N LEU A 76 1.86 2.77 -3.76
CA LEU A 76 2.58 4.02 -4.15
C LEU A 76 3.70 4.30 -3.16
N ALA A 77 4.78 4.86 -3.62
CA ALA A 77 5.92 5.16 -2.69
C ALA A 77 5.62 6.43 -1.91
N SER A 78 5.68 6.36 -0.61
CA SER A 78 5.39 7.58 0.22
C SER A 78 6.47 7.73 1.28
N PRO A 79 6.72 8.98 1.72
CA PRO A 79 7.73 9.28 2.74
C PRO A 79 7.32 8.76 4.12
N TYR A 80 6.15 8.17 4.22
CA TYR A 80 5.70 7.64 5.54
C TYR A 80 6.71 6.62 6.06
N ASP A 81 6.57 6.21 7.28
CA ASP A 81 7.53 5.22 7.85
C ASP A 81 6.80 3.90 8.09
N TYR A 82 5.71 3.67 7.41
CA TYR A 82 4.95 2.41 7.61
C TYR A 82 4.28 2.00 6.29
N ILE A 83 3.27 1.18 6.36
CA ILE A 83 2.58 0.76 5.10
C ILE A 83 1.08 1.06 5.22
N LEU A 84 0.47 1.50 4.15
CA LEU A 84 -0.98 1.80 4.20
C LEU A 84 -1.74 0.72 3.43
N LEU A 85 -2.76 0.16 4.02
CA LEU A 85 -3.53 -0.90 3.32
C LEU A 85 -4.92 -0.38 2.96
N ASN A 86 -5.37 -0.64 1.76
CA ASN A 86 -6.72 -0.15 1.35
C ASN A 86 -7.74 -1.28 1.51
N PRO A 87 -9.02 -0.92 1.61
CA PRO A 87 -10.12 -1.89 1.77
C PRO A 87 -10.33 -2.70 0.49
N SER A 88 -9.86 -2.19 -0.62
CA SER A 88 -10.02 -2.93 -1.90
C SER A 88 -9.01 -4.08 -1.95
N ASP A 89 -7.84 -3.86 -1.43
CA ASP A 89 -6.81 -4.94 -1.43
C ASP A 89 -7.13 -5.93 -0.31
N VAL A 90 -7.68 -5.45 0.77
CA VAL A 90 -8.01 -6.36 1.90
C VAL A 90 -9.52 -6.33 2.16
N PRO A 91 -10.30 -6.92 1.25
CA PRO A 91 -11.76 -6.97 1.37
C PRO A 91 -12.21 -7.90 2.50
N TRP A 92 -11.36 -8.80 2.92
CA TRP A 92 -11.73 -9.73 4.02
C TRP A 92 -11.58 -9.02 5.36
N LEU A 93 -10.64 -8.13 5.48
CA LEU A 93 -10.44 -7.40 6.77
C LEU A 93 -11.81 -6.97 7.31
N MET A 94 -12.67 -6.50 6.47
CA MET A 94 -14.02 -6.07 6.95
C MET A 94 -14.93 -7.29 7.06
N LYS A 95 -15.56 -7.47 8.20
CA LYS A 95 -16.46 -8.64 8.37
C LYS A 95 -17.60 -8.56 7.35
N LYS A 96 -18.08 -7.37 7.09
CA LYS A 96 -19.20 -7.24 6.10
C LYS A 96 -18.91 -6.05 5.17
N PRO A 97 -19.47 -6.10 3.95
CA PRO A 97 -19.27 -5.04 2.95
C PRO A 97 -20.00 -3.75 3.35
N LEU A 98 -19.72 -2.67 2.68
CA LEU A 98 -20.39 -1.38 3.02
C LEU A 98 -21.70 -1.26 2.24
N GLN A 8 -2.44 1.16 16.89
CA GLN A 8 -2.75 -0.29 16.70
C GLN A 8 -2.61 -0.64 15.22
N PRO A 9 -1.38 -0.59 14.69
CA PRO A 9 -1.10 -0.91 13.29
C PRO A 9 -1.28 -2.40 12.99
N LEU A 10 -1.66 -2.73 11.80
CA LEU A 10 -1.86 -4.17 11.45
C LEU A 10 -0.50 -4.79 11.08
N GLU A 11 -0.41 -6.09 11.12
CA GLU A 11 0.88 -6.76 10.78
C GLU A 11 0.97 -6.93 9.25
N ALA A 12 2.15 -6.76 8.70
CA ALA A 12 2.30 -6.91 7.24
C ALA A 12 3.76 -7.30 6.91
N GLU A 13 3.97 -7.99 5.83
CA GLU A 13 5.36 -8.40 5.47
C GLU A 13 5.61 -8.04 4.00
N ILE A 14 6.61 -7.24 3.73
CA ILE A 14 6.90 -6.86 2.32
C ILE A 14 8.28 -7.41 1.93
N LYS A 15 8.35 -8.12 0.83
CA LYS A 15 9.65 -8.68 0.39
C LYS A 15 10.17 -9.65 1.47
N GLY A 16 9.31 -10.13 2.31
CA GLY A 16 9.75 -11.07 3.38
C GLY A 16 10.09 -10.28 4.65
N THR A 17 10.19 -8.98 4.54
CA THR A 17 10.51 -8.16 5.74
C THR A 17 9.23 -7.92 6.56
N LYS A 18 9.31 -8.09 7.85
CA LYS A 18 8.10 -7.87 8.69
C LYS A 18 8.03 -6.41 9.12
N LEU A 19 6.87 -5.83 9.11
CA LEU A 19 6.74 -4.39 9.53
C LEU A 19 5.29 -4.11 9.93
N LYS A 20 5.06 -3.01 10.60
CA LYS A 20 3.67 -2.67 11.01
C LYS A 20 2.96 -1.94 9.88
N ALA A 21 1.66 -2.06 9.79
CA ALA A 21 0.91 -1.38 8.70
C ALA A 21 -0.32 -0.68 9.28
N HIS A 22 -0.99 0.11 8.51
CA HIS A 22 -2.21 0.81 9.03
C HIS A 22 -3.36 0.65 8.05
N TRP A 23 -4.53 0.31 8.53
CA TRP A 23 -5.69 0.15 7.63
C TRP A 23 -6.43 1.47 7.49
N ASP A 24 -6.45 2.04 6.31
CA ASP A 24 -7.15 3.33 6.11
C ASP A 24 -8.14 3.21 4.95
N SER A 25 -9.40 3.07 5.25
CA SER A 25 -10.41 2.95 4.16
C SER A 25 -10.34 4.17 3.24
N GLY A 26 -10.04 5.32 3.79
CA GLY A 26 -9.95 6.54 2.95
C GLY A 26 -9.01 6.30 1.78
N ALA A 27 -7.97 5.54 1.99
CA ALA A 27 -7.01 5.26 0.87
C ALA A 27 -7.69 4.37 -0.17
N THR A 28 -7.52 4.68 -1.43
CA THR A 28 -8.15 3.85 -2.50
C THR A 28 -7.15 2.82 -3.00
N ILE A 29 -5.89 3.01 -2.71
CA ILE A 29 -4.86 2.04 -3.17
C ILE A 29 -3.80 1.86 -2.08
N THR A 30 -3.22 0.70 -2.00
CA THR A 30 -2.18 0.47 -0.95
C THR A 30 -1.06 1.49 -1.10
N CYS A 31 -0.61 2.07 -0.02
CA CYS A 31 0.49 3.08 -0.10
C CYS A 31 1.69 2.58 0.71
N VAL A 32 2.80 2.39 0.07
CA VAL A 32 4.01 1.91 0.80
C VAL A 32 5.07 3.01 0.82
N PRO A 33 6.05 2.88 1.73
CA PRO A 33 7.13 3.86 1.86
C PRO A 33 8.21 3.63 0.79
N GLU A 34 8.60 4.67 0.10
CA GLU A 34 9.64 4.53 -0.95
C GLU A 34 10.77 3.63 -0.44
N ALA A 35 10.96 3.59 0.85
CA ALA A 35 12.04 2.73 1.42
C ALA A 35 11.89 1.30 0.90
N PHE A 36 10.68 0.81 0.84
CA PHE A 36 10.44 -0.57 0.35
C PHE A 36 10.40 -0.56 -1.18
N LEU A 37 10.48 0.60 -1.79
CA LEU A 37 10.43 0.67 -3.27
C LEU A 37 11.86 0.70 -3.84
N GLU A 38 12.82 0.26 -3.08
CA GLU A 38 14.23 0.26 -3.59
C GLU A 38 14.24 -0.25 -5.03
N ASP A 39 13.73 -1.43 -5.24
CA ASP A 39 13.67 -1.99 -6.62
C ASP A 39 12.28 -1.71 -7.20
N GLU A 40 11.75 -0.55 -6.92
CA GLU A 40 10.40 -0.20 -7.41
C GLU A 40 10.23 -0.64 -8.87
N ARG A 41 9.11 -1.25 -9.16
CA ARG A 41 8.85 -1.70 -10.56
C ARG A 41 7.49 -1.17 -11.00
N PRO A 42 7.45 0.07 -11.51
CA PRO A 42 6.21 0.72 -11.95
C PRO A 42 5.65 0.07 -13.23
N ILE A 43 4.46 -0.46 -13.15
CA ILE A 43 3.84 -1.09 -14.35
C ILE A 43 3.03 -0.03 -15.10
N GLN A 44 2.41 0.86 -14.39
CA GLN A 44 1.59 1.92 -15.05
C GLN A 44 1.85 3.25 -14.35
N THR A 45 1.28 4.32 -14.86
CA THR A 45 1.51 5.64 -14.20
C THR A 45 0.16 6.34 -13.97
N MET A 46 0.08 7.17 -12.98
CA MET A 46 -1.20 7.89 -12.70
C MET A 46 -0.90 9.34 -12.34
N LEU A 47 -1.77 10.25 -12.70
CA LEU A 47 -1.55 11.68 -12.38
C LEU A 47 -2.33 12.06 -11.12
N ILE A 48 -1.68 12.66 -10.17
CA ILE A 48 -2.40 13.06 -8.92
C ILE A 48 -2.45 14.58 -8.82
N LYS A 49 -3.60 15.13 -8.50
CA LYS A 49 -3.72 16.60 -8.39
C LYS A 49 -3.74 17.01 -6.91
N THR A 50 -3.09 18.09 -6.57
CA THR A 50 -3.09 18.53 -5.15
C THR A 50 -3.42 20.03 -5.09
N ILE A 51 -4.13 20.45 -4.07
CA ILE A 51 -4.47 21.89 -3.96
C ILE A 51 -3.22 22.74 -4.17
N HIS A 52 -2.12 22.33 -3.60
CA HIS A 52 -0.87 23.11 -3.76
C HIS A 52 -0.41 23.04 -5.23
N GLY A 53 -0.60 21.92 -5.86
CA GLY A 53 -0.18 21.79 -7.29
C GLY A 53 -0.53 20.39 -7.79
N GLU A 54 -0.12 20.06 -8.98
CA GLU A 54 -0.43 18.71 -9.53
C GLU A 54 0.83 17.83 -9.46
N LYS A 55 0.70 16.65 -8.92
CA LYS A 55 1.89 15.75 -8.83
C LYS A 55 1.57 14.42 -9.53
N GLN A 56 2.47 13.93 -10.33
CA GLN A 56 2.21 12.66 -11.04
C GLN A 56 3.11 11.56 -10.46
N GLN A 57 2.53 10.47 -10.04
CA GLN A 57 3.34 9.36 -9.47
C GLN A 57 3.07 8.08 -10.25
N ASP A 58 4.05 7.23 -10.38
CA ASP A 58 3.84 5.97 -11.14
C ASP A 58 3.22 4.91 -10.22
N VAL A 59 2.59 3.92 -10.80
CA VAL A 59 1.96 2.85 -9.96
C VAL A 59 2.91 1.65 -9.91
N TYR A 60 3.11 1.09 -8.75
CA TYR A 60 4.02 -0.08 -8.66
C TYR A 60 3.25 -1.30 -8.13
N TYR A 61 3.63 -2.48 -8.56
CA TYR A 61 2.95 -3.71 -8.09
C TYR A 61 3.85 -4.44 -7.10
N LEU A 62 3.48 -4.50 -5.85
CA LEU A 62 4.35 -5.18 -4.86
C LEU A 62 3.63 -6.42 -4.28
N THR A 63 4.38 -7.34 -3.75
CA THR A 63 3.77 -8.56 -3.16
C THR A 63 4.09 -8.60 -1.67
N PHE A 64 3.09 -8.55 -0.83
CA PHE A 64 3.36 -8.58 0.64
C PHE A 64 2.34 -9.50 1.33
N LYS A 65 2.66 -9.96 2.51
CA LYS A 65 1.72 -10.85 3.24
C LYS A 65 0.83 -10.01 4.16
N VAL A 66 -0.46 -10.20 4.09
CA VAL A 66 -1.37 -9.40 4.96
C VAL A 66 -1.91 -10.29 6.09
N GLN A 67 -1.39 -10.13 7.28
CA GLN A 67 -1.87 -10.96 8.42
C GLN A 67 -1.55 -12.43 8.14
N GLY A 68 -0.42 -12.70 7.53
CA GLY A 68 -0.05 -14.10 7.24
C GLY A 68 -0.76 -14.55 5.96
N ARG A 69 -1.08 -13.63 5.09
CA ARG A 69 -1.78 -14.01 3.84
C ARG A 69 -1.06 -13.38 2.65
N LYS A 70 -0.58 -14.18 1.73
CA LYS A 70 0.13 -13.63 0.55
C LYS A 70 -0.85 -12.82 -0.31
N VAL A 71 -0.55 -11.57 -0.55
CA VAL A 71 -1.47 -10.74 -1.38
C VAL A 71 -0.64 -9.76 -2.23
N GLU A 72 -0.94 -9.67 -3.49
CA GLU A 72 -0.18 -8.74 -4.36
C GLU A 72 -1.10 -7.65 -4.90
N ALA A 73 -0.66 -6.43 -4.92
CA ALA A 73 -1.51 -5.32 -5.43
C ALA A 73 -0.64 -4.12 -5.80
N GLU A 74 -1.22 -3.13 -6.42
CA GLU A 74 -0.42 -1.93 -6.80
C GLU A 74 -0.23 -1.03 -5.58
N VAL A 75 0.92 -0.44 -5.44
CA VAL A 75 1.16 0.44 -4.26
C VAL A 75 1.86 1.73 -4.72
N LEU A 76 1.82 2.74 -3.90
CA LEU A 76 2.48 4.03 -4.28
C LEU A 76 3.57 4.36 -3.26
N ALA A 77 4.56 5.12 -3.66
CA ALA A 77 5.65 5.46 -2.70
C ALA A 77 5.18 6.61 -1.80
N SER A 78 5.50 6.55 -0.53
CA SER A 78 5.09 7.62 0.40
C SER A 78 6.18 7.87 1.44
N PRO A 79 6.30 9.11 1.91
CA PRO A 79 7.32 9.50 2.90
C PRO A 79 6.99 8.95 4.30
N TYR A 80 5.94 8.19 4.42
CA TYR A 80 5.57 7.63 5.74
C TYR A 80 6.63 6.63 6.20
N ASP A 81 6.52 6.12 7.39
CA ASP A 81 7.52 5.14 7.90
C ASP A 81 6.85 3.78 8.08
N TYR A 82 5.68 3.60 7.52
CA TYR A 82 4.97 2.30 7.67
C TYR A 82 4.34 1.92 6.33
N ILE A 83 3.35 1.08 6.35
CA ILE A 83 2.69 0.67 5.08
C ILE A 83 1.20 0.98 5.14
N LEU A 84 0.68 1.70 4.19
CA LEU A 84 -0.77 2.02 4.20
C LEU A 84 -1.54 0.86 3.56
N LEU A 85 -2.70 0.56 4.08
CA LEU A 85 -3.48 -0.59 3.52
C LEU A 85 -4.76 -0.06 2.86
N ASN A 86 -5.15 -0.67 1.77
CA ASN A 86 -6.39 -0.22 1.07
C ASN A 86 -7.52 -1.22 1.37
N PRO A 87 -8.73 -0.71 1.65
CA PRO A 87 -9.89 -1.55 1.96
C PRO A 87 -10.30 -2.42 0.78
N SER A 88 -10.17 -1.94 -0.43
CA SER A 88 -10.54 -2.75 -1.61
C SER A 88 -9.50 -3.85 -1.82
N ASP A 89 -8.28 -3.62 -1.38
CA ASP A 89 -7.23 -4.66 -1.55
C ASP A 89 -7.39 -5.73 -0.48
N VAL A 90 -7.91 -5.36 0.66
CA VAL A 90 -8.09 -6.36 1.75
C VAL A 90 -9.58 -6.46 2.12
N PRO A 91 -10.38 -7.06 1.23
CA PRO A 91 -11.82 -7.22 1.45
C PRO A 91 -12.12 -8.24 2.56
N TRP A 92 -11.15 -9.04 2.92
CA TRP A 92 -11.37 -10.04 3.99
C TRP A 92 -11.20 -9.38 5.35
N LEU A 93 -10.39 -8.37 5.43
CA LEU A 93 -10.18 -7.67 6.73
C LEU A 93 -11.52 -7.10 7.23
N MET A 94 -12.42 -6.83 6.33
CA MET A 94 -13.74 -6.28 6.75
C MET A 94 -14.52 -7.35 7.52
N LYS A 95 -14.37 -8.59 7.13
CA LYS A 95 -15.10 -9.68 7.84
C LYS A 95 -14.09 -10.64 8.47
N LYS A 96 -14.34 -11.07 9.67
CA LYS A 96 -13.39 -12.00 10.35
C LYS A 96 -13.48 -13.38 9.68
N PRO A 97 -12.35 -14.11 9.66
CA PRO A 97 -12.29 -15.45 9.07
C PRO A 97 -13.06 -16.48 9.89
N LEU A 98 -13.37 -16.15 11.12
CA LEU A 98 -14.12 -17.11 11.98
C LEU A 98 -13.28 -18.37 12.19
N GLN A 8 -4.17 0.87 17.06
CA GLN A 8 -3.65 -0.50 16.81
C GLN A 8 -3.36 -0.67 15.30
N PRO A 9 -2.09 -0.50 14.92
CA PRO A 9 -1.67 -0.63 13.51
C PRO A 9 -1.75 -2.09 13.03
N LEU A 10 -1.96 -2.29 11.75
CA LEU A 10 -2.04 -3.69 11.24
C LEU A 10 -0.63 -4.21 10.95
N GLU A 11 -0.49 -5.50 10.78
CA GLU A 11 0.86 -6.06 10.51
C GLU A 11 0.99 -6.37 9.01
N ALA A 12 2.16 -6.25 8.47
CA ALA A 12 2.35 -6.53 7.02
C ALA A 12 3.79 -6.97 6.77
N GLU A 13 4.00 -7.87 5.83
CA GLU A 13 5.37 -8.35 5.54
C GLU A 13 5.71 -8.10 4.06
N ILE A 14 6.70 -7.31 3.79
CA ILE A 14 7.07 -7.04 2.37
C ILE A 14 8.46 -7.62 2.09
N LYS A 15 8.59 -8.38 1.03
CA LYS A 15 9.91 -8.98 0.70
C LYS A 15 10.44 -9.76 1.90
N GLY A 16 9.56 -10.17 2.79
CA GLY A 16 10.02 -10.93 3.98
C GLY A 16 10.27 -9.96 5.15
N THR A 17 10.23 -8.69 4.89
CA THR A 17 10.46 -7.70 5.97
C THR A 17 9.17 -7.48 6.76
N LYS A 18 9.21 -7.60 8.06
CA LYS A 18 7.99 -7.41 8.87
C LYS A 18 7.90 -5.95 9.32
N LEU A 19 6.83 -5.28 8.99
CA LEU A 19 6.68 -3.86 9.39
C LEU A 19 5.23 -3.59 9.81
N LYS A 20 4.98 -2.46 10.41
CA LYS A 20 3.59 -2.13 10.84
C LYS A 20 2.85 -1.44 9.68
N ALA A 21 1.55 -1.53 9.67
CA ALA A 21 0.77 -0.88 8.58
C ALA A 21 -0.49 -0.23 9.16
N HIS A 22 -1.16 0.59 8.40
CA HIS A 22 -2.39 1.25 8.92
C HIS A 22 -3.52 1.08 7.90
N TRP A 23 -4.68 0.69 8.34
CA TRP A 23 -5.82 0.51 7.40
C TRP A 23 -6.54 1.85 7.22
N ASP A 24 -6.64 2.30 5.99
CA ASP A 24 -7.34 3.60 5.74
C ASP A 24 -8.37 3.42 4.63
N SER A 25 -9.62 3.26 4.98
CA SER A 25 -10.67 3.07 3.94
C SER A 25 -10.65 4.26 2.99
N GLY A 26 -10.21 5.40 3.44
CA GLY A 26 -10.18 6.59 2.55
C GLY A 26 -9.26 6.31 1.37
N ALA A 27 -8.19 5.60 1.59
CA ALA A 27 -7.25 5.30 0.47
C ALA A 27 -7.89 4.28 -0.47
N THR A 28 -7.76 4.48 -1.75
CA THR A 28 -8.36 3.52 -2.73
C THR A 28 -7.29 2.56 -3.23
N ILE A 29 -6.05 2.83 -2.92
CA ILE A 29 -4.95 1.94 -3.37
C ILE A 29 -3.93 1.79 -2.26
N THR A 30 -3.23 0.68 -2.23
CA THR A 30 -2.21 0.48 -1.16
C THR A 30 -1.14 1.57 -1.26
N CYS A 31 -0.52 1.91 -0.17
CA CYS A 31 0.53 2.96 -0.20
C CYS A 31 1.80 2.41 0.46
N VAL A 32 2.85 2.25 -0.30
CA VAL A 32 4.11 1.71 0.27
C VAL A 32 5.19 2.80 0.20
N PRO A 33 6.10 2.82 1.19
CA PRO A 33 7.17 3.81 1.24
C PRO A 33 8.30 3.48 0.24
N GLU A 34 8.70 4.44 -0.54
CA GLU A 34 9.78 4.19 -1.55
C GLU A 34 10.87 3.31 -0.95
N ALA A 35 11.04 3.34 0.34
CA ALA A 35 12.10 2.50 0.97
C ALA A 35 11.97 1.06 0.46
N PHE A 36 10.79 0.66 0.09
CA PHE A 36 10.60 -0.73 -0.41
C PHE A 36 10.52 -0.74 -1.95
N LEU A 37 10.56 0.43 -2.54
CA LEU A 37 10.47 0.49 -4.03
C LEU A 37 11.77 1.05 -4.60
N GLU A 38 12.81 1.09 -3.80
CA GLU A 38 14.12 1.62 -4.31
C GLU A 38 14.59 0.76 -5.48
N ASP A 39 14.16 -0.47 -5.54
CA ASP A 39 14.57 -1.35 -6.66
C ASP A 39 13.32 -1.97 -7.29
N GLU A 40 12.22 -1.28 -7.18
CA GLU A 40 10.95 -1.82 -7.77
C GLU A 40 10.73 -1.22 -9.16
N ARG A 41 9.72 -1.68 -9.85
CA ARG A 41 9.44 -1.15 -11.21
C ARG A 41 7.95 -0.83 -11.34
N PRO A 42 7.63 0.39 -11.79
CA PRO A 42 6.23 0.83 -11.94
C PRO A 42 5.55 0.15 -13.13
N ILE A 43 4.49 -0.55 -12.90
CA ILE A 43 3.77 -1.23 -14.02
C ILE A 43 2.81 -0.24 -14.67
N GLN A 44 2.31 0.71 -13.92
CA GLN A 44 1.36 1.71 -14.50
C GLN A 44 1.62 3.07 -13.85
N THR A 45 1.13 4.13 -14.44
CA THR A 45 1.34 5.48 -13.85
C THR A 45 0.00 6.15 -13.59
N MET A 46 -0.08 6.98 -12.59
CA MET A 46 -1.36 7.67 -12.28
C MET A 46 -1.06 9.11 -11.83
N LEU A 47 -1.90 10.04 -12.20
CA LEU A 47 -1.66 11.46 -11.79
C LEU A 47 -2.41 11.74 -10.48
N ILE A 48 -1.75 12.34 -9.52
CA ILE A 48 -2.41 12.63 -8.23
C ILE A 48 -2.41 14.14 -7.99
N LYS A 49 -3.55 14.71 -7.68
CA LYS A 49 -3.61 16.18 -7.44
C LYS A 49 -3.82 16.43 -5.94
N THR A 50 -3.08 17.35 -5.37
CA THR A 50 -3.24 17.65 -3.93
C THR A 50 -3.62 19.13 -3.75
N ILE A 51 -3.58 19.62 -2.53
CA ILE A 51 -3.94 21.04 -2.30
C ILE A 51 -2.74 21.93 -2.66
N HIS A 52 -1.56 21.58 -2.21
CA HIS A 52 -0.37 22.40 -2.53
C HIS A 52 -0.20 22.50 -4.03
N GLY A 53 -0.46 21.43 -4.74
CA GLY A 53 -0.31 21.46 -6.22
C GLY A 53 -0.64 20.07 -6.80
N GLU A 54 -0.36 19.86 -8.05
CA GLU A 54 -0.65 18.54 -8.67
C GLU A 54 0.66 17.76 -8.85
N LYS A 55 0.65 16.50 -8.54
CA LYS A 55 1.88 15.69 -8.69
C LYS A 55 1.53 14.33 -9.31
N GLN A 56 2.28 13.89 -10.28
CA GLN A 56 1.99 12.58 -10.92
C GLN A 56 3.04 11.56 -10.50
N GLN A 57 2.61 10.43 -10.00
CA GLN A 57 3.58 9.38 -9.58
C GLN A 57 3.28 8.08 -10.32
N ASP A 58 4.24 7.19 -10.37
CA ASP A 58 4.00 5.89 -11.08
C ASP A 58 3.51 4.83 -10.08
N VAL A 59 2.65 3.97 -10.52
CA VAL A 59 2.13 2.92 -9.59
C VAL A 59 3.07 1.71 -9.63
N TYR A 60 3.11 0.95 -8.57
CA TYR A 60 4.02 -0.23 -8.54
C TYR A 60 3.27 -1.46 -8.03
N TYR A 61 3.49 -2.60 -8.62
CA TYR A 61 2.80 -3.84 -8.16
C TYR A 61 3.78 -4.67 -7.32
N LEU A 62 3.50 -4.82 -6.05
CA LEU A 62 4.43 -5.61 -5.19
C LEU A 62 3.69 -6.79 -4.56
N THR A 63 4.41 -7.69 -3.95
CA THR A 63 3.78 -8.88 -3.31
C THR A 63 4.14 -8.90 -1.82
N PHE A 64 3.17 -8.80 -0.96
CA PHE A 64 3.48 -8.81 0.50
C PHE A 64 2.42 -9.63 1.25
N LYS A 65 2.71 -10.03 2.46
CA LYS A 65 1.73 -10.83 3.23
C LYS A 65 0.98 -9.90 4.21
N VAL A 66 -0.32 -9.91 4.16
CA VAL A 66 -1.10 -9.04 5.08
C VAL A 66 -1.70 -9.89 6.21
N GLN A 67 -1.29 -9.65 7.42
CA GLN A 67 -1.84 -10.45 8.56
C GLN A 67 -1.47 -11.91 8.38
N GLY A 68 -0.34 -12.18 7.77
CA GLY A 68 0.08 -13.59 7.56
C GLY A 68 -0.65 -14.17 6.33
N ARG A 69 -1.09 -13.32 5.45
CA ARG A 69 -1.80 -13.82 4.24
C ARG A 69 -1.13 -13.25 2.99
N LYS A 70 -0.59 -14.10 2.16
CA LYS A 70 0.08 -13.62 0.91
C LYS A 70 -0.92 -12.82 0.07
N VAL A 71 -0.60 -11.59 -0.25
CA VAL A 71 -1.54 -10.76 -1.06
C VAL A 71 -0.73 -9.79 -1.93
N GLU A 72 -0.97 -9.78 -3.20
CA GLU A 72 -0.21 -8.86 -4.10
C GLU A 72 -1.13 -7.73 -4.56
N ALA A 73 -0.64 -6.53 -4.60
CA ALA A 73 -1.49 -5.39 -5.05
C ALA A 73 -0.60 -4.22 -5.47
N GLU A 74 -1.17 -3.23 -6.10
CA GLU A 74 -0.36 -2.06 -6.54
C GLU A 74 -0.14 -1.12 -5.35
N VAL A 75 1.05 -0.62 -5.20
CA VAL A 75 1.32 0.30 -4.06
C VAL A 75 1.96 1.59 -4.58
N LEU A 76 1.76 2.68 -3.89
CA LEU A 76 2.35 3.96 -4.34
C LEU A 76 3.56 4.29 -3.46
N ALA A 77 4.59 4.86 -4.03
CA ALA A 77 5.79 5.20 -3.21
C ALA A 77 5.52 6.49 -2.43
N SER A 78 5.69 6.45 -1.13
CA SER A 78 5.43 7.67 -0.31
C SER A 78 6.54 7.84 0.72
N PRO A 79 6.84 9.09 1.11
CA PRO A 79 7.88 9.38 2.09
C PRO A 79 7.46 8.97 3.52
N TYR A 80 6.33 8.33 3.65
CA TYR A 80 5.88 7.91 5.01
C TYR A 80 6.89 6.91 5.59
N ASP A 81 6.67 6.46 6.80
CA ASP A 81 7.63 5.49 7.41
C ASP A 81 6.89 4.17 7.70
N TYR A 82 5.76 3.97 7.08
CA TYR A 82 5.00 2.70 7.32
C TYR A 82 4.32 2.26 6.03
N ILE A 83 3.23 1.54 6.13
CA ILE A 83 2.53 1.08 4.90
C ILE A 83 1.02 1.34 5.05
N LEU A 84 0.36 1.62 3.96
CA LEU A 84 -1.11 1.87 4.03
C LEU A 84 -1.83 0.74 3.32
N LEU A 85 -2.87 0.20 3.91
CA LEU A 85 -3.59 -0.92 3.25
C LEU A 85 -4.87 -0.38 2.60
N ASN A 86 -5.12 -0.77 1.38
CA ASN A 86 -6.33 -0.31 0.67
C ASN A 86 -7.50 -1.23 1.04
N PRO A 87 -8.68 -0.65 1.32
CA PRO A 87 -9.88 -1.43 1.69
C PRO A 87 -10.33 -2.34 0.54
N SER A 88 -10.01 -2.00 -0.67
CA SER A 88 -10.41 -2.85 -1.82
C SER A 88 -9.44 -4.02 -1.95
N ASP A 89 -8.21 -3.83 -1.54
CA ASP A 89 -7.21 -4.92 -1.64
C ASP A 89 -7.44 -5.92 -0.50
N VAL A 90 -7.96 -5.46 0.60
CA VAL A 90 -8.20 -6.39 1.75
C VAL A 90 -9.70 -6.47 2.03
N PRO A 91 -10.44 -7.18 1.15
CA PRO A 91 -11.89 -7.35 1.29
C PRO A 91 -12.25 -8.25 2.47
N TRP A 92 -11.35 -9.09 2.88
CA TRP A 92 -11.64 -9.99 4.03
C TRP A 92 -11.63 -9.20 5.32
N LEU A 93 -10.85 -8.14 5.38
CA LEU A 93 -10.80 -7.32 6.61
C LEU A 93 -12.17 -6.74 6.90
N MET A 94 -12.92 -6.42 5.88
CA MET A 94 -14.29 -5.85 6.09
C MET A 94 -15.34 -6.89 5.74
N LYS A 95 -16.50 -6.80 6.32
CA LYS A 95 -17.57 -7.78 6.02
C LYS A 95 -18.38 -7.31 4.81
N LYS A 96 -18.75 -8.21 3.93
CA LYS A 96 -19.52 -7.80 2.73
C LYS A 96 -20.81 -8.64 2.65
N PRO A 97 -21.82 -8.26 3.44
CA PRO A 97 -23.11 -8.97 3.48
C PRO A 97 -23.91 -8.75 2.18
N LEU A 98 -24.64 -9.75 1.75
CA LEU A 98 -25.43 -9.60 0.50
C LEU A 98 -24.47 -9.35 -0.68
N GLN A 8 -2.62 -1.69 17.57
CA GLN A 8 -3.23 -0.65 16.70
C GLN A 8 -2.88 -0.92 15.24
N PRO A 9 -1.57 -0.87 14.92
CA PRO A 9 -1.09 -1.11 13.55
C PRO A 9 -1.24 -2.58 13.14
N LEU A 10 -1.38 -2.83 11.86
CA LEU A 10 -1.54 -4.24 11.40
C LEU A 10 -0.18 -4.81 11.01
N GLU A 11 -0.03 -6.11 11.09
CA GLU A 11 1.29 -6.72 10.73
C GLU A 11 1.31 -7.02 9.23
N ALA A 12 2.44 -6.79 8.59
CA ALA A 12 2.52 -7.07 7.13
C ALA A 12 3.95 -7.52 6.78
N GLU A 13 4.11 -8.25 5.72
CA GLU A 13 5.47 -8.72 5.33
C GLU A 13 5.72 -8.37 3.86
N ILE A 14 6.59 -7.43 3.60
CA ILE A 14 6.88 -7.05 2.19
C ILE A 14 8.23 -7.62 1.76
N LYS A 15 8.28 -8.30 0.66
CA LYS A 15 9.58 -8.88 0.20
C LYS A 15 10.09 -9.88 1.23
N GLY A 16 9.23 -10.33 2.11
CA GLY A 16 9.68 -11.31 3.14
C GLY A 16 10.10 -10.56 4.40
N THR A 17 10.22 -9.26 4.32
CA THR A 17 10.63 -8.48 5.53
C THR A 17 9.38 -8.15 6.35
N LYS A 18 9.49 -8.22 7.65
CA LYS A 18 8.31 -7.92 8.51
C LYS A 18 8.15 -6.40 8.62
N LEU A 19 7.05 -5.88 8.14
CA LEU A 19 6.84 -4.41 8.21
C LEU A 19 5.45 -4.12 8.81
N LYS A 20 5.31 -3.03 9.52
CA LYS A 20 4.00 -2.71 10.12
C LYS A 20 3.10 -2.03 9.07
N ALA A 21 1.81 -2.07 9.26
CA ALA A 21 0.89 -1.43 8.27
C ALA A 21 -0.31 -0.85 9.01
N HIS A 22 -1.00 0.08 8.39
CA HIS A 22 -2.19 0.69 9.06
C HIS A 22 -3.40 0.62 8.11
N TRP A 23 -4.51 0.13 8.59
CA TRP A 23 -5.71 0.03 7.71
C TRP A 23 -6.33 1.42 7.55
N ASP A 24 -6.52 1.85 6.32
CA ASP A 24 -7.12 3.19 6.09
C ASP A 24 -8.22 3.08 5.04
N SER A 25 -9.45 2.96 5.46
CA SER A 25 -10.57 2.84 4.49
C SER A 25 -10.56 4.05 3.54
N GLY A 26 -10.14 5.18 4.02
CA GLY A 26 -10.11 6.40 3.16
C GLY A 26 -9.16 6.16 1.98
N ALA A 27 -8.17 5.32 2.14
CA ALA A 27 -7.23 5.05 1.02
C ALA A 27 -7.87 4.06 0.04
N THR A 28 -7.69 4.29 -1.23
CA THR A 28 -8.28 3.36 -2.24
C THR A 28 -7.17 2.45 -2.81
N ILE A 29 -5.95 2.67 -2.42
CA ILE A 29 -4.84 1.83 -2.94
C ILE A 29 -3.81 1.61 -1.83
N THR A 30 -3.14 0.49 -1.85
CA THR A 30 -2.12 0.22 -0.80
C THR A 30 -1.01 1.28 -0.87
N CYS A 31 -0.54 1.74 0.26
CA CYS A 31 0.54 2.77 0.26
C CYS A 31 1.74 2.27 1.06
N VAL A 32 2.92 2.53 0.58
CA VAL A 32 4.14 2.05 1.32
C VAL A 32 5.22 3.13 1.25
N PRO A 33 6.27 3.02 2.09
CA PRO A 33 7.37 3.99 2.11
C PRO A 33 8.34 3.75 0.95
N GLU A 34 8.63 4.79 0.20
CA GLU A 34 9.56 4.63 -0.95
C GLU A 34 10.74 3.74 -0.54
N ALA A 35 11.09 3.73 0.71
CA ALA A 35 12.23 2.89 1.17
C ALA A 35 12.01 1.45 0.71
N PHE A 36 10.77 1.02 0.62
CA PHE A 36 10.51 -0.37 0.18
C PHE A 36 10.39 -0.43 -1.34
N LEU A 37 10.32 0.71 -1.98
CA LEU A 37 10.20 0.73 -3.47
C LEU A 37 11.53 1.16 -4.09
N GLU A 38 12.52 1.42 -3.28
CA GLU A 38 13.84 1.84 -3.84
C GLU A 38 14.28 0.84 -4.91
N ASP A 39 13.82 -0.38 -4.82
CA ASP A 39 14.20 -1.41 -5.82
C ASP A 39 12.94 -1.95 -6.50
N GLU A 40 11.89 -1.18 -6.50
CA GLU A 40 10.62 -1.65 -7.14
C GLU A 40 10.51 -1.06 -8.54
N ARG A 41 9.75 -1.69 -9.40
CA ARG A 41 9.59 -1.17 -10.79
C ARG A 41 8.11 -0.83 -11.02
N PRO A 42 7.84 0.39 -11.51
CA PRO A 42 6.47 0.84 -11.79
C PRO A 42 5.88 0.15 -13.02
N ILE A 43 4.75 -0.48 -12.88
CA ILE A 43 4.13 -1.16 -14.04
C ILE A 43 3.36 -0.14 -14.87
N GLN A 44 2.87 0.89 -14.25
CA GLN A 44 2.11 1.93 -15.01
C GLN A 44 2.33 3.31 -14.36
N THR A 45 1.78 4.34 -14.92
CA THR A 45 1.97 5.69 -14.34
C THR A 45 0.62 6.27 -13.90
N MET A 46 0.61 7.08 -12.88
CA MET A 46 -0.68 7.68 -12.42
C MET A 46 -0.51 9.18 -12.26
N LEU A 47 -1.56 9.93 -12.47
CA LEU A 47 -1.47 11.42 -12.34
C LEU A 47 -2.07 11.84 -11.00
N ILE A 48 -1.34 12.62 -10.24
CA ILE A 48 -1.86 13.06 -8.91
C ILE A 48 -2.13 14.57 -8.96
N LYS A 49 -3.23 15.00 -8.39
CA LYS A 49 -3.56 16.45 -8.41
C LYS A 49 -3.70 16.96 -6.97
N THR A 50 -3.08 18.06 -6.64
CA THR A 50 -3.18 18.59 -5.26
C THR A 50 -3.63 20.06 -5.32
N ILE A 51 -4.23 20.55 -4.26
CA ILE A 51 -4.69 21.96 -4.26
C ILE A 51 -3.49 22.89 -4.52
N HIS A 52 -2.34 22.54 -3.99
CA HIS A 52 -1.14 23.41 -4.20
C HIS A 52 -0.73 23.33 -5.68
N GLY A 53 -0.67 22.15 -6.23
CA GLY A 53 -0.27 22.01 -7.66
C GLY A 53 -0.60 20.60 -8.14
N GLU A 54 -0.10 20.22 -9.29
CA GLU A 54 -0.38 18.86 -9.82
C GLU A 54 0.91 18.03 -9.82
N LYS A 55 0.87 16.85 -9.28
CA LYS A 55 2.09 15.99 -9.26
C LYS A 55 1.76 14.64 -9.90
N GLN A 56 2.71 14.04 -10.55
CA GLN A 56 2.45 12.72 -11.20
C GLN A 56 3.40 11.67 -10.63
N GLN A 57 2.87 10.53 -10.27
CA GLN A 57 3.73 9.46 -9.70
C GLN A 57 3.47 8.15 -10.46
N ASP A 58 4.38 7.21 -10.36
CA ASP A 58 4.19 5.93 -11.08
C ASP A 58 3.63 4.87 -10.11
N VAL A 59 2.74 4.05 -10.58
CA VAL A 59 2.16 3.00 -9.70
C VAL A 59 3.13 1.82 -9.59
N TYR A 60 3.02 1.04 -8.57
CA TYR A 60 3.94 -0.12 -8.41
C TYR A 60 3.18 -1.34 -7.91
N TYR A 61 3.25 -2.43 -8.63
CA TYR A 61 2.55 -3.67 -8.19
C TYR A 61 3.47 -4.43 -7.24
N LEU A 62 3.15 -4.48 -5.98
CA LEU A 62 4.03 -5.19 -5.01
C LEU A 62 3.32 -6.39 -4.41
N THR A 63 4.06 -7.30 -3.84
CA THR A 63 3.45 -8.51 -3.22
C THR A 63 3.85 -8.55 -1.75
N PHE A 64 2.90 -8.61 -0.86
CA PHE A 64 3.24 -8.64 0.59
C PHE A 64 2.24 -9.50 1.34
N LYS A 65 2.59 -9.95 2.52
CA LYS A 65 1.65 -10.80 3.31
C LYS A 65 0.80 -9.89 4.21
N VAL A 66 -0.50 -10.03 4.14
CA VAL A 66 -1.37 -9.17 4.98
C VAL A 66 -1.93 -9.99 6.14
N GLN A 67 -1.39 -9.81 7.31
CA GLN A 67 -1.88 -10.59 8.49
C GLN A 67 -1.65 -12.08 8.25
N GLY A 68 -0.57 -12.42 7.59
CA GLY A 68 -0.28 -13.85 7.32
C GLY A 68 -1.04 -14.30 6.08
N ARG A 69 -1.26 -13.41 5.15
CA ARG A 69 -1.98 -13.78 3.91
C ARG A 69 -1.27 -13.19 2.70
N LYS A 70 -0.84 -14.00 1.79
CA LYS A 70 -0.13 -13.48 0.58
C LYS A 70 -1.12 -12.68 -0.29
N VAL A 71 -0.85 -11.43 -0.51
CA VAL A 71 -1.77 -10.60 -1.34
C VAL A 71 -0.95 -9.65 -2.21
N GLU A 72 -1.25 -9.59 -3.48
CA GLU A 72 -0.49 -8.67 -4.38
C GLU A 72 -1.42 -7.60 -4.94
N ALA A 73 -0.97 -6.37 -4.96
CA ALA A 73 -1.82 -5.28 -5.49
C ALA A 73 -0.95 -4.08 -5.87
N GLU A 74 -1.56 -3.01 -6.32
CA GLU A 74 -0.77 -1.81 -6.70
C GLU A 74 -0.41 -1.04 -5.43
N VAL A 75 0.68 -0.31 -5.45
CA VAL A 75 1.09 0.46 -4.24
C VAL A 75 1.69 1.80 -4.65
N LEU A 76 1.67 2.75 -3.77
CA LEU A 76 2.27 4.08 -4.10
C LEU A 76 3.36 4.42 -3.09
N ALA A 77 4.38 5.12 -3.51
CA ALA A 77 5.48 5.47 -2.58
C ALA A 77 5.06 6.68 -1.73
N SER A 78 5.39 6.65 -0.46
CA SER A 78 5.01 7.80 0.42
C SER A 78 6.13 8.04 1.44
N PRO A 79 6.27 9.30 1.88
CA PRO A 79 7.30 9.67 2.85
C PRO A 79 6.98 9.14 4.26
N TYR A 80 5.90 8.41 4.39
CA TYR A 80 5.53 7.86 5.73
C TYR A 80 6.55 6.78 6.12
N ASP A 81 6.60 6.43 7.38
CA ASP A 81 7.57 5.38 7.82
C ASP A 81 6.82 4.07 8.08
N TYR A 82 5.65 3.93 7.53
CA TYR A 82 4.87 2.67 7.75
C TYR A 82 4.18 2.27 6.45
N ILE A 83 3.19 1.41 6.52
CA ILE A 83 2.48 0.98 5.28
C ILE A 83 0.98 1.23 5.40
N LEU A 84 0.31 1.43 4.31
CA LEU A 84 -1.16 1.68 4.36
C LEU A 84 -1.87 0.58 3.57
N LEU A 85 -2.79 -0.12 4.18
CA LEU A 85 -3.52 -1.20 3.46
C LEU A 85 -4.80 -0.64 2.84
N ASN A 86 -5.11 -1.08 1.65
CA ASN A 86 -6.34 -0.59 0.97
C ASN A 86 -7.52 -1.51 1.31
N PRO A 87 -8.67 -0.92 1.65
CA PRO A 87 -9.88 -1.68 2.00
C PRO A 87 -10.40 -2.51 0.83
N SER A 88 -10.19 -2.04 -0.37
CA SER A 88 -10.66 -2.82 -1.56
C SER A 88 -9.72 -4.01 -1.79
N ASP A 89 -8.47 -3.89 -1.41
CA ASP A 89 -7.53 -5.02 -1.61
C ASP A 89 -7.72 -6.04 -0.49
N VAL A 90 -8.07 -5.60 0.68
CA VAL A 90 -8.27 -6.55 1.81
C VAL A 90 -9.71 -6.45 2.30
N PRO A 91 -10.66 -7.04 1.55
CA PRO A 91 -12.08 -7.01 1.91
C PRO A 91 -12.38 -7.89 3.14
N TRP A 92 -11.53 -8.83 3.42
CA TRP A 92 -11.76 -9.71 4.60
C TRP A 92 -11.40 -8.95 5.88
N LEU A 93 -10.54 -7.97 5.78
CA LEU A 93 -10.15 -7.20 7.00
C LEU A 93 -11.35 -6.36 7.47
N MET A 94 -12.19 -5.96 6.55
CA MET A 94 -13.37 -5.13 6.94
C MET A 94 -14.15 -5.86 8.05
N LYS A 95 -14.22 -7.16 7.99
CA LYS A 95 -14.96 -7.92 9.04
C LYS A 95 -14.11 -9.08 9.53
N LYS A 96 -14.09 -9.32 10.82
CA LYS A 96 -13.27 -10.44 11.36
C LYS A 96 -14.19 -11.41 12.11
N PRO A 97 -13.71 -12.65 12.31
CA PRO A 97 -14.48 -13.69 13.02
C PRO A 97 -14.61 -13.38 14.51
N LEU A 98 -15.62 -13.91 15.15
CA LEU A 98 -15.81 -13.65 16.61
C LEU A 98 -16.07 -12.16 16.82
N GLN A 8 -2.29 -2.71 17.57
CA GLN A 8 -3.11 -1.68 16.89
C GLN A 8 -2.95 -1.78 15.38
N PRO A 9 -1.70 -1.62 14.90
CA PRO A 9 -1.39 -1.70 13.47
C PRO A 9 -1.50 -3.14 12.94
N LEU A 10 -1.58 -3.30 11.66
CA LEU A 10 -1.69 -4.67 11.10
C LEU A 10 -0.30 -5.20 10.73
N GLU A 11 -0.05 -6.47 10.96
CA GLU A 11 1.28 -7.03 10.64
C GLU A 11 1.33 -7.40 9.15
N ALA A 12 2.39 -7.04 8.47
CA ALA A 12 2.50 -7.38 7.03
C ALA A 12 3.95 -7.68 6.67
N GLU A 13 4.18 -8.52 5.70
CA GLU A 13 5.57 -8.85 5.30
C GLU A 13 5.83 -8.37 3.87
N ILE A 14 6.81 -7.51 3.70
CA ILE A 14 7.10 -7.00 2.34
C ILE A 14 8.46 -7.55 1.88
N LYS A 15 8.49 -8.18 0.73
CA LYS A 15 9.77 -8.75 0.23
C LYS A 15 10.37 -9.67 1.29
N GLY A 16 9.56 -10.21 2.15
CA GLY A 16 10.09 -11.12 3.21
C GLY A 16 10.44 -10.31 4.45
N THR A 17 10.15 -9.03 4.44
CA THR A 17 10.47 -8.20 5.63
C THR A 17 9.19 -7.91 6.42
N LYS A 18 9.19 -8.21 7.69
CA LYS A 18 7.97 -7.95 8.50
C LYS A 18 7.93 -6.49 8.93
N LEU A 19 6.82 -5.82 8.71
CA LEU A 19 6.72 -4.39 9.09
C LEU A 19 5.32 -4.12 9.65
N LYS A 20 5.14 -2.97 10.27
CA LYS A 20 3.80 -2.64 10.84
C LYS A 20 2.94 -1.97 9.75
N ALA A 21 1.65 -2.16 9.80
CA ALA A 21 0.77 -1.53 8.78
C ALA A 21 -0.46 -0.94 9.47
N HIS A 22 -1.17 -0.08 8.79
CA HIS A 22 -2.38 0.54 9.41
C HIS A 22 -3.56 0.42 8.44
N TRP A 23 -4.68 -0.08 8.92
CA TRP A 23 -5.86 -0.21 8.03
C TRP A 23 -6.52 1.16 7.84
N ASP A 24 -6.74 1.56 6.62
CA ASP A 24 -7.38 2.88 6.37
C ASP A 24 -8.42 2.75 5.26
N SER A 25 -9.69 2.80 5.61
CA SER A 25 -10.75 2.67 4.58
C SER A 25 -10.68 3.89 3.64
N GLY A 26 -10.31 5.02 4.14
CA GLY A 26 -10.23 6.24 3.28
C GLY A 26 -9.17 6.01 2.19
N ALA A 27 -8.33 5.03 2.36
CA ALA A 27 -7.29 4.77 1.34
C ALA A 27 -7.86 3.88 0.23
N THR A 28 -7.68 4.27 -1.00
CA THR A 28 -8.23 3.45 -2.12
C THR A 28 -7.14 2.50 -2.64
N ILE A 29 -5.89 2.85 -2.43
CA ILE A 29 -4.79 1.97 -2.92
C ILE A 29 -3.76 1.77 -1.80
N THR A 30 -3.20 0.60 -1.69
CA THR A 30 -2.20 0.34 -0.62
C THR A 30 -1.03 1.33 -0.77
N CYS A 31 -0.58 1.88 0.32
CA CYS A 31 0.56 2.85 0.24
C CYS A 31 1.69 2.37 1.18
N VAL A 32 2.90 2.49 0.75
CA VAL A 32 4.05 2.04 1.59
C VAL A 32 5.18 3.09 1.52
N PRO A 33 6.22 2.93 2.34
CA PRO A 33 7.35 3.86 2.36
C PRO A 33 8.33 3.59 1.21
N GLU A 34 8.72 4.60 0.50
CA GLU A 34 9.67 4.40 -0.63
C GLU A 34 10.80 3.47 -0.20
N ALA A 35 11.08 3.40 1.08
CA ALA A 35 12.16 2.50 1.56
C ALA A 35 11.98 1.11 0.95
N PHE A 36 10.75 0.69 0.75
CA PHE A 36 10.51 -0.65 0.17
C PHE A 36 10.45 -0.55 -1.35
N LEU A 37 10.41 0.64 -1.87
CA LEU A 37 10.36 0.80 -3.35
C LEU A 37 11.77 0.88 -3.94
N GLU A 38 12.76 0.40 -3.21
CA GLU A 38 14.15 0.44 -3.74
C GLU A 38 14.14 0.03 -5.21
N ASP A 39 13.65 -1.14 -5.49
CA ASP A 39 13.59 -1.61 -6.90
C ASP A 39 12.17 -1.36 -7.43
N GLU A 40 11.59 -0.26 -7.02
CA GLU A 40 10.20 0.07 -7.45
C GLU A 40 10.00 -0.32 -8.91
N ARG A 41 8.91 -0.99 -9.20
CA ARG A 41 8.62 -1.40 -10.60
C ARG A 41 7.21 -0.94 -10.97
N PRO A 42 7.09 0.32 -11.41
CA PRO A 42 5.79 0.91 -11.78
C PRO A 42 5.22 0.27 -13.05
N ILE A 43 4.10 -0.39 -12.94
CA ILE A 43 3.48 -1.02 -14.14
C ILE A 43 2.76 0.04 -14.96
N GLN A 44 2.31 1.09 -14.31
CA GLN A 44 1.59 2.17 -15.05
C GLN A 44 1.88 3.51 -14.38
N THR A 45 1.45 4.59 -14.98
CA THR A 45 1.71 5.93 -14.37
C THR A 45 0.38 6.67 -14.17
N MET A 46 0.30 7.51 -13.19
CA MET A 46 -0.96 8.25 -12.94
C MET A 46 -0.65 9.75 -12.80
N LEU A 47 -1.56 10.59 -13.19
CA LEU A 47 -1.32 12.06 -13.07
C LEU A 47 -2.10 12.62 -11.88
N ILE A 48 -1.45 13.29 -10.98
CA ILE A 48 -2.17 13.85 -9.80
C ILE A 48 -2.11 15.38 -9.85
N LYS A 49 -3.23 16.02 -9.70
CA LYS A 49 -3.26 17.52 -9.75
C LYS A 49 -3.46 18.07 -8.33
N THR A 50 -2.72 19.08 -7.98
CA THR A 50 -2.88 19.67 -6.61
C THR A 50 -3.12 21.17 -6.72
N ILE A 51 -4.00 21.71 -5.92
CA ILE A 51 -4.27 23.17 -5.99
C ILE A 51 -2.95 23.94 -6.00
N HIS A 52 -1.97 23.46 -5.28
CA HIS A 52 -0.65 24.17 -5.25
C HIS A 52 0.09 23.92 -6.56
N GLY A 53 -0.12 22.77 -7.17
CA GLY A 53 0.58 22.48 -8.46
C GLY A 53 0.16 21.10 -8.95
N GLU A 54 0.71 20.66 -10.05
CA GLU A 54 0.35 19.32 -10.58
C GLU A 54 1.46 18.32 -10.25
N LYS A 55 1.12 17.20 -9.66
CA LYS A 55 2.16 16.19 -9.32
C LYS A 55 1.83 14.87 -10.02
N GLN A 56 2.81 14.23 -10.60
CA GLN A 56 2.54 12.94 -11.29
C GLN A 56 3.03 11.78 -10.43
N GLN A 57 2.17 10.86 -10.12
CA GLN A 57 2.58 9.70 -9.28
C GLN A 57 2.42 8.41 -10.08
N ASP A 58 3.39 7.53 -10.01
CA ASP A 58 3.28 6.26 -10.79
C ASP A 58 2.74 5.16 -9.87
N VAL A 59 2.11 4.16 -10.45
CA VAL A 59 1.56 3.06 -9.63
C VAL A 59 2.55 1.88 -9.62
N TYR A 60 2.74 1.26 -8.49
CA TYR A 60 3.69 0.12 -8.43
C TYR A 60 2.96 -1.14 -7.94
N TYR A 61 3.38 -2.27 -8.40
CA TYR A 61 2.71 -3.55 -7.97
C TYR A 61 3.67 -4.30 -7.03
N LEU A 62 3.31 -4.43 -5.78
CA LEU A 62 4.21 -5.14 -4.84
C LEU A 62 3.51 -6.39 -4.29
N THR A 63 4.27 -7.33 -3.81
CA THR A 63 3.67 -8.57 -3.25
C THR A 63 4.08 -8.70 -1.77
N PHE A 64 3.13 -8.64 -0.87
CA PHE A 64 3.49 -8.73 0.57
C PHE A 64 2.48 -9.60 1.30
N LYS A 65 2.83 -10.09 2.46
CA LYS A 65 1.88 -10.94 3.23
C LYS A 65 1.06 -10.07 4.19
N VAL A 66 -0.24 -10.18 4.14
CA VAL A 66 -1.08 -9.35 5.04
C VAL A 66 -1.68 -10.23 6.14
N GLN A 67 -1.17 -10.12 7.34
CA GLN A 67 -1.70 -10.95 8.46
C GLN A 67 -1.43 -12.43 8.16
N GLY A 68 -0.31 -12.72 7.55
CA GLY A 68 0.00 -14.15 7.23
C GLY A 68 -0.78 -14.57 5.99
N ARG A 69 -0.99 -13.68 5.07
CA ARG A 69 -1.76 -14.03 3.85
C ARG A 69 -1.10 -13.37 2.63
N LYS A 70 -0.46 -14.14 1.79
CA LYS A 70 0.20 -13.56 0.59
C LYS A 70 -0.82 -12.75 -0.22
N VAL A 71 -0.56 -11.49 -0.43
CA VAL A 71 -1.51 -10.66 -1.21
C VAL A 71 -0.72 -9.69 -2.10
N GLU A 72 -1.05 -9.63 -3.36
CA GLU A 72 -0.31 -8.72 -4.28
C GLU A 72 -1.26 -7.63 -4.77
N ALA A 73 -0.81 -6.40 -4.80
CA ALA A 73 -1.67 -5.29 -5.27
C ALA A 73 -0.80 -4.09 -5.66
N GLU A 74 -1.40 -2.98 -5.97
CA GLU A 74 -0.61 -1.79 -6.35
C GLU A 74 -0.09 -1.11 -5.08
N VAL A 75 0.87 -0.24 -5.20
CA VAL A 75 1.40 0.44 -4.00
C VAL A 75 1.97 1.81 -4.37
N LEU A 76 1.83 2.77 -3.50
CA LEU A 76 2.36 4.13 -3.79
C LEU A 76 3.49 4.44 -2.80
N ALA A 77 4.52 5.12 -3.24
CA ALA A 77 5.64 5.43 -2.32
C ALA A 77 5.28 6.65 -1.47
N SER A 78 5.69 6.67 -0.23
CA SER A 78 5.37 7.82 0.65
C SER A 78 6.45 7.95 1.73
N PRO A 79 6.67 9.17 2.23
CA PRO A 79 7.68 9.44 3.26
C PRO A 79 7.26 8.88 4.63
N TYR A 80 6.14 8.22 4.70
CA TYR A 80 5.68 7.65 6.00
C TYR A 80 6.69 6.59 6.47
N ASP A 81 6.57 6.15 7.69
CA ASP A 81 7.52 5.12 8.20
C ASP A 81 6.77 3.82 8.45
N TYR A 82 5.65 3.63 7.81
CA TYR A 82 4.88 2.36 8.02
C TYR A 82 4.17 1.98 6.72
N ILE A 83 3.25 1.05 6.79
CA ILE A 83 2.53 0.64 5.56
C ILE A 83 1.05 1.02 5.66
N LEU A 84 0.41 1.24 4.54
CA LEU A 84 -1.04 1.61 4.57
C LEU A 84 -1.83 0.56 3.80
N LEU A 85 -2.82 -0.03 4.41
CA LEU A 85 -3.61 -1.07 3.69
C LEU A 85 -5.00 -0.51 3.35
N ASN A 86 -5.47 -0.79 2.16
CA ASN A 86 -6.82 -0.28 1.76
C ASN A 86 -7.85 -1.40 1.92
N PRO A 87 -9.13 -1.02 2.02
CA PRO A 87 -10.24 -1.98 2.17
C PRO A 87 -10.44 -2.78 0.88
N SER A 88 -10.05 -2.25 -0.24
CA SER A 88 -10.24 -2.98 -1.52
C SER A 88 -9.21 -4.11 -1.61
N ASP A 89 -8.03 -3.91 -1.07
CA ASP A 89 -7.00 -4.99 -1.12
C ASP A 89 -7.29 -6.01 -0.03
N VAL A 90 -7.71 -5.57 1.12
CA VAL A 90 -8.01 -6.53 2.23
C VAL A 90 -9.52 -6.62 2.44
N PRO A 91 -10.22 -7.24 1.46
CA PRO A 91 -11.69 -7.39 1.53
C PRO A 91 -12.10 -8.42 2.59
N TRP A 92 -11.24 -9.34 2.91
CA TRP A 92 -11.61 -10.36 3.93
C TRP A 92 -11.65 -9.71 5.31
N LEU A 93 -10.75 -8.80 5.58
CA LEU A 93 -10.74 -8.13 6.91
C LEU A 93 -12.13 -7.59 7.22
N MET A 94 -12.82 -7.08 6.24
CA MET A 94 -14.19 -6.53 6.48
C MET A 94 -15.09 -7.65 7.04
N LYS A 95 -14.86 -8.87 6.62
CA LYS A 95 -15.70 -9.98 7.12
C LYS A 95 -15.53 -10.12 8.64
N LYS A 96 -16.59 -10.39 9.35
CA LYS A 96 -16.48 -10.53 10.83
C LYS A 96 -17.00 -11.92 11.25
N PRO A 97 -16.15 -12.95 11.08
CA PRO A 97 -16.51 -14.32 11.44
C PRO A 97 -16.61 -14.51 12.96
N LEU A 98 -16.02 -13.62 13.70
CA LEU A 98 -16.08 -13.74 15.20
C LEU A 98 -15.37 -12.55 15.82
#